data_1NOG
# 
_entry.id   1NOG 
# 
_audit_conform.dict_name       mmcif_pdbx.dic 
_audit_conform.dict_version    5.386 
_audit_conform.dict_location   http://mmcif.pdb.org/dictionaries/ascii/mmcif_pdbx.dic 
# 
loop_
_database_2.database_id 
_database_2.database_code 
_database_2.pdbx_database_accession 
_database_2.pdbx_DOI 
PDB   1NOG         pdb_00001nog 10.2210/pdb1nog/pdb 
RCSB  RCSB018061   ?            ?                   
WWPDB D_1000018061 ?            ?                   
# 
loop_
_pdbx_audit_revision_history.ordinal 
_pdbx_audit_revision_history.data_content_type 
_pdbx_audit_revision_history.major_revision 
_pdbx_audit_revision_history.minor_revision 
_pdbx_audit_revision_history.revision_date 
1 'Structure model' 1 0 2003-07-29 
2 'Structure model' 1 1 2008-04-29 
3 'Structure model' 1 2 2011-07-13 
4 'Structure model' 1 3 2024-02-14 
# 
_pdbx_audit_revision_details.ordinal             1 
_pdbx_audit_revision_details.revision_ordinal    1 
_pdbx_audit_revision_details.data_content_type   'Structure model' 
_pdbx_audit_revision_details.provider            repository 
_pdbx_audit_revision_details.type                'Initial release' 
_pdbx_audit_revision_details.description         ? 
_pdbx_audit_revision_details.details             ? 
# 
loop_
_pdbx_audit_revision_group.ordinal 
_pdbx_audit_revision_group.revision_ordinal 
_pdbx_audit_revision_group.data_content_type 
_pdbx_audit_revision_group.group 
1 2 'Structure model' 'Version format compliance' 
2 3 'Structure model' 'Derived calculations'      
3 3 'Structure model' 'Version format compliance' 
4 4 'Structure model' 'Data collection'           
5 4 'Structure model' 'Database references'       
# 
loop_
_pdbx_audit_revision_category.ordinal 
_pdbx_audit_revision_category.revision_ordinal 
_pdbx_audit_revision_category.data_content_type 
_pdbx_audit_revision_category.category 
1 4 'Structure model' chem_comp_atom 
2 4 'Structure model' chem_comp_bond 
3 4 'Structure model' database_2     
# 
loop_
_pdbx_audit_revision_item.ordinal 
_pdbx_audit_revision_item.revision_ordinal 
_pdbx_audit_revision_item.data_content_type 
_pdbx_audit_revision_item.item 
1 4 'Structure model' '_database_2.pdbx_DOI'                
2 4 'Structure model' '_database_2.pdbx_database_accession' 
# 
_pdbx_database_status.status_code                     REL 
_pdbx_database_status.entry_id                        1NOG 
_pdbx_database_status.recvd_initial_deposition_date   2003-01-16 
_pdbx_database_status.deposit_site                    RCSB 
_pdbx_database_status.process_site                    RCSB 
_pdbx_database_status.SG_entry                        Y 
_pdbx_database_status.status_code_sf                  ? 
_pdbx_database_status.status_code_mr                  ? 
_pdbx_database_status.pdb_format_compatible           Y 
_pdbx_database_status.status_code_cs                  ? 
_pdbx_database_status.status_code_nmr_data            ? 
_pdbx_database_status.methods_development_category    ? 
# 
_pdbx_database_related.db_name        TargetDB 
_pdbx_database_related.db_id          APC20011 
_pdbx_database_related.details        . 
_pdbx_database_related.content_type   unspecified 
# 
loop_
_audit_author.name 
_audit_author.pdbx_ordinal 
'Saridakis, V.'                                 1  
'Sanishvili, R.'                                2  
'Iakounine, A.'                                 3  
'Xu, X.'                                        4  
'Pennycooke, M.'                                5  
'Gu, J.'                                        6  
'Joachimiak, A.'                                7  
'Arrowsmith, C.H.'                              8  
'Edwards, A.M.'                                 9  
'Christendat, D.'                               10 
'Midwest Center for Structural Genomics (MCSG)' 11 
# 
_citation.id                        primary 
_citation.title                     
'The structural basis for methylmalonic aciduria. The crystal structure of archaeal ATP:cobalamin adenosyltransferase.' 
_citation.journal_abbrev            J.Biol.Chem. 
_citation.journal_volume            279 
_citation.page_first                23646 
_citation.page_last                 23653 
_citation.year                      2004 
_citation.journal_id_ASTM           JBCHA3 
_citation.country                   US 
_citation.journal_id_ISSN           0021-9258 
_citation.journal_id_CSD            0071 
_citation.book_publisher            ? 
_citation.pdbx_database_id_PubMed   15044458 
_citation.pdbx_database_id_DOI      10.1074/jbc.M401395200 
# 
loop_
_citation_author.citation_id 
_citation_author.name 
_citation_author.ordinal 
_citation_author.identifier_ORCID 
primary 'Saridakis, V.'    1  ? 
primary 'Yakunin, A.'      2  ? 
primary 'Xu, X.'           3  ? 
primary 'Anandakumar, P.'  4  ? 
primary 'Pennycooke, M.'   5  ? 
primary 'Gu, J.'           6  ? 
primary 'Cheung, F.'       7  ? 
primary 'Lew, J.M.'        8  ? 
primary 'Sanishvili, R.'   9  ? 
primary 'Joachimiak, A.'   10 ? 
primary 'Arrowsmith, C.H.' 11 ? 
primary 'Christendat, D.'  12 ? 
primary 'Edwards, A.M.'    13 ? 
# 
loop_
_entity.id 
_entity.type 
_entity.src_method 
_entity.pdbx_description 
_entity.formula_weight 
_entity.pdbx_number_of_molecules 
_entity.pdbx_ec 
_entity.pdbx_mutation 
_entity.pdbx_fragment 
_entity.details 
1 polymer man 'conserved hypothetical protein TA0546' 20029.074 1   ? ? ? ? 
2 water   nat water                                   18.015    170 ? ? ? ? 
# 
_entity_poly.entity_id                      1 
_entity_poly.type                           'polypeptide(L)' 
_entity_poly.nstd_linkage                   no 
_entity_poly.nstd_monomer                   no 
_entity_poly.pdbx_seq_one_letter_code       
;MFTRRGDQGETDLANRARVGKDSPVVEVQGTIDELNSFIGYALVLSRWDDIRNDLFRIQNDLFVLGEDVSTGGKGRTVTR
EMIDYLEARVKEMKAEIGKIELFVVPGGSVESASLHMARAVSRRLERRIVAASKLTEINKNVLIYANRLSSILFMHALIS
NKRLNIPEKIWSIHRVS
;
_entity_poly.pdbx_seq_one_letter_code_can   
;MFTRRGDQGETDLANRARVGKDSPVVEVQGTIDELNSFIGYALVLSRWDDIRNDLFRIQNDLFVLGEDVSTGGKGRTVTR
EMIDYLEARVKEMKAEIGKIELFVVPGGSVESASLHMARAVSRRLERRIVAASKLTEINKNVLIYANRLSSILFMHALIS
NKRLNIPEKIWSIHRVS
;
_entity_poly.pdbx_strand_id                 A 
_entity_poly.pdbx_target_identifier         APC20011 
# 
_pdbx_entity_nonpoly.entity_id   2 
_pdbx_entity_nonpoly.name        water 
_pdbx_entity_nonpoly.comp_id     HOH 
# 
loop_
_entity_poly_seq.entity_id 
_entity_poly_seq.num 
_entity_poly_seq.mon_id 
_entity_poly_seq.hetero 
1 1   MET n 
1 2   PHE n 
1 3   THR n 
1 4   ARG n 
1 5   ARG n 
1 6   GLY n 
1 7   ASP n 
1 8   GLN n 
1 9   GLY n 
1 10  GLU n 
1 11  THR n 
1 12  ASP n 
1 13  LEU n 
1 14  ALA n 
1 15  ASN n 
1 16  ARG n 
1 17  ALA n 
1 18  ARG n 
1 19  VAL n 
1 20  GLY n 
1 21  LYS n 
1 22  ASP n 
1 23  SER n 
1 24  PRO n 
1 25  VAL n 
1 26  VAL n 
1 27  GLU n 
1 28  VAL n 
1 29  GLN n 
1 30  GLY n 
1 31  THR n 
1 32  ILE n 
1 33  ASP n 
1 34  GLU n 
1 35  LEU n 
1 36  ASN n 
1 37  SER n 
1 38  PHE n 
1 39  ILE n 
1 40  GLY n 
1 41  TYR n 
1 42  ALA n 
1 43  LEU n 
1 44  VAL n 
1 45  LEU n 
1 46  SER n 
1 47  ARG n 
1 48  TRP n 
1 49  ASP n 
1 50  ASP n 
1 51  ILE n 
1 52  ARG n 
1 53  ASN n 
1 54  ASP n 
1 55  LEU n 
1 56  PHE n 
1 57  ARG n 
1 58  ILE n 
1 59  GLN n 
1 60  ASN n 
1 61  ASP n 
1 62  LEU n 
1 63  PHE n 
1 64  VAL n 
1 65  LEU n 
1 66  GLY n 
1 67  GLU n 
1 68  ASP n 
1 69  VAL n 
1 70  SER n 
1 71  THR n 
1 72  GLY n 
1 73  GLY n 
1 74  LYS n 
1 75  GLY n 
1 76  ARG n 
1 77  THR n 
1 78  VAL n 
1 79  THR n 
1 80  ARG n 
1 81  GLU n 
1 82  MET n 
1 83  ILE n 
1 84  ASP n 
1 85  TYR n 
1 86  LEU n 
1 87  GLU n 
1 88  ALA n 
1 89  ARG n 
1 90  VAL n 
1 91  LYS n 
1 92  GLU n 
1 93  MET n 
1 94  LYS n 
1 95  ALA n 
1 96  GLU n 
1 97  ILE n 
1 98  GLY n 
1 99  LYS n 
1 100 ILE n 
1 101 GLU n 
1 102 LEU n 
1 103 PHE n 
1 104 VAL n 
1 105 VAL n 
1 106 PRO n 
1 107 GLY n 
1 108 GLY n 
1 109 SER n 
1 110 VAL n 
1 111 GLU n 
1 112 SER n 
1 113 ALA n 
1 114 SER n 
1 115 LEU n 
1 116 HIS n 
1 117 MET n 
1 118 ALA n 
1 119 ARG n 
1 120 ALA n 
1 121 VAL n 
1 122 SER n 
1 123 ARG n 
1 124 ARG n 
1 125 LEU n 
1 126 GLU n 
1 127 ARG n 
1 128 ARG n 
1 129 ILE n 
1 130 VAL n 
1 131 ALA n 
1 132 ALA n 
1 133 SER n 
1 134 LYS n 
1 135 LEU n 
1 136 THR n 
1 137 GLU n 
1 138 ILE n 
1 139 ASN n 
1 140 LYS n 
1 141 ASN n 
1 142 VAL n 
1 143 LEU n 
1 144 ILE n 
1 145 TYR n 
1 146 ALA n 
1 147 ASN n 
1 148 ARG n 
1 149 LEU n 
1 150 SER n 
1 151 SER n 
1 152 ILE n 
1 153 LEU n 
1 154 PHE n 
1 155 MET n 
1 156 HIS n 
1 157 ALA n 
1 158 LEU n 
1 159 ILE n 
1 160 SER n 
1 161 ASN n 
1 162 LYS n 
1 163 ARG n 
1 164 LEU n 
1 165 ASN n 
1 166 ILE n 
1 167 PRO n 
1 168 GLU n 
1 169 LYS n 
1 170 ILE n 
1 171 TRP n 
1 172 SER n 
1 173 ILE n 
1 174 HIS n 
1 175 ARG n 
1 176 VAL n 
1 177 SER n 
# 
_entity_src_gen.entity_id                          1 
_entity_src_gen.pdbx_src_id                        1 
_entity_src_gen.pdbx_alt_source_flag               sample 
_entity_src_gen.pdbx_seq_type                      ? 
_entity_src_gen.pdbx_beg_seq_num                   ? 
_entity_src_gen.pdbx_end_seq_num                   ? 
_entity_src_gen.gene_src_common_name               ? 
_entity_src_gen.gene_src_genus                     Thermoplasma 
_entity_src_gen.pdbx_gene_src_gene                 TA1434 
_entity_src_gen.gene_src_species                   ? 
_entity_src_gen.gene_src_strain                    ? 
_entity_src_gen.gene_src_tissue                    ? 
_entity_src_gen.gene_src_tissue_fraction           ? 
_entity_src_gen.gene_src_details                   ? 
_entity_src_gen.pdbx_gene_src_fragment             ? 
_entity_src_gen.pdbx_gene_src_scientific_name      'Thermoplasma acidophilum' 
_entity_src_gen.pdbx_gene_src_ncbi_taxonomy_id     2303 
_entity_src_gen.pdbx_gene_src_variant              ? 
_entity_src_gen.pdbx_gene_src_cell_line            ? 
_entity_src_gen.pdbx_gene_src_atcc                 ? 
_entity_src_gen.pdbx_gene_src_organ                ? 
_entity_src_gen.pdbx_gene_src_organelle            ? 
_entity_src_gen.pdbx_gene_src_cell                 ? 
_entity_src_gen.pdbx_gene_src_cellular_location    ? 
_entity_src_gen.host_org_common_name               ? 
_entity_src_gen.pdbx_host_org_scientific_name      'Escherichia coli BL21(DE3)' 
_entity_src_gen.pdbx_host_org_ncbi_taxonomy_id     469008 
_entity_src_gen.host_org_genus                     Escherichia 
_entity_src_gen.pdbx_host_org_gene                 ? 
_entity_src_gen.pdbx_host_org_organ                ? 
_entity_src_gen.host_org_species                   'Escherichia coli' 
_entity_src_gen.pdbx_host_org_tissue               ? 
_entity_src_gen.pdbx_host_org_tissue_fraction      ? 
_entity_src_gen.pdbx_host_org_strain               'BL21 (DE3)' 
_entity_src_gen.pdbx_host_org_variant              ? 
_entity_src_gen.pdbx_host_org_cell_line            ? 
_entity_src_gen.pdbx_host_org_atcc                 ? 
_entity_src_gen.pdbx_host_org_culture_collection   ? 
_entity_src_gen.pdbx_host_org_cell                 ? 
_entity_src_gen.pdbx_host_org_organelle            ? 
_entity_src_gen.pdbx_host_org_cellular_location    ? 
_entity_src_gen.pdbx_host_org_vector_type          plasmid 
_entity_src_gen.pdbx_host_org_vector               ? 
_entity_src_gen.host_org_details                   ? 
_entity_src_gen.expression_system_id               ? 
_entity_src_gen.plasmid_name                       pET15b 
_entity_src_gen.plasmid_details                    ? 
_entity_src_gen.pdbx_description                   ? 
# 
loop_
_chem_comp.id 
_chem_comp.type 
_chem_comp.mon_nstd_flag 
_chem_comp.name 
_chem_comp.pdbx_synonyms 
_chem_comp.formula 
_chem_comp.formula_weight 
ALA 'L-peptide linking' y ALANINE         ? 'C3 H7 N O2'     89.093  
ARG 'L-peptide linking' y ARGININE        ? 'C6 H15 N4 O2 1' 175.209 
ASN 'L-peptide linking' y ASPARAGINE      ? 'C4 H8 N2 O3'    132.118 
ASP 'L-peptide linking' y 'ASPARTIC ACID' ? 'C4 H7 N O4'     133.103 
GLN 'L-peptide linking' y GLUTAMINE       ? 'C5 H10 N2 O3'   146.144 
GLU 'L-peptide linking' y 'GLUTAMIC ACID' ? 'C5 H9 N O4'     147.129 
GLY 'peptide linking'   y GLYCINE         ? 'C2 H5 N O2'     75.067  
HIS 'L-peptide linking' y HISTIDINE       ? 'C6 H10 N3 O2 1' 156.162 
HOH non-polymer         . WATER           ? 'H2 O'           18.015  
ILE 'L-peptide linking' y ISOLEUCINE      ? 'C6 H13 N O2'    131.173 
LEU 'L-peptide linking' y LEUCINE         ? 'C6 H13 N O2'    131.173 
LYS 'L-peptide linking' y LYSINE          ? 'C6 H15 N2 O2 1' 147.195 
MET 'L-peptide linking' y METHIONINE      ? 'C5 H11 N O2 S'  149.211 
PHE 'L-peptide linking' y PHENYLALANINE   ? 'C9 H11 N O2'    165.189 
PRO 'L-peptide linking' y PROLINE         ? 'C5 H9 N O2'     115.130 
SER 'L-peptide linking' y SERINE          ? 'C3 H7 N O3'     105.093 
THR 'L-peptide linking' y THREONINE       ? 'C4 H9 N O3'     119.119 
TRP 'L-peptide linking' y TRYPTOPHAN      ? 'C11 H12 N2 O2'  204.225 
TYR 'L-peptide linking' y TYROSINE        ? 'C9 H11 N O3'    181.189 
VAL 'L-peptide linking' y VALINE          ? 'C5 H11 N O2'    117.146 
# 
loop_
_pdbx_poly_seq_scheme.asym_id 
_pdbx_poly_seq_scheme.entity_id 
_pdbx_poly_seq_scheme.seq_id 
_pdbx_poly_seq_scheme.mon_id 
_pdbx_poly_seq_scheme.ndb_seq_num 
_pdbx_poly_seq_scheme.pdb_seq_num 
_pdbx_poly_seq_scheme.auth_seq_num 
_pdbx_poly_seq_scheme.pdb_mon_id 
_pdbx_poly_seq_scheme.auth_mon_id 
_pdbx_poly_seq_scheme.pdb_strand_id 
_pdbx_poly_seq_scheme.pdb_ins_code 
_pdbx_poly_seq_scheme.hetero 
A 1 1   MET 1   1   ?   ?   ?   A . n 
A 1 2   PHE 2   2   ?   ?   ?   A . n 
A 1 3   THR 3   3   ?   ?   ?   A . n 
A 1 4   ARG 4   4   ?   ?   ?   A . n 
A 1 5   ARG 5   5   ?   ?   ?   A . n 
A 1 6   GLY 6   6   ?   ?   ?   A . n 
A 1 7   ASP 7   7   ?   ?   ?   A . n 
A 1 8   GLN 8   8   ?   ?   ?   A . n 
A 1 9   GLY 9   9   ?   ?   ?   A . n 
A 1 10  GLU 10  10  ?   ?   ?   A . n 
A 1 11  THR 11  11  ?   ?   ?   A . n 
A 1 12  ASP 12  12  ?   ?   ?   A . n 
A 1 13  LEU 13  13  ?   ?   ?   A . n 
A 1 14  ALA 14  14  ?   ?   ?   A . n 
A 1 15  ASN 15  15  ?   ?   ?   A . n 
A 1 16  ARG 16  16  ?   ?   ?   A . n 
A 1 17  ALA 17  17  ?   ?   ?   A . n 
A 1 18  ARG 18  18  ?   ?   ?   A . n 
A 1 19  VAL 19  19  ?   ?   ?   A . n 
A 1 20  GLY 20  20  ?   ?   ?   A . n 
A 1 21  LYS 21  21  ?   ?   ?   A . n 
A 1 22  ASP 22  22  ?   ?   ?   A . n 
A 1 23  SER 23  23  23  SER SER A . n 
A 1 24  PRO 24  24  24  PRO PRO A . n 
A 1 25  VAL 25  25  25  VAL VAL A . n 
A 1 26  VAL 26  26  26  VAL VAL A . n 
A 1 27  GLU 27  27  27  GLU GLU A . n 
A 1 28  VAL 28  28  28  VAL VAL A . n 
A 1 29  GLN 29  29  29  GLN GLN A . n 
A 1 30  GLY 30  30  30  GLY GLY A . n 
A 1 31  THR 31  31  31  THR THR A . n 
A 1 32  ILE 32  32  32  ILE ILE A . n 
A 1 33  ASP 33  33  33  ASP ASP A . n 
A 1 34  GLU 34  34  34  GLU GLU A . n 
A 1 35  LEU 35  35  35  LEU LEU A . n 
A 1 36  ASN 36  36  36  ASN ASN A . n 
A 1 37  SER 37  37  37  SER SER A . n 
A 1 38  PHE 38  38  38  PHE PHE A . n 
A 1 39  ILE 39  39  39  ILE ILE A . n 
A 1 40  GLY 40  40  40  GLY GLY A . n 
A 1 41  TYR 41  41  41  TYR TYR A . n 
A 1 42  ALA 42  42  42  ALA ALA A . n 
A 1 43  LEU 43  43  43  LEU LEU A . n 
A 1 44  VAL 44  44  44  VAL VAL A . n 
A 1 45  LEU 45  45  45  LEU LEU A . n 
A 1 46  SER 46  46  46  SER SER A . n 
A 1 47  ARG 47  47  47  ARG ARG A . n 
A 1 48  TRP 48  48  48  TRP TRP A . n 
A 1 49  ASP 49  49  49  ASP ASP A . n 
A 1 50  ASP 50  50  50  ASP ASP A . n 
A 1 51  ILE 51  51  51  ILE ILE A . n 
A 1 52  ARG 52  52  52  ARG ARG A . n 
A 1 53  ASN 53  53  53  ASN ASN A . n 
A 1 54  ASP 54  54  54  ASP ASP A . n 
A 1 55  LEU 55  55  55  LEU LEU A . n 
A 1 56  PHE 56  56  56  PHE PHE A . n 
A 1 57  ARG 57  57  57  ARG ARG A . n 
A 1 58  ILE 58  58  58  ILE ILE A . n 
A 1 59  GLN 59  59  59  GLN GLN A . n 
A 1 60  ASN 60  60  60  ASN ASN A . n 
A 1 61  ASP 61  61  61  ASP ASP A . n 
A 1 62  LEU 62  62  62  LEU LEU A . n 
A 1 63  PHE 63  63  63  PHE PHE A . n 
A 1 64  VAL 64  64  64  VAL VAL A . n 
A 1 65  LEU 65  65  65  LEU LEU A . n 
A 1 66  GLY 66  66  66  GLY GLY A . n 
A 1 67  GLU 67  67  67  GLU GLU A . n 
A 1 68  ASP 68  68  68  ASP ASP A . n 
A 1 69  VAL 69  69  69  VAL VAL A . n 
A 1 70  SER 70  70  70  SER SER A . n 
A 1 71  THR 71  71  71  THR THR A . n 
A 1 72  GLY 72  72  72  GLY GLY A . n 
A 1 73  GLY 73  73  73  GLY GLY A . n 
A 1 74  LYS 74  74  74  LYS LYS A . n 
A 1 75  GLY 75  75  75  GLY GLY A . n 
A 1 76  ARG 76  76  76  ARG ARG A . n 
A 1 77  THR 77  77  77  THR THR A . n 
A 1 78  VAL 78  78  78  VAL VAL A . n 
A 1 79  THR 79  79  79  THR THR A . n 
A 1 80  ARG 80  80  80  ARG ARG A . n 
A 1 81  GLU 81  81  81  GLU GLU A . n 
A 1 82  MET 82  82  82  MET MET A . n 
A 1 83  ILE 83  83  83  ILE ILE A . n 
A 1 84  ASP 84  84  84  ASP ASP A . n 
A 1 85  TYR 85  85  85  TYR TYR A . n 
A 1 86  LEU 86  86  86  LEU LEU A . n 
A 1 87  GLU 87  87  87  GLU GLU A . n 
A 1 88  ALA 88  88  88  ALA ALA A . n 
A 1 89  ARG 89  89  89  ARG ARG A . n 
A 1 90  VAL 90  90  90  VAL VAL A . n 
A 1 91  LYS 91  91  91  LYS LYS A . n 
A 1 92  GLU 92  92  92  GLU GLU A . n 
A 1 93  MET 93  93  93  MET MET A . n 
A 1 94  LYS 94  94  94  LYS LYS A . n 
A 1 95  ALA 95  95  95  ALA ALA A . n 
A 1 96  GLU 96  96  96  GLU GLU A . n 
A 1 97  ILE 97  97  97  ILE ILE A . n 
A 1 98  GLY 98  98  98  GLY GLY A . n 
A 1 99  LYS 99  99  99  LYS LYS A . n 
A 1 100 ILE 100 100 100 ILE ILE A . n 
A 1 101 GLU 101 101 101 GLU GLU A . n 
A 1 102 LEU 102 102 102 LEU LEU A . n 
A 1 103 PHE 103 103 103 PHE PHE A . n 
A 1 104 VAL 104 104 104 VAL VAL A . n 
A 1 105 VAL 105 105 105 VAL VAL A . n 
A 1 106 PRO 106 106 106 PRO PRO A . n 
A 1 107 GLY 107 107 107 GLY GLY A . n 
A 1 108 GLY 108 108 108 GLY GLY A . n 
A 1 109 SER 109 109 109 SER SER A . n 
A 1 110 VAL 110 110 110 VAL VAL A . n 
A 1 111 GLU 111 111 111 GLU GLU A . n 
A 1 112 SER 112 112 112 SER SER A . n 
A 1 113 ALA 113 113 113 ALA ALA A . n 
A 1 114 SER 114 114 114 SER SER A . n 
A 1 115 LEU 115 115 115 LEU LEU A . n 
A 1 116 HIS 116 116 116 HIS HIS A . n 
A 1 117 MET 117 117 117 MET MET A . n 
A 1 118 ALA 118 118 118 ALA ALA A . n 
A 1 119 ARG 119 119 119 ARG ARG A . n 
A 1 120 ALA 120 120 120 ALA ALA A . n 
A 1 121 VAL 121 121 121 VAL VAL A . n 
A 1 122 SER 122 122 122 SER SER A . n 
A 1 123 ARG 123 123 123 ARG ARG A . n 
A 1 124 ARG 124 124 124 ARG ARG A . n 
A 1 125 LEU 125 125 125 LEU LEU A . n 
A 1 126 GLU 126 126 126 GLU GLU A . n 
A 1 127 ARG 127 127 127 ARG ARG A . n 
A 1 128 ARG 128 128 128 ARG ARG A . n 
A 1 129 ILE 129 129 129 ILE ILE A . n 
A 1 130 VAL 130 130 130 VAL VAL A . n 
A 1 131 ALA 131 131 131 ALA ALA A . n 
A 1 132 ALA 132 132 132 ALA ALA A . n 
A 1 133 SER 133 133 133 SER SER A . n 
A 1 134 LYS 134 134 134 LYS LYS A . n 
A 1 135 LEU 135 135 135 LEU LEU A . n 
A 1 136 THR 136 136 136 THR THR A . n 
A 1 137 GLU 137 137 137 GLU GLU A . n 
A 1 138 ILE 138 138 138 ILE ILE A . n 
A 1 139 ASN 139 139 139 ASN ASN A . n 
A 1 140 LYS 140 140 140 LYS LYS A . n 
A 1 141 ASN 141 141 141 ASN ASN A . n 
A 1 142 VAL 142 142 142 VAL VAL A . n 
A 1 143 LEU 143 143 143 LEU LEU A . n 
A 1 144 ILE 144 144 144 ILE ILE A . n 
A 1 145 TYR 145 145 145 TYR TYR A . n 
A 1 146 ALA 146 146 146 ALA ALA A . n 
A 1 147 ASN 147 147 147 ASN ASN A . n 
A 1 148 ARG 148 148 148 ARG ARG A . n 
A 1 149 LEU 149 149 149 LEU LEU A . n 
A 1 150 SER 150 150 150 SER SER A . n 
A 1 151 SER 151 151 151 SER SER A . n 
A 1 152 ILE 152 152 152 ILE ILE A . n 
A 1 153 LEU 153 153 153 LEU LEU A . n 
A 1 154 PHE 154 154 154 PHE PHE A . n 
A 1 155 MET 155 155 155 MET MET A . n 
A 1 156 HIS 156 156 156 HIS HIS A . n 
A 1 157 ALA 157 157 157 ALA ALA A . n 
A 1 158 LEU 158 158 158 LEU LEU A . n 
A 1 159 ILE 159 159 159 ILE ILE A . n 
A 1 160 SER 160 160 160 SER SER A . n 
A 1 161 ASN 161 161 161 ASN ASN A . n 
A 1 162 LYS 162 162 162 LYS LYS A . n 
A 1 163 ARG 163 163 163 ARG ARG A . n 
A 1 164 LEU 164 164 164 LEU LEU A . n 
A 1 165 ASN 165 165 165 ASN ASN A . n 
A 1 166 ILE 166 166 166 ILE ILE A . n 
A 1 167 PRO 167 167 167 PRO PRO A . n 
A 1 168 GLU 168 168 168 GLU GLU A . n 
A 1 169 LYS 169 169 169 LYS LYS A . n 
A 1 170 ILE 170 170 170 ILE ILE A . n 
A 1 171 TRP 171 171 171 TRP TRP A . n 
A 1 172 SER 172 172 ?   ?   ?   A . n 
A 1 173 ILE 173 173 ?   ?   ?   A . n 
A 1 174 HIS 174 174 ?   ?   ?   A . n 
A 1 175 ARG 175 175 ?   ?   ?   A . n 
A 1 176 VAL 176 176 ?   ?   ?   A . n 
A 1 177 SER 177 177 ?   ?   ?   A . n 
# 
loop_
_pdbx_nonpoly_scheme.asym_id 
_pdbx_nonpoly_scheme.entity_id 
_pdbx_nonpoly_scheme.mon_id 
_pdbx_nonpoly_scheme.ndb_seq_num 
_pdbx_nonpoly_scheme.pdb_seq_num 
_pdbx_nonpoly_scheme.auth_seq_num 
_pdbx_nonpoly_scheme.pdb_mon_id 
_pdbx_nonpoly_scheme.auth_mon_id 
_pdbx_nonpoly_scheme.pdb_strand_id 
_pdbx_nonpoly_scheme.pdb_ins_code 
B 2 HOH 1   1001 1001 HOH TIP A . 
B 2 HOH 2   1002 1002 HOH TIP A . 
B 2 HOH 3   1003 1003 HOH TIP A . 
B 2 HOH 4   1004 1004 HOH TIP A . 
B 2 HOH 5   1005 1005 HOH TIP A . 
B 2 HOH 6   1006 1006 HOH TIP A . 
B 2 HOH 7   1007 1007 HOH TIP A . 
B 2 HOH 8   1008 1008 HOH TIP A . 
B 2 HOH 9   1009 1009 HOH TIP A . 
B 2 HOH 10  1010 1010 HOH TIP A . 
B 2 HOH 11  1011 1011 HOH TIP A . 
B 2 HOH 12  1012 1012 HOH TIP A . 
B 2 HOH 13  1013 1013 HOH TIP A . 
B 2 HOH 14  1014 1014 HOH TIP A . 
B 2 HOH 15  1015 1015 HOH TIP A . 
B 2 HOH 16  1016 1016 HOH TIP A . 
B 2 HOH 17  1017 1017 HOH TIP A . 
B 2 HOH 18  1018 1018 HOH TIP A . 
B 2 HOH 19  1019 1019 HOH TIP A . 
B 2 HOH 20  1020 1020 HOH TIP A . 
B 2 HOH 21  1021 1021 HOH TIP A . 
B 2 HOH 22  1022 1022 HOH TIP A . 
B 2 HOH 23  1023 1023 HOH TIP A . 
B 2 HOH 24  1024 1024 HOH TIP A . 
B 2 HOH 25  1025 1025 HOH TIP A . 
B 2 HOH 26  1026 1026 HOH TIP A . 
B 2 HOH 27  1027 1027 HOH TIP A . 
B 2 HOH 28  1028 1028 HOH TIP A . 
B 2 HOH 29  1029 1029 HOH TIP A . 
B 2 HOH 30  1030 1030 HOH TIP A . 
B 2 HOH 31  1031 1031 HOH TIP A . 
B 2 HOH 32  1032 1032 HOH TIP A . 
B 2 HOH 33  1033 1033 HOH TIP A . 
B 2 HOH 34  1034 1034 HOH TIP A . 
B 2 HOH 35  1035 1035 HOH TIP A . 
B 2 HOH 36  1036 1036 HOH TIP A . 
B 2 HOH 37  1037 1037 HOH TIP A . 
B 2 HOH 38  1038 1038 HOH TIP A . 
B 2 HOH 39  1040 1040 HOH TIP A . 
B 2 HOH 40  1041 1041 HOH TIP A . 
B 2 HOH 41  1042 1042 HOH TIP A . 
B 2 HOH 42  1043 1043 HOH TIP A . 
B 2 HOH 43  1044 1044 HOH TIP A . 
B 2 HOH 44  1045 1045 HOH TIP A . 
B 2 HOH 45  1046 1046 HOH TIP A . 
B 2 HOH 46  1047 1047 HOH TIP A . 
B 2 HOH 47  1048 1048 HOH TIP A . 
B 2 HOH 48  1049 1049 HOH TIP A . 
B 2 HOH 49  1050 1050 HOH TIP A . 
B 2 HOH 50  1051 1051 HOH TIP A . 
B 2 HOH 51  1052 1052 HOH TIP A . 
B 2 HOH 52  1053 1053 HOH TIP A . 
B 2 HOH 53  1054 1054 HOH TIP A . 
B 2 HOH 54  1055 1055 HOH TIP A . 
B 2 HOH 55  1056 1056 HOH TIP A . 
B 2 HOH 56  1057 1057 HOH TIP A . 
B 2 HOH 57  1058 1058 HOH TIP A . 
B 2 HOH 58  1059 1059 HOH TIP A . 
B 2 HOH 59  1060 1060 HOH TIP A . 
B 2 HOH 60  1061 1061 HOH TIP A . 
B 2 HOH 61  1062 1062 HOH TIP A . 
B 2 HOH 62  1063 1063 HOH TIP A . 
B 2 HOH 63  1064 1064 HOH TIP A . 
B 2 HOH 64  1065 1065 HOH TIP A . 
B 2 HOH 65  1066 1066 HOH TIP A . 
B 2 HOH 66  1067 1067 HOH TIP A . 
B 2 HOH 67  1068 1068 HOH TIP A . 
B 2 HOH 68  1069 1069 HOH TIP A . 
B 2 HOH 69  1070 1070 HOH TIP A . 
B 2 HOH 70  1071 1071 HOH TIP A . 
B 2 HOH 71  1072 1072 HOH TIP A . 
B 2 HOH 72  1073 1073 HOH TIP A . 
B 2 HOH 73  1074 1074 HOH TIP A . 
B 2 HOH 74  1075 1075 HOH TIP A . 
B 2 HOH 75  1076 1076 HOH TIP A . 
B 2 HOH 76  1077 1077 HOH TIP A . 
B 2 HOH 77  1078 1078 HOH TIP A . 
B 2 HOH 78  1079 1079 HOH TIP A . 
B 2 HOH 79  1080 1080 HOH TIP A . 
B 2 HOH 80  1081 1081 HOH TIP A . 
B 2 HOH 81  1082 1082 HOH TIP A . 
B 2 HOH 82  1083 1083 HOH TIP A . 
B 2 HOH 83  1084 1084 HOH TIP A . 
B 2 HOH 84  1085 1085 HOH TIP A . 
B 2 HOH 85  1086 1086 HOH TIP A . 
B 2 HOH 86  1087 1087 HOH TIP A . 
B 2 HOH 87  1088 1088 HOH TIP A . 
B 2 HOH 88  1090 1090 HOH TIP A . 
B 2 HOH 89  1091 1091 HOH TIP A . 
B 2 HOH 90  1092 1092 HOH TIP A . 
B 2 HOH 91  1093 1093 HOH TIP A . 
B 2 HOH 92  1095 1095 HOH TIP A . 
B 2 HOH 93  1096 1096 HOH TIP A . 
B 2 HOH 94  1097 1097 HOH TIP A . 
B 2 HOH 95  1098 1098 HOH TIP A . 
B 2 HOH 96  1099 1099 HOH TIP A . 
B 2 HOH 97  1100 1100 HOH TIP A . 
B 2 HOH 98  1101 1101 HOH TIP A . 
B 2 HOH 99  1102 1102 HOH TIP A . 
B 2 HOH 100 1103 1103 HOH TIP A . 
B 2 HOH 101 1104 1104 HOH TIP A . 
B 2 HOH 102 1105 1105 HOH TIP A . 
B 2 HOH 103 1106 1106 HOH TIP A . 
B 2 HOH 104 1107 1107 HOH TIP A . 
B 2 HOH 105 1109 1109 HOH TIP A . 
B 2 HOH 106 1110 1110 HOH TIP A . 
B 2 HOH 107 1501 1501 HOH TIP A . 
B 2 HOH 108 1502 1502 HOH TIP A . 
B 2 HOH 109 1503 1503 HOH TIP A . 
B 2 HOH 110 1504 1504 HOH TIP A . 
B 2 HOH 111 1505 1505 HOH TIP A . 
B 2 HOH 112 1506 1506 HOH TIP A . 
B 2 HOH 113 1507 1507 HOH TIP A . 
B 2 HOH 114 1508 1508 HOH TIP A . 
B 2 HOH 115 1509 1509 HOH TIP A . 
B 2 HOH 116 1510 1510 HOH TIP A . 
B 2 HOH 117 1511 1511 HOH TIP A . 
B 2 HOH 118 1512 1512 HOH TIP A . 
B 2 HOH 119 1513 1513 HOH TIP A . 
B 2 HOH 120 1514 1514 HOH TIP A . 
B 2 HOH 121 1515 1515 HOH TIP A . 
B 2 HOH 122 1516 1516 HOH TIP A . 
B 2 HOH 123 1517 1517 HOH TIP A . 
B 2 HOH 124 1518 1518 HOH TIP A . 
B 2 HOH 125 1519 1519 HOH TIP A . 
B 2 HOH 126 1520 1520 HOH TIP A . 
B 2 HOH 127 1521 1521 HOH TIP A . 
B 2 HOH 128 1522 1522 HOH TIP A . 
B 2 HOH 129 1523 1523 HOH TIP A . 
B 2 HOH 130 1524 1524 HOH TIP A . 
B 2 HOH 131 1525 1525 HOH TIP A . 
B 2 HOH 132 1526 1526 HOH TIP A . 
B 2 HOH 133 1527 1527 HOH TIP A . 
B 2 HOH 134 1528 1528 HOH TIP A . 
B 2 HOH 135 1529 1529 HOH TIP A . 
B 2 HOH 136 1530 1530 HOH TIP A . 
B 2 HOH 137 1531 1531 HOH TIP A . 
B 2 HOH 138 1532 1532 HOH TIP A . 
B 2 HOH 139 1533 1533 HOH TIP A . 
B 2 HOH 140 1534 1534 HOH TIP A . 
B 2 HOH 141 1536 1536 HOH TIP A . 
B 2 HOH 142 1537 1537 HOH TIP A . 
B 2 HOH 143 1540 1540 HOH TIP A . 
B 2 HOH 144 1542 1542 HOH TIP A . 
B 2 HOH 145 1543 1543 HOH TIP A . 
B 2 HOH 146 1544 1544 HOH TIP A . 
B 2 HOH 147 1545 1545 HOH TIP A . 
B 2 HOH 148 1548 1548 HOH TIP A . 
B 2 HOH 149 1549 1549 HOH TIP A . 
B 2 HOH 150 1550 1550 HOH TIP A . 
B 2 HOH 151 1551 1551 HOH TIP A . 
B 2 HOH 152 1553 1553 HOH TIP A . 
B 2 HOH 153 1555 1555 HOH TIP A . 
B 2 HOH 154 1558 1558 HOH TIP A . 
B 2 HOH 155 1559 1559 HOH TIP A . 
B 2 HOH 156 1560 1560 HOH TIP A . 
B 2 HOH 157 1561 1561 HOH TIP A . 
B 2 HOH 158 1562 1562 HOH TIP A . 
B 2 HOH 159 1563 1563 HOH TIP A . 
B 2 HOH 160 1565 1565 HOH TIP A . 
B 2 HOH 161 1566 1566 HOH TIP A . 
B 2 HOH 162 1568 1568 HOH TIP A . 
B 2 HOH 163 1569 1569 HOH TIP A . 
B 2 HOH 164 1571 1571 HOH TIP A . 
B 2 HOH 165 1572 1572 HOH TIP A . 
B 2 HOH 166 1573 1573 HOH TIP A . 
B 2 HOH 167 1574 1574 HOH TIP A . 
B 2 HOH 168 1575 1575 HOH TIP A . 
B 2 HOH 169 1576 1576 HOH TIP A . 
B 2 HOH 170 1580 1580 HOH TIP A . 
# 
loop_
_software.name 
_software.classification 
_software.version 
_software.citation_id 
_software.pdbx_ordinal 
CNS       refinement       1.1 ? 1 
HKL-2000  'data reduction' .   ? 2 
SCALEPACK 'data scaling'   .   ? 3 
SOLVE     phasing          .   ? 4 
RESOLVE   phasing          .   ? 5 
# 
_cell.entry_id           1NOG 
_cell.length_a           89.080 
_cell.length_b           89.080 
_cell.length_c           89.080 
_cell.angle_alpha        90.00 
_cell.angle_beta         90.00 
_cell.angle_gamma        90.00 
_cell.Z_PDB              12 
_cell.pdbx_unique_axis   ? 
# 
_symmetry.entry_id                         1NOG 
_symmetry.space_group_name_H-M             'P 2 3' 
_symmetry.pdbx_full_space_group_name_H-M   ? 
_symmetry.cell_setting                     ? 
_symmetry.Int_Tables_number                195 
_symmetry.space_group_name_Hall            ? 
# 
_exptl.entry_id          1NOG 
_exptl.method            'X-RAY DIFFRACTION' 
_exptl.crystals_number   1 
# 
_exptl_crystal.id                    1 
_exptl_crystal.density_meas          ? 
_exptl_crystal.density_Matthews      2.94 
_exptl_crystal.density_percent_sol   58.18 
_exptl_crystal.description           ? 
_exptl_crystal.F_000                 ? 
_exptl_crystal.preparation           ? 
# 
_exptl_crystal_grow.crystal_id      1 
_exptl_crystal_grow.method          'VAPOR DIFFUSION, HANGING DROP' 
_exptl_crystal_grow.temp            295 
_exptl_crystal_grow.temp_details    ? 
_exptl_crystal_grow.pH              7.5 
_exptl_crystal_grow.pdbx_details    
'0.4 M ammonium phosphate, 6 % methylpentanediol, pH 7.5, VAPOR DIFFUSION, HANGING DROP, temperature 295K' 
_exptl_crystal_grow.pdbx_pH_range   . 
# 
_diffrn.id                     1 
_diffrn.ambient_temp           100 
_diffrn.ambient_temp_details   ? 
_diffrn.crystal_id             1 
# 
_diffrn_detector.diffrn_id              1 
_diffrn_detector.detector               CCD 
_diffrn_detector.type                   CUSTOM-MADE 
_diffrn_detector.pdbx_collection_date   2001-02-14 
_diffrn_detector.details                ? 
# 
_diffrn_radiation.diffrn_id                        1 
_diffrn_radiation.wavelength_id                    1 
_diffrn_radiation.pdbx_monochromatic_or_laue_m_l   M 
_diffrn_radiation.monochromator                    ? 
_diffrn_radiation.pdbx_diffrn_protocol             MAD 
_diffrn_radiation.pdbx_scattering_type             x-ray 
# 
_diffrn_radiation_wavelength.id           1 
_diffrn_radiation_wavelength.wavelength   . 
_diffrn_radiation_wavelength.wt           1.0 
# 
_diffrn_source.diffrn_id                   1 
_diffrn_source.source                      SYNCHROTRON 
_diffrn_source.type                        'APS BEAMLINE 19-ID' 
_diffrn_source.pdbx_synchrotron_site       APS 
_diffrn_source.pdbx_synchrotron_beamline   19-ID 
_diffrn_source.pdbx_wavelength             ? 
_diffrn_source.pdbx_wavelength_list        ? 
# 
_reflns.entry_id                     1NOG 
_reflns.observed_criterion_sigma_I   ? 
_reflns.observed_criterion_sigma_F   ? 
_reflns.d_resolution_low             30.0 
_reflns.d_resolution_high            1.55 
_reflns.number_obs                   34479 
_reflns.number_all                   ? 
_reflns.percent_possible_obs         99.9 
_reflns.pdbx_Rmerge_I_obs            0.101 
_reflns.pdbx_Rsym_value              ? 
_reflns.pdbx_netI_over_sigmaI        21.1 
_reflns.B_iso_Wilson_estimate        20.0 
_reflns.pdbx_redundancy              10.3 
_reflns.R_free_details               ? 
_reflns.limit_h_max                  ? 
_reflns.limit_h_min                  ? 
_reflns.limit_k_max                  ? 
_reflns.limit_k_min                  ? 
_reflns.limit_l_max                  ? 
_reflns.limit_l_min                  ? 
_reflns.observed_criterion_F_max     ? 
_reflns.observed_criterion_F_min     ? 
_reflns.pdbx_chi_squared             ? 
_reflns.pdbx_scaling_rejects         ? 
_reflns.pdbx_ordinal                 1 
_reflns.pdbx_diffrn_id               1 
# 
_reflns_shell.d_res_high             1.55 
_reflns_shell.d_res_low              1.60 
_reflns_shell.percent_possible_all   100.0 
_reflns_shell.Rmerge_I_obs           0.504 
_reflns_shell.pdbx_Rsym_value        ? 
_reflns_shell.meanI_over_sigI_obs    4.4 
_reflns_shell.pdbx_redundancy        ? 
_reflns_shell.percent_possible_obs   ? 
_reflns_shell.number_unique_all      3233 
_reflns_shell.number_measured_all    ? 
_reflns_shell.number_measured_obs    ? 
_reflns_shell.number_unique_obs      ? 
_reflns_shell.pdbx_chi_squared       ? 
_reflns_shell.pdbx_ordinal           1 
_reflns_shell.pdbx_diffrn_id         1 
# 
_refine.entry_id                                 1NOG 
_refine.ls_number_reflns_obs                     33491 
_refine.ls_number_reflns_all                     ? 
_refine.pdbx_ls_sigma_I                          ? 
_refine.pdbx_ls_sigma_F                          0.0 
_refine.pdbx_data_cutoff_high_absF               ? 
_refine.pdbx_data_cutoff_low_absF                ? 
_refine.ls_d_res_low                             29.69 
_refine.ls_d_res_high                            1.55 
_refine.ls_percent_reflns_obs                    97.1 
_refine.ls_R_factor_obs                          0.197 
_refine.ls_R_factor_all                          ? 
_refine.ls_R_factor_R_work                       0.197 
_refine.ls_R_factor_R_free                       0.215 
_refine.ls_R_factor_R_free_error                 0.006 
_refine.ls_R_factor_R_free_error_details         ? 
_refine.ls_percent_reflns_R_free                 3.9 
_refine.ls_number_reflns_R_free                  1309 
_refine.ls_number_parameters                     ? 
_refine.ls_number_restraints                     ? 
_refine.occupancy_min                            ? 
_refine.occupancy_max                            ? 
_refine.correlation_coeff_Fo_to_Fc               ? 
_refine.correlation_coeff_Fo_to_Fc_free          ? 
_refine.B_iso_mean                               23.1 
_refine.aniso_B[1][1]                            -0.33 
_refine.aniso_B[2][2]                            0.17 
_refine.aniso_B[3][3]                            0.17 
_refine.aniso_B[1][2]                            0.00 
_refine.aniso_B[1][3]                            0.00 
_refine.aniso_B[2][3]                            0.00 
_refine.solvent_model_details                    'FLAT MODEL' 
_refine.solvent_model_param_ksol                 0.378784 
_refine.solvent_model_param_bsol                 51.7177 
_refine.pdbx_solvent_vdw_probe_radii             ? 
_refine.pdbx_solvent_ion_probe_radii             ? 
_refine.pdbx_solvent_shrinkage_radii             ? 
_refine.pdbx_ls_cross_valid_method               THROUGHOUT 
_refine.details                                  ? 
_refine.pdbx_starting_model                      ? 
_refine.pdbx_method_to_determine_struct          MAD 
_refine.pdbx_isotropic_thermal_model             RESTRAINED 
_refine.pdbx_stereochemistry_target_values       ? 
_refine.pdbx_stereochem_target_val_spec_case     ? 
_refine.pdbx_R_Free_selection_details            RANDOM 
_refine.pdbx_overall_ESU_R_Free                  ? 
_refine.overall_SU_B                             ? 
_refine.ls_redundancy_reflns_obs                 ? 
_refine.B_iso_min                                ? 
_refine.B_iso_max                                ? 
_refine.overall_SU_R_Cruickshank_DPI             ? 
_refine.overall_SU_R_free                        ? 
_refine.overall_SU_ML                            ? 
_refine.pdbx_overall_ESU_R                       ? 
_refine.pdbx_data_cutoff_high_rms_absF           ? 
_refine.ls_wR_factor_R_free                      ? 
_refine.ls_wR_factor_R_work                      ? 
_refine.overall_FOM_free_R_set                   ? 
_refine.overall_FOM_work_R_set                   ? 
_refine.pdbx_refine_id                           'X-RAY DIFFRACTION' 
_refine.pdbx_diffrn_id                           1 
_refine.pdbx_TLS_residual_ADP_flag               ? 
_refine.pdbx_overall_phase_error                 ? 
_refine.pdbx_overall_SU_R_free_Cruickshank_DPI   ? 
_refine.pdbx_overall_SU_R_Blow_DPI               ? 
_refine.pdbx_overall_SU_R_free_Blow_DPI          ? 
# 
_refine_analyze.entry_id                        1NOG 
_refine_analyze.Luzzati_coordinate_error_obs    ? 
_refine_analyze.Luzzati_sigma_a_obs             ? 
_refine_analyze.Luzzati_d_res_low_obs           ? 
_refine_analyze.Luzzati_coordinate_error_free   0.19 
_refine_analyze.Luzzati_sigma_a_free            0.13 
_refine_analyze.Luzzati_d_res_low_free          ? 
_refine_analyze.number_disordered_residues      ? 
_refine_analyze.occupancy_sum_hydrogen          ? 
_refine_analyze.occupancy_sum_non_hydrogen      ? 
_refine_analyze.pdbx_Luzzati_d_res_high_obs     ? 
_refine_analyze.pdbx_refine_id                  'X-RAY DIFFRACTION' 
# 
_refine_hist.pdbx_refine_id                   'X-RAY DIFFRACTION' 
_refine_hist.cycle_id                         LAST 
_refine_hist.pdbx_number_atoms_protein        1184 
_refine_hist.pdbx_number_atoms_nucleic_acid   0 
_refine_hist.pdbx_number_atoms_ligand         0 
_refine_hist.number_atoms_solvent             170 
_refine_hist.number_atoms_total               1354 
_refine_hist.d_res_high                       1.55 
_refine_hist.d_res_low                        29.69 
# 
loop_
_refine_ls_restr.type 
_refine_ls_restr.dev_ideal 
_refine_ls_restr.dev_ideal_target 
_refine_ls_restr.weight 
_refine_ls_restr.number 
_refine_ls_restr.pdbx_refine_id 
_refine_ls_restr.pdbx_restraint_function 
c_bond_d           0.010 ?    ? ? 'X-RAY DIFFRACTION' ? 
c_angle_deg        0.9   ?    ? ? 'X-RAY DIFFRACTION' ? 
c_dihedral_angle_d 17.2  ?    ? ? 'X-RAY DIFFRACTION' ? 
c_improper_angle_d 0.70  ?    ? ? 'X-RAY DIFFRACTION' ? 
c_mcbond_it        1.07  1.50 ? ? 'X-RAY DIFFRACTION' ? 
c_mcangle_it       1.71  2.00 ? ? 'X-RAY DIFFRACTION' ? 
c_scbond_it        2.31  2.00 ? ? 'X-RAY DIFFRACTION' ? 
c_scangle_it       3.19  2.50 ? ? 'X-RAY DIFFRACTION' ? 
# 
_refine_ls_shell.pdbx_total_number_of_bins_used   6 
_refine_ls_shell.d_res_high                       1.55 
_refine_ls_shell.d_res_low                        1.65 
_refine_ls_shell.number_reflns_R_work             5093 
_refine_ls_shell.R_factor_R_work                  0.214 
_refine_ls_shell.percent_reflns_obs               92.7 
_refine_ls_shell.R_factor_R_free                  0.215 
_refine_ls_shell.R_factor_R_free_error            0.015 
_refine_ls_shell.percent_reflns_R_free            3.8 
_refine_ls_shell.number_reflns_R_free             200 
_refine_ls_shell.number_reflns_obs                3233 
_refine_ls_shell.redundancy_reflns_obs            ? 
_refine_ls_shell.number_reflns_all                ? 
_refine_ls_shell.pdbx_refine_id                   'X-RAY DIFFRACTION' 
_refine_ls_shell.R_factor_all                     ? 
# 
loop_
_pdbx_xplor_file.serial_no 
_pdbx_xplor_file.param_file 
_pdbx_xplor_file.topol_file 
_pdbx_xplor_file.pdbx_refine_id 
1 PROTEIN_REP.PARAM PROTEIN.TOP   'X-RAY DIFFRACTION' 
2 WATER_REP.PARAM   WATER_REP.TOP 'X-RAY DIFFRACTION' 
# 
_struct.entry_id                  1NOG 
_struct.title                     'Crystal Structure of Conserved Protein 0546 from Thermoplasma Acidophilum' 
_struct.pdbx_model_details        ? 
_struct.pdbx_CASP_flag            ? 
_struct.pdbx_model_type_details   ? 
# 
_struct_keywords.entry_id        1NOG 
_struct_keywords.pdbx_keywords   'STRUCTURAL GENOMICS, UNKNOWN FUNCTION' 
_struct_keywords.text            
'STRUCTURAL GENOMICS, PSI, Protein Structure Initiative, Midwest Center for Structural Genomics, MCSG, UNKNOWN FUNCTION' 
# 
loop_
_struct_asym.id 
_struct_asym.pdbx_blank_PDB_chainid_flag 
_struct_asym.pdbx_modified 
_struct_asym.entity_id 
_struct_asym.details 
A N N 1 ? 
B N N 2 ? 
# 
_struct_ref.id                         1 
_struct_ref.db_name                    UNP 
_struct_ref.db_code                    Q9HIA7_THEAC 
_struct_ref.pdbx_db_accession          Q9HIA7 
_struct_ref.entity_id                  1 
_struct_ref.pdbx_seq_one_letter_code   
;MFTRRGDQGETDLANRARVGKDSPVVEVQGTIDELNSFIGYALVLSRWDDIRNDLFRIQNDLFVLGEDVSTGGKGRTVTR
EMIDYLEARVKEMKAEIGKIELFVVPGGSIESASLHMARAVSRRLERRIVAASKLTEINKNVLIYANRLSSILFMHALLS
NKRLNIPEKIWSIHRVS
;
_struct_ref.pdbx_align_begin           1 
_struct_ref.pdbx_db_isoform            ? 
# 
_struct_ref_seq.align_id                      1 
_struct_ref_seq.ref_id                        1 
_struct_ref_seq.pdbx_PDB_id_code              1NOG 
_struct_ref_seq.pdbx_strand_id                A 
_struct_ref_seq.seq_align_beg                 1 
_struct_ref_seq.pdbx_seq_align_beg_ins_code   ? 
_struct_ref_seq.seq_align_end                 177 
_struct_ref_seq.pdbx_seq_align_end_ins_code   ? 
_struct_ref_seq.pdbx_db_accession             Q9HIA7 
_struct_ref_seq.db_align_beg                  1 
_struct_ref_seq.pdbx_db_align_beg_ins_code    ? 
_struct_ref_seq.db_align_end                  177 
_struct_ref_seq.pdbx_db_align_end_ins_code    ? 
_struct_ref_seq.pdbx_auth_seq_align_beg       1 
_struct_ref_seq.pdbx_auth_seq_align_end       177 
# 
loop_
_struct_ref_seq_dif.align_id 
_struct_ref_seq_dif.pdbx_pdb_id_code 
_struct_ref_seq_dif.mon_id 
_struct_ref_seq_dif.pdbx_pdb_strand_id 
_struct_ref_seq_dif.seq_num 
_struct_ref_seq_dif.pdbx_pdb_ins_code 
_struct_ref_seq_dif.pdbx_seq_db_name 
_struct_ref_seq_dif.pdbx_seq_db_accession_code 
_struct_ref_seq_dif.db_mon_id 
_struct_ref_seq_dif.pdbx_seq_db_seq_num 
_struct_ref_seq_dif.details 
_struct_ref_seq_dif.pdbx_auth_seq_num 
_struct_ref_seq_dif.pdbx_ordinal 
1 1NOG VAL A 110 ? UNP Q9HIA7 ILE 110 'SEE REMARK 999' 110 1 
1 1NOG ILE A 159 ? UNP Q9HIA7 LEU 159 'SEE REMARK 999' 159 2 
# 
loop_
_pdbx_struct_assembly.id 
_pdbx_struct_assembly.details 
_pdbx_struct_assembly.method_details 
_pdbx_struct_assembly.oligomeric_details 
_pdbx_struct_assembly.oligomeric_count 
1 author_and_software_defined_assembly PISA trimeric    3  
2 software_defined_assembly            PQS  dodecameric 12 
# 
loop_
_pdbx_struct_assembly_prop.biol_id 
_pdbx_struct_assembly_prop.type 
_pdbx_struct_assembly_prop.value 
_pdbx_struct_assembly_prop.details 
1 'ABSA (A^2)' 5180  ? 
1 MORE         -32   ? 
1 'SSA (A^2)'  18770 ? 
# 
loop_
_pdbx_struct_assembly_gen.assembly_id 
_pdbx_struct_assembly_gen.oper_expression 
_pdbx_struct_assembly_gen.asym_id_list 
1 1,2,3                      A,B 
2 1,4,5,6,7,8,9,2,10,11,3,12 A,B 
# 
loop_
_pdbx_struct_oper_list.id 
_pdbx_struct_oper_list.type 
_pdbx_struct_oper_list.name 
_pdbx_struct_oper_list.symmetry_operation 
_pdbx_struct_oper_list.matrix[1][1] 
_pdbx_struct_oper_list.matrix[1][2] 
_pdbx_struct_oper_list.matrix[1][3] 
_pdbx_struct_oper_list.vector[1] 
_pdbx_struct_oper_list.matrix[2][1] 
_pdbx_struct_oper_list.matrix[2][2] 
_pdbx_struct_oper_list.matrix[2][3] 
_pdbx_struct_oper_list.vector[2] 
_pdbx_struct_oper_list.matrix[3][1] 
_pdbx_struct_oper_list.matrix[3][2] 
_pdbx_struct_oper_list.matrix[3][3] 
_pdbx_struct_oper_list.vector[3] 
1  'identity operation'         1_555  x,y,z       1.0000000000  0.0000000000  0.0000000000  0.0000000000   0.0000000000  1.0000000000  0.0000000000  0.0000000000   0.0000000000  0.0000000000  1.0000000000  0.0000000000   
2  'crystal symmetry operation' 8_656  -z+1,x,-y+1 0.1778601616  0.8476599184  -0.4998383995 -11.7525401552 -0.3661079152 -0.4144763386 -0.8331712664 -14.7695029640 -0.9134170774 0.3311827705  0.2366161770  -16.3066350364 
3  'crystal symmetry operation' 11_566 y,-z+1,-x+1 0.1778601616  -0.3661079152 -0.9134170774 -18.2116821659 0.8476599184  -0.4144763386 0.3311827705  9.2410242862   -0.4998383995 -0.8331712664 0.2366161770  -14.3214827077 
4  'crystal symmetry operation' 2_665  -x+1,-y+1,z -0.8740409717 0.4671480110  -0.1335107319 15.2765942287  0.4671480110  0.7325257840  -0.4951552398 -20.4139010311 -0.1335107319 -0.4951552398 -0.8584848123 -57.0148046709 
5  'crystal symmetry operation' 3_656  -x+1,y,-z+1 -0.9943519513 0.0277543257  0.1024397107  27.1591908028  0.0277543257  -0.8636161558 0.5033853721  27.4645146211  0.1024397107  0.5033853721  0.8579681071  -8.9384820435  
6  'crystal symmetry operation' 4_566  x,-y+1,-z+1 0.8683929230  -0.4949023367 0.0310710211  5.5617253666   -0.4949023367 -0.8689096282 -0.0082301323 16.8178622593  0.0310710211  -0.0082301323 -0.9994832948 -66.5664953566 
7  'crystal symmetry operation' 5_555  z,x,y       -0.2805868582 -0.8204495380 0.4981300740  36.7649874677  -0.1386876962 0.5481872538  0.8247766108  31.6849906209  -0.9497561465 0.1623369656  -0.2676003955 -31.5677333984 
8  'crystal symmetry operation' 6_566  z,-x+1,-y+1 -0.2045326704 -0.9787277501 0.0160741415  20.8263626911  0.2671867851  -0.0716188441 -0.9609796892 -28.6488027456 0.9416887005  -0.1922569438 0.2761515145  -34.1335191326 
9  'crystal symmetry operation' 7_665  -z+1,-x+1,y 0.3072593670  0.9515173696  -0.0143658160 2.1587003947   0.2376088264  -0.0620920711 0.9693743448  35.6017909379  0.9214845235  -0.3012627922 -0.2451672959 -50.5118945035 
10 'crystal symmetry operation' 9_555  y,z,x       -0.2805868582 -0.1386876962 -0.9497561465 -15.2715581475 -0.8204495380 0.5481872538  0.1623369656  17.9191190386  0.4981300740  0.8247766108  -0.2676003955 -52.8943230478 
11 'crystal symmetry operation' 10_656 -y+1,z,-x+1 0.3072593670  0.2376088264  0.9214845235  37.4233483589  0.9515173696  -0.0620920711 -0.3012627922 -15.0608063672 -0.0143658160 0.9693743448  -0.2451672959 -46.8643158585 
12 'crystal symmetry operation' 12_665 -y+1,-z+1,x -0.2045326704 0.2671867851  0.9416887005  44.0574023526  -0.9787277501 -0.0716188441 -0.1922569438 11.7691388916  0.0160741415  -0.9609796892 0.2761515145  -18.4396604569  
# 
_struct_biol.id                    1 
_struct_biol.details               
'The biological assembly is a trimer generated from the monomer in the asymmetric unit by crystallographic symmetry.' 
_struct_biol.pdbx_parent_biol_id   ? 
# 
loop_
_struct_conf.conf_type_id 
_struct_conf.id 
_struct_conf.pdbx_PDB_helix_id 
_struct_conf.beg_label_comp_id 
_struct_conf.beg_label_asym_id 
_struct_conf.beg_label_seq_id 
_struct_conf.pdbx_beg_PDB_ins_code 
_struct_conf.end_label_comp_id 
_struct_conf.end_label_asym_id 
_struct_conf.end_label_seq_id 
_struct_conf.pdbx_end_PDB_ins_code 
_struct_conf.beg_auth_comp_id 
_struct_conf.beg_auth_asym_id 
_struct_conf.beg_auth_seq_id 
_struct_conf.end_auth_comp_id 
_struct_conf.end_auth_asym_id 
_struct_conf.end_auth_seq_id 
_struct_conf.pdbx_PDB_helix_class 
_struct_conf.details 
_struct_conf.pdbx_PDB_helix_length 
HELX_P HELX_P1 1 VAL A 25  ? SER A 46  ? VAL A 25  SER A 46  1 ? 22 
HELX_P HELX_P2 2 TRP A 48  ? THR A 71  ? TRP A 48  THR A 71  1 ? 24 
HELX_P HELX_P3 3 THR A 79  ? GLY A 98  ? THR A 79  GLY A 98  1 ? 20 
HELX_P HELX_P4 4 SER A 109 ? LYS A 134 ? SER A 109 LYS A 134 1 ? 26 
HELX_P HELX_P5 5 ASN A 139 ? LEU A 164 ? ASN A 139 LEU A 164 1 ? 26 
# 
_struct_conf_type.id          HELX_P 
_struct_conf_type.criteria    ? 
_struct_conf_type.reference   ? 
# 
_struct_mon_prot_cis.pdbx_id                1 
_struct_mon_prot_cis.label_comp_id          SER 
_struct_mon_prot_cis.label_seq_id           23 
_struct_mon_prot_cis.label_asym_id          A 
_struct_mon_prot_cis.label_alt_id           . 
_struct_mon_prot_cis.pdbx_PDB_ins_code      ? 
_struct_mon_prot_cis.auth_comp_id           SER 
_struct_mon_prot_cis.auth_seq_id            23 
_struct_mon_prot_cis.auth_asym_id           A 
_struct_mon_prot_cis.pdbx_label_comp_id_2   PRO 
_struct_mon_prot_cis.pdbx_label_seq_id_2    24 
_struct_mon_prot_cis.pdbx_label_asym_id_2   A 
_struct_mon_prot_cis.pdbx_PDB_ins_code_2    ? 
_struct_mon_prot_cis.pdbx_auth_comp_id_2    PRO 
_struct_mon_prot_cis.pdbx_auth_seq_id_2     24 
_struct_mon_prot_cis.pdbx_auth_asym_id_2    A 
_struct_mon_prot_cis.pdbx_PDB_model_num     1 
_struct_mon_prot_cis.pdbx_omega_angle       -0.11 
# 
_pdbx_validate_symm_contact.id                1 
_pdbx_validate_symm_contact.PDB_model_num     1 
_pdbx_validate_symm_contact.auth_atom_id_1    OH 
_pdbx_validate_symm_contact.auth_asym_id_1    A 
_pdbx_validate_symm_contact.auth_comp_id_1    TYR 
_pdbx_validate_symm_contact.auth_seq_id_1     41 
_pdbx_validate_symm_contact.PDB_ins_code_1    ? 
_pdbx_validate_symm_contact.label_alt_id_1    ? 
_pdbx_validate_symm_contact.site_symmetry_1   1_555 
_pdbx_validate_symm_contact.auth_atom_id_2    OH 
_pdbx_validate_symm_contact.auth_asym_id_2    A 
_pdbx_validate_symm_contact.auth_comp_id_2    TYR 
_pdbx_validate_symm_contact.auth_seq_id_2     41 
_pdbx_validate_symm_contact.PDB_ins_code_2    ? 
_pdbx_validate_symm_contact.label_alt_id_2    ? 
_pdbx_validate_symm_contact.site_symmetry_2   8_656 
_pdbx_validate_symm_contact.dist              2.12 
# 
_pdbx_validate_rmsd_bond.id                        1 
_pdbx_validate_rmsd_bond.PDB_model_num             1 
_pdbx_validate_rmsd_bond.auth_atom_id_1            SD 
_pdbx_validate_rmsd_bond.auth_asym_id_1            A 
_pdbx_validate_rmsd_bond.auth_comp_id_1            MET 
_pdbx_validate_rmsd_bond.auth_seq_id_1             117 
_pdbx_validate_rmsd_bond.PDB_ins_code_1            ? 
_pdbx_validate_rmsd_bond.label_alt_id_1            ? 
_pdbx_validate_rmsd_bond.auth_atom_id_2            CE 
_pdbx_validate_rmsd_bond.auth_asym_id_2            A 
_pdbx_validate_rmsd_bond.auth_comp_id_2            MET 
_pdbx_validate_rmsd_bond.auth_seq_id_2             117 
_pdbx_validate_rmsd_bond.PDB_ins_code_2            ? 
_pdbx_validate_rmsd_bond.label_alt_id_2            ? 
_pdbx_validate_rmsd_bond.bond_value                1.360 
_pdbx_validate_rmsd_bond.bond_target_value         1.774 
_pdbx_validate_rmsd_bond.bond_deviation            -0.414 
_pdbx_validate_rmsd_bond.bond_standard_deviation   0.056 
_pdbx_validate_rmsd_bond.linker_flag               N 
# 
_pdbx_validate_torsion.id              1 
_pdbx_validate_torsion.PDB_model_num   1 
_pdbx_validate_torsion.auth_comp_id    PHE 
_pdbx_validate_torsion.auth_asym_id    A 
_pdbx_validate_torsion.auth_seq_id     103 
_pdbx_validate_torsion.PDB_ins_code    ? 
_pdbx_validate_torsion.label_alt_id    ? 
_pdbx_validate_torsion.phi             81.08 
_pdbx_validate_torsion.psi             52.80 
# 
_pdbx_SG_project.id                    1 
_pdbx_SG_project.project_name          'PSI, Protein Structure Initiative' 
_pdbx_SG_project.full_name_of_center   'Midwest Center for Structural Genomics' 
_pdbx_SG_project.initial_of_center     MCSG 
# 
_pdbx_database_remark.id     999 
_pdbx_database_remark.text   
;SEQUENCE
The authors state that According to the 
density, the residue at position 110 is 
valine and the residue at position 159 is ile.
;
# 
loop_
_pdbx_unobs_or_zero_occ_residues.id 
_pdbx_unobs_or_zero_occ_residues.PDB_model_num 
_pdbx_unobs_or_zero_occ_residues.polymer_flag 
_pdbx_unobs_or_zero_occ_residues.occupancy_flag 
_pdbx_unobs_or_zero_occ_residues.auth_asym_id 
_pdbx_unobs_or_zero_occ_residues.auth_comp_id 
_pdbx_unobs_or_zero_occ_residues.auth_seq_id 
_pdbx_unobs_or_zero_occ_residues.PDB_ins_code 
_pdbx_unobs_or_zero_occ_residues.label_asym_id 
_pdbx_unobs_or_zero_occ_residues.label_comp_id 
_pdbx_unobs_or_zero_occ_residues.label_seq_id 
1  1 Y 1 A MET 1   ? A MET 1   
2  1 Y 1 A PHE 2   ? A PHE 2   
3  1 Y 1 A THR 3   ? A THR 3   
4  1 Y 1 A ARG 4   ? A ARG 4   
5  1 Y 1 A ARG 5   ? A ARG 5   
6  1 Y 1 A GLY 6   ? A GLY 6   
7  1 Y 1 A ASP 7   ? A ASP 7   
8  1 Y 1 A GLN 8   ? A GLN 8   
9  1 Y 1 A GLY 9   ? A GLY 9   
10 1 Y 1 A GLU 10  ? A GLU 10  
11 1 Y 1 A THR 11  ? A THR 11  
12 1 Y 1 A ASP 12  ? A ASP 12  
13 1 Y 1 A LEU 13  ? A LEU 13  
14 1 Y 1 A ALA 14  ? A ALA 14  
15 1 Y 1 A ASN 15  ? A ASN 15  
16 1 Y 1 A ARG 16  ? A ARG 16  
17 1 Y 1 A ALA 17  ? A ALA 17  
18 1 Y 1 A ARG 18  ? A ARG 18  
19 1 Y 1 A VAL 19  ? A VAL 19  
20 1 Y 1 A GLY 20  ? A GLY 20  
21 1 Y 1 A LYS 21  ? A LYS 21  
22 1 Y 1 A ASP 22  ? A ASP 22  
23 1 Y 1 A SER 172 ? A SER 172 
24 1 Y 1 A ILE 173 ? A ILE 173 
25 1 Y 1 A HIS 174 ? A HIS 174 
26 1 Y 1 A ARG 175 ? A ARG 175 
27 1 Y 1 A VAL 176 ? A VAL 176 
28 1 Y 1 A SER 177 ? A SER 177 
# 
loop_
_chem_comp_atom.comp_id 
_chem_comp_atom.atom_id 
_chem_comp_atom.type_symbol 
_chem_comp_atom.pdbx_aromatic_flag 
_chem_comp_atom.pdbx_stereo_config 
_chem_comp_atom.pdbx_ordinal 
ALA N    N N N 1   
ALA CA   C N S 2   
ALA C    C N N 3   
ALA O    O N N 4   
ALA CB   C N N 5   
ALA OXT  O N N 6   
ALA H    H N N 7   
ALA H2   H N N 8   
ALA HA   H N N 9   
ALA HB1  H N N 10  
ALA HB2  H N N 11  
ALA HB3  H N N 12  
ALA HXT  H N N 13  
ARG N    N N N 14  
ARG CA   C N S 15  
ARG C    C N N 16  
ARG O    O N N 17  
ARG CB   C N N 18  
ARG CG   C N N 19  
ARG CD   C N N 20  
ARG NE   N N N 21  
ARG CZ   C N N 22  
ARG NH1  N N N 23  
ARG NH2  N N N 24  
ARG OXT  O N N 25  
ARG H    H N N 26  
ARG H2   H N N 27  
ARG HA   H N N 28  
ARG HB2  H N N 29  
ARG HB3  H N N 30  
ARG HG2  H N N 31  
ARG HG3  H N N 32  
ARG HD2  H N N 33  
ARG HD3  H N N 34  
ARG HE   H N N 35  
ARG HH11 H N N 36  
ARG HH12 H N N 37  
ARG HH21 H N N 38  
ARG HH22 H N N 39  
ARG HXT  H N N 40  
ASN N    N N N 41  
ASN CA   C N S 42  
ASN C    C N N 43  
ASN O    O N N 44  
ASN CB   C N N 45  
ASN CG   C N N 46  
ASN OD1  O N N 47  
ASN ND2  N N N 48  
ASN OXT  O N N 49  
ASN H    H N N 50  
ASN H2   H N N 51  
ASN HA   H N N 52  
ASN HB2  H N N 53  
ASN HB3  H N N 54  
ASN HD21 H N N 55  
ASN HD22 H N N 56  
ASN HXT  H N N 57  
ASP N    N N N 58  
ASP CA   C N S 59  
ASP C    C N N 60  
ASP O    O N N 61  
ASP CB   C N N 62  
ASP CG   C N N 63  
ASP OD1  O N N 64  
ASP OD2  O N N 65  
ASP OXT  O N N 66  
ASP H    H N N 67  
ASP H2   H N N 68  
ASP HA   H N N 69  
ASP HB2  H N N 70  
ASP HB3  H N N 71  
ASP HD2  H N N 72  
ASP HXT  H N N 73  
GLN N    N N N 74  
GLN CA   C N S 75  
GLN C    C N N 76  
GLN O    O N N 77  
GLN CB   C N N 78  
GLN CG   C N N 79  
GLN CD   C N N 80  
GLN OE1  O N N 81  
GLN NE2  N N N 82  
GLN OXT  O N N 83  
GLN H    H N N 84  
GLN H2   H N N 85  
GLN HA   H N N 86  
GLN HB2  H N N 87  
GLN HB3  H N N 88  
GLN HG2  H N N 89  
GLN HG3  H N N 90  
GLN HE21 H N N 91  
GLN HE22 H N N 92  
GLN HXT  H N N 93  
GLU N    N N N 94  
GLU CA   C N S 95  
GLU C    C N N 96  
GLU O    O N N 97  
GLU CB   C N N 98  
GLU CG   C N N 99  
GLU CD   C N N 100 
GLU OE1  O N N 101 
GLU OE2  O N N 102 
GLU OXT  O N N 103 
GLU H    H N N 104 
GLU H2   H N N 105 
GLU HA   H N N 106 
GLU HB2  H N N 107 
GLU HB3  H N N 108 
GLU HG2  H N N 109 
GLU HG3  H N N 110 
GLU HE2  H N N 111 
GLU HXT  H N N 112 
GLY N    N N N 113 
GLY CA   C N N 114 
GLY C    C N N 115 
GLY O    O N N 116 
GLY OXT  O N N 117 
GLY H    H N N 118 
GLY H2   H N N 119 
GLY HA2  H N N 120 
GLY HA3  H N N 121 
GLY HXT  H N N 122 
HIS N    N N N 123 
HIS CA   C N S 124 
HIS C    C N N 125 
HIS O    O N N 126 
HIS CB   C N N 127 
HIS CG   C Y N 128 
HIS ND1  N Y N 129 
HIS CD2  C Y N 130 
HIS CE1  C Y N 131 
HIS NE2  N Y N 132 
HIS OXT  O N N 133 
HIS H    H N N 134 
HIS H2   H N N 135 
HIS HA   H N N 136 
HIS HB2  H N N 137 
HIS HB3  H N N 138 
HIS HD1  H N N 139 
HIS HD2  H N N 140 
HIS HE1  H N N 141 
HIS HE2  H N N 142 
HIS HXT  H N N 143 
HOH O    O N N 144 
HOH H1   H N N 145 
HOH H2   H N N 146 
ILE N    N N N 147 
ILE CA   C N S 148 
ILE C    C N N 149 
ILE O    O N N 150 
ILE CB   C N S 151 
ILE CG1  C N N 152 
ILE CG2  C N N 153 
ILE CD1  C N N 154 
ILE OXT  O N N 155 
ILE H    H N N 156 
ILE H2   H N N 157 
ILE HA   H N N 158 
ILE HB   H N N 159 
ILE HG12 H N N 160 
ILE HG13 H N N 161 
ILE HG21 H N N 162 
ILE HG22 H N N 163 
ILE HG23 H N N 164 
ILE HD11 H N N 165 
ILE HD12 H N N 166 
ILE HD13 H N N 167 
ILE HXT  H N N 168 
LEU N    N N N 169 
LEU CA   C N S 170 
LEU C    C N N 171 
LEU O    O N N 172 
LEU CB   C N N 173 
LEU CG   C N N 174 
LEU CD1  C N N 175 
LEU CD2  C N N 176 
LEU OXT  O N N 177 
LEU H    H N N 178 
LEU H2   H N N 179 
LEU HA   H N N 180 
LEU HB2  H N N 181 
LEU HB3  H N N 182 
LEU HG   H N N 183 
LEU HD11 H N N 184 
LEU HD12 H N N 185 
LEU HD13 H N N 186 
LEU HD21 H N N 187 
LEU HD22 H N N 188 
LEU HD23 H N N 189 
LEU HXT  H N N 190 
LYS N    N N N 191 
LYS CA   C N S 192 
LYS C    C N N 193 
LYS O    O N N 194 
LYS CB   C N N 195 
LYS CG   C N N 196 
LYS CD   C N N 197 
LYS CE   C N N 198 
LYS NZ   N N N 199 
LYS OXT  O N N 200 
LYS H    H N N 201 
LYS H2   H N N 202 
LYS HA   H N N 203 
LYS HB2  H N N 204 
LYS HB3  H N N 205 
LYS HG2  H N N 206 
LYS HG3  H N N 207 
LYS HD2  H N N 208 
LYS HD3  H N N 209 
LYS HE2  H N N 210 
LYS HE3  H N N 211 
LYS HZ1  H N N 212 
LYS HZ2  H N N 213 
LYS HZ3  H N N 214 
LYS HXT  H N N 215 
MET N    N N N 216 
MET CA   C N S 217 
MET C    C N N 218 
MET O    O N N 219 
MET CB   C N N 220 
MET CG   C N N 221 
MET SD   S N N 222 
MET CE   C N N 223 
MET OXT  O N N 224 
MET H    H N N 225 
MET H2   H N N 226 
MET HA   H N N 227 
MET HB2  H N N 228 
MET HB3  H N N 229 
MET HG2  H N N 230 
MET HG3  H N N 231 
MET HE1  H N N 232 
MET HE2  H N N 233 
MET HE3  H N N 234 
MET HXT  H N N 235 
PHE N    N N N 236 
PHE CA   C N S 237 
PHE C    C N N 238 
PHE O    O N N 239 
PHE CB   C N N 240 
PHE CG   C Y N 241 
PHE CD1  C Y N 242 
PHE CD2  C Y N 243 
PHE CE1  C Y N 244 
PHE CE2  C Y N 245 
PHE CZ   C Y N 246 
PHE OXT  O N N 247 
PHE H    H N N 248 
PHE H2   H N N 249 
PHE HA   H N N 250 
PHE HB2  H N N 251 
PHE HB3  H N N 252 
PHE HD1  H N N 253 
PHE HD2  H N N 254 
PHE HE1  H N N 255 
PHE HE2  H N N 256 
PHE HZ   H N N 257 
PHE HXT  H N N 258 
PRO N    N N N 259 
PRO CA   C N S 260 
PRO C    C N N 261 
PRO O    O N N 262 
PRO CB   C N N 263 
PRO CG   C N N 264 
PRO CD   C N N 265 
PRO OXT  O N N 266 
PRO H    H N N 267 
PRO HA   H N N 268 
PRO HB2  H N N 269 
PRO HB3  H N N 270 
PRO HG2  H N N 271 
PRO HG3  H N N 272 
PRO HD2  H N N 273 
PRO HD3  H N N 274 
PRO HXT  H N N 275 
SER N    N N N 276 
SER CA   C N S 277 
SER C    C N N 278 
SER O    O N N 279 
SER CB   C N N 280 
SER OG   O N N 281 
SER OXT  O N N 282 
SER H    H N N 283 
SER H2   H N N 284 
SER HA   H N N 285 
SER HB2  H N N 286 
SER HB3  H N N 287 
SER HG   H N N 288 
SER HXT  H N N 289 
THR N    N N N 290 
THR CA   C N S 291 
THR C    C N N 292 
THR O    O N N 293 
THR CB   C N R 294 
THR OG1  O N N 295 
THR CG2  C N N 296 
THR OXT  O N N 297 
THR H    H N N 298 
THR H2   H N N 299 
THR HA   H N N 300 
THR HB   H N N 301 
THR HG1  H N N 302 
THR HG21 H N N 303 
THR HG22 H N N 304 
THR HG23 H N N 305 
THR HXT  H N N 306 
TRP N    N N N 307 
TRP CA   C N S 308 
TRP C    C N N 309 
TRP O    O N N 310 
TRP CB   C N N 311 
TRP CG   C Y N 312 
TRP CD1  C Y N 313 
TRP CD2  C Y N 314 
TRP NE1  N Y N 315 
TRP CE2  C Y N 316 
TRP CE3  C Y N 317 
TRP CZ2  C Y N 318 
TRP CZ3  C Y N 319 
TRP CH2  C Y N 320 
TRP OXT  O N N 321 
TRP H    H N N 322 
TRP H2   H N N 323 
TRP HA   H N N 324 
TRP HB2  H N N 325 
TRP HB3  H N N 326 
TRP HD1  H N N 327 
TRP HE1  H N N 328 
TRP HE3  H N N 329 
TRP HZ2  H N N 330 
TRP HZ3  H N N 331 
TRP HH2  H N N 332 
TRP HXT  H N N 333 
TYR N    N N N 334 
TYR CA   C N S 335 
TYR C    C N N 336 
TYR O    O N N 337 
TYR CB   C N N 338 
TYR CG   C Y N 339 
TYR CD1  C Y N 340 
TYR CD2  C Y N 341 
TYR CE1  C Y N 342 
TYR CE2  C Y N 343 
TYR CZ   C Y N 344 
TYR OH   O N N 345 
TYR OXT  O N N 346 
TYR H    H N N 347 
TYR H2   H N N 348 
TYR HA   H N N 349 
TYR HB2  H N N 350 
TYR HB3  H N N 351 
TYR HD1  H N N 352 
TYR HD2  H N N 353 
TYR HE1  H N N 354 
TYR HE2  H N N 355 
TYR HH   H N N 356 
TYR HXT  H N N 357 
VAL N    N N N 358 
VAL CA   C N S 359 
VAL C    C N N 360 
VAL O    O N N 361 
VAL CB   C N N 362 
VAL CG1  C N N 363 
VAL CG2  C N N 364 
VAL OXT  O N N 365 
VAL H    H N N 366 
VAL H2   H N N 367 
VAL HA   H N N 368 
VAL HB   H N N 369 
VAL HG11 H N N 370 
VAL HG12 H N N 371 
VAL HG13 H N N 372 
VAL HG21 H N N 373 
VAL HG22 H N N 374 
VAL HG23 H N N 375 
VAL HXT  H N N 376 
# 
loop_
_chem_comp_bond.comp_id 
_chem_comp_bond.atom_id_1 
_chem_comp_bond.atom_id_2 
_chem_comp_bond.value_order 
_chem_comp_bond.pdbx_aromatic_flag 
_chem_comp_bond.pdbx_stereo_config 
_chem_comp_bond.pdbx_ordinal 
ALA N   CA   sing N N 1   
ALA N   H    sing N N 2   
ALA N   H2   sing N N 3   
ALA CA  C    sing N N 4   
ALA CA  CB   sing N N 5   
ALA CA  HA   sing N N 6   
ALA C   O    doub N N 7   
ALA C   OXT  sing N N 8   
ALA CB  HB1  sing N N 9   
ALA CB  HB2  sing N N 10  
ALA CB  HB3  sing N N 11  
ALA OXT HXT  sing N N 12  
ARG N   CA   sing N N 13  
ARG N   H    sing N N 14  
ARG N   H2   sing N N 15  
ARG CA  C    sing N N 16  
ARG CA  CB   sing N N 17  
ARG CA  HA   sing N N 18  
ARG C   O    doub N N 19  
ARG C   OXT  sing N N 20  
ARG CB  CG   sing N N 21  
ARG CB  HB2  sing N N 22  
ARG CB  HB3  sing N N 23  
ARG CG  CD   sing N N 24  
ARG CG  HG2  sing N N 25  
ARG CG  HG3  sing N N 26  
ARG CD  NE   sing N N 27  
ARG CD  HD2  sing N N 28  
ARG CD  HD3  sing N N 29  
ARG NE  CZ   sing N N 30  
ARG NE  HE   sing N N 31  
ARG CZ  NH1  sing N N 32  
ARG CZ  NH2  doub N N 33  
ARG NH1 HH11 sing N N 34  
ARG NH1 HH12 sing N N 35  
ARG NH2 HH21 sing N N 36  
ARG NH2 HH22 sing N N 37  
ARG OXT HXT  sing N N 38  
ASN N   CA   sing N N 39  
ASN N   H    sing N N 40  
ASN N   H2   sing N N 41  
ASN CA  C    sing N N 42  
ASN CA  CB   sing N N 43  
ASN CA  HA   sing N N 44  
ASN C   O    doub N N 45  
ASN C   OXT  sing N N 46  
ASN CB  CG   sing N N 47  
ASN CB  HB2  sing N N 48  
ASN CB  HB3  sing N N 49  
ASN CG  OD1  doub N N 50  
ASN CG  ND2  sing N N 51  
ASN ND2 HD21 sing N N 52  
ASN ND2 HD22 sing N N 53  
ASN OXT HXT  sing N N 54  
ASP N   CA   sing N N 55  
ASP N   H    sing N N 56  
ASP N   H2   sing N N 57  
ASP CA  C    sing N N 58  
ASP CA  CB   sing N N 59  
ASP CA  HA   sing N N 60  
ASP C   O    doub N N 61  
ASP C   OXT  sing N N 62  
ASP CB  CG   sing N N 63  
ASP CB  HB2  sing N N 64  
ASP CB  HB3  sing N N 65  
ASP CG  OD1  doub N N 66  
ASP CG  OD2  sing N N 67  
ASP OD2 HD2  sing N N 68  
ASP OXT HXT  sing N N 69  
GLN N   CA   sing N N 70  
GLN N   H    sing N N 71  
GLN N   H2   sing N N 72  
GLN CA  C    sing N N 73  
GLN CA  CB   sing N N 74  
GLN CA  HA   sing N N 75  
GLN C   O    doub N N 76  
GLN C   OXT  sing N N 77  
GLN CB  CG   sing N N 78  
GLN CB  HB2  sing N N 79  
GLN CB  HB3  sing N N 80  
GLN CG  CD   sing N N 81  
GLN CG  HG2  sing N N 82  
GLN CG  HG3  sing N N 83  
GLN CD  OE1  doub N N 84  
GLN CD  NE2  sing N N 85  
GLN NE2 HE21 sing N N 86  
GLN NE2 HE22 sing N N 87  
GLN OXT HXT  sing N N 88  
GLU N   CA   sing N N 89  
GLU N   H    sing N N 90  
GLU N   H2   sing N N 91  
GLU CA  C    sing N N 92  
GLU CA  CB   sing N N 93  
GLU CA  HA   sing N N 94  
GLU C   O    doub N N 95  
GLU C   OXT  sing N N 96  
GLU CB  CG   sing N N 97  
GLU CB  HB2  sing N N 98  
GLU CB  HB3  sing N N 99  
GLU CG  CD   sing N N 100 
GLU CG  HG2  sing N N 101 
GLU CG  HG3  sing N N 102 
GLU CD  OE1  doub N N 103 
GLU CD  OE2  sing N N 104 
GLU OE2 HE2  sing N N 105 
GLU OXT HXT  sing N N 106 
GLY N   CA   sing N N 107 
GLY N   H    sing N N 108 
GLY N   H2   sing N N 109 
GLY CA  C    sing N N 110 
GLY CA  HA2  sing N N 111 
GLY CA  HA3  sing N N 112 
GLY C   O    doub N N 113 
GLY C   OXT  sing N N 114 
GLY OXT HXT  sing N N 115 
HIS N   CA   sing N N 116 
HIS N   H    sing N N 117 
HIS N   H2   sing N N 118 
HIS CA  C    sing N N 119 
HIS CA  CB   sing N N 120 
HIS CA  HA   sing N N 121 
HIS C   O    doub N N 122 
HIS C   OXT  sing N N 123 
HIS CB  CG   sing N N 124 
HIS CB  HB2  sing N N 125 
HIS CB  HB3  sing N N 126 
HIS CG  ND1  sing Y N 127 
HIS CG  CD2  doub Y N 128 
HIS ND1 CE1  doub Y N 129 
HIS ND1 HD1  sing N N 130 
HIS CD2 NE2  sing Y N 131 
HIS CD2 HD2  sing N N 132 
HIS CE1 NE2  sing Y N 133 
HIS CE1 HE1  sing N N 134 
HIS NE2 HE2  sing N N 135 
HIS OXT HXT  sing N N 136 
HOH O   H1   sing N N 137 
HOH O   H2   sing N N 138 
ILE N   CA   sing N N 139 
ILE N   H    sing N N 140 
ILE N   H2   sing N N 141 
ILE CA  C    sing N N 142 
ILE CA  CB   sing N N 143 
ILE CA  HA   sing N N 144 
ILE C   O    doub N N 145 
ILE C   OXT  sing N N 146 
ILE CB  CG1  sing N N 147 
ILE CB  CG2  sing N N 148 
ILE CB  HB   sing N N 149 
ILE CG1 CD1  sing N N 150 
ILE CG1 HG12 sing N N 151 
ILE CG1 HG13 sing N N 152 
ILE CG2 HG21 sing N N 153 
ILE CG2 HG22 sing N N 154 
ILE CG2 HG23 sing N N 155 
ILE CD1 HD11 sing N N 156 
ILE CD1 HD12 sing N N 157 
ILE CD1 HD13 sing N N 158 
ILE OXT HXT  sing N N 159 
LEU N   CA   sing N N 160 
LEU N   H    sing N N 161 
LEU N   H2   sing N N 162 
LEU CA  C    sing N N 163 
LEU CA  CB   sing N N 164 
LEU CA  HA   sing N N 165 
LEU C   O    doub N N 166 
LEU C   OXT  sing N N 167 
LEU CB  CG   sing N N 168 
LEU CB  HB2  sing N N 169 
LEU CB  HB3  sing N N 170 
LEU CG  CD1  sing N N 171 
LEU CG  CD2  sing N N 172 
LEU CG  HG   sing N N 173 
LEU CD1 HD11 sing N N 174 
LEU CD1 HD12 sing N N 175 
LEU CD1 HD13 sing N N 176 
LEU CD2 HD21 sing N N 177 
LEU CD2 HD22 sing N N 178 
LEU CD2 HD23 sing N N 179 
LEU OXT HXT  sing N N 180 
LYS N   CA   sing N N 181 
LYS N   H    sing N N 182 
LYS N   H2   sing N N 183 
LYS CA  C    sing N N 184 
LYS CA  CB   sing N N 185 
LYS CA  HA   sing N N 186 
LYS C   O    doub N N 187 
LYS C   OXT  sing N N 188 
LYS CB  CG   sing N N 189 
LYS CB  HB2  sing N N 190 
LYS CB  HB3  sing N N 191 
LYS CG  CD   sing N N 192 
LYS CG  HG2  sing N N 193 
LYS CG  HG3  sing N N 194 
LYS CD  CE   sing N N 195 
LYS CD  HD2  sing N N 196 
LYS CD  HD3  sing N N 197 
LYS CE  NZ   sing N N 198 
LYS CE  HE2  sing N N 199 
LYS CE  HE3  sing N N 200 
LYS NZ  HZ1  sing N N 201 
LYS NZ  HZ2  sing N N 202 
LYS NZ  HZ3  sing N N 203 
LYS OXT HXT  sing N N 204 
MET N   CA   sing N N 205 
MET N   H    sing N N 206 
MET N   H2   sing N N 207 
MET CA  C    sing N N 208 
MET CA  CB   sing N N 209 
MET CA  HA   sing N N 210 
MET C   O    doub N N 211 
MET C   OXT  sing N N 212 
MET CB  CG   sing N N 213 
MET CB  HB2  sing N N 214 
MET CB  HB3  sing N N 215 
MET CG  SD   sing N N 216 
MET CG  HG2  sing N N 217 
MET CG  HG3  sing N N 218 
MET SD  CE   sing N N 219 
MET CE  HE1  sing N N 220 
MET CE  HE2  sing N N 221 
MET CE  HE3  sing N N 222 
MET OXT HXT  sing N N 223 
PHE N   CA   sing N N 224 
PHE N   H    sing N N 225 
PHE N   H2   sing N N 226 
PHE CA  C    sing N N 227 
PHE CA  CB   sing N N 228 
PHE CA  HA   sing N N 229 
PHE C   O    doub N N 230 
PHE C   OXT  sing N N 231 
PHE CB  CG   sing N N 232 
PHE CB  HB2  sing N N 233 
PHE CB  HB3  sing N N 234 
PHE CG  CD1  doub Y N 235 
PHE CG  CD2  sing Y N 236 
PHE CD1 CE1  sing Y N 237 
PHE CD1 HD1  sing N N 238 
PHE CD2 CE2  doub Y N 239 
PHE CD2 HD2  sing N N 240 
PHE CE1 CZ   doub Y N 241 
PHE CE1 HE1  sing N N 242 
PHE CE2 CZ   sing Y N 243 
PHE CE2 HE2  sing N N 244 
PHE CZ  HZ   sing N N 245 
PHE OXT HXT  sing N N 246 
PRO N   CA   sing N N 247 
PRO N   CD   sing N N 248 
PRO N   H    sing N N 249 
PRO CA  C    sing N N 250 
PRO CA  CB   sing N N 251 
PRO CA  HA   sing N N 252 
PRO C   O    doub N N 253 
PRO C   OXT  sing N N 254 
PRO CB  CG   sing N N 255 
PRO CB  HB2  sing N N 256 
PRO CB  HB3  sing N N 257 
PRO CG  CD   sing N N 258 
PRO CG  HG2  sing N N 259 
PRO CG  HG3  sing N N 260 
PRO CD  HD2  sing N N 261 
PRO CD  HD3  sing N N 262 
PRO OXT HXT  sing N N 263 
SER N   CA   sing N N 264 
SER N   H    sing N N 265 
SER N   H2   sing N N 266 
SER CA  C    sing N N 267 
SER CA  CB   sing N N 268 
SER CA  HA   sing N N 269 
SER C   O    doub N N 270 
SER C   OXT  sing N N 271 
SER CB  OG   sing N N 272 
SER CB  HB2  sing N N 273 
SER CB  HB3  sing N N 274 
SER OG  HG   sing N N 275 
SER OXT HXT  sing N N 276 
THR N   CA   sing N N 277 
THR N   H    sing N N 278 
THR N   H2   sing N N 279 
THR CA  C    sing N N 280 
THR CA  CB   sing N N 281 
THR CA  HA   sing N N 282 
THR C   O    doub N N 283 
THR C   OXT  sing N N 284 
THR CB  OG1  sing N N 285 
THR CB  CG2  sing N N 286 
THR CB  HB   sing N N 287 
THR OG1 HG1  sing N N 288 
THR CG2 HG21 sing N N 289 
THR CG2 HG22 sing N N 290 
THR CG2 HG23 sing N N 291 
THR OXT HXT  sing N N 292 
TRP N   CA   sing N N 293 
TRP N   H    sing N N 294 
TRP N   H2   sing N N 295 
TRP CA  C    sing N N 296 
TRP CA  CB   sing N N 297 
TRP CA  HA   sing N N 298 
TRP C   O    doub N N 299 
TRP C   OXT  sing N N 300 
TRP CB  CG   sing N N 301 
TRP CB  HB2  sing N N 302 
TRP CB  HB3  sing N N 303 
TRP CG  CD1  doub Y N 304 
TRP CG  CD2  sing Y N 305 
TRP CD1 NE1  sing Y N 306 
TRP CD1 HD1  sing N N 307 
TRP CD2 CE2  doub Y N 308 
TRP CD2 CE3  sing Y N 309 
TRP NE1 CE2  sing Y N 310 
TRP NE1 HE1  sing N N 311 
TRP CE2 CZ2  sing Y N 312 
TRP CE3 CZ3  doub Y N 313 
TRP CE3 HE3  sing N N 314 
TRP CZ2 CH2  doub Y N 315 
TRP CZ2 HZ2  sing N N 316 
TRP CZ3 CH2  sing Y N 317 
TRP CZ3 HZ3  sing N N 318 
TRP CH2 HH2  sing N N 319 
TRP OXT HXT  sing N N 320 
TYR N   CA   sing N N 321 
TYR N   H    sing N N 322 
TYR N   H2   sing N N 323 
TYR CA  C    sing N N 324 
TYR CA  CB   sing N N 325 
TYR CA  HA   sing N N 326 
TYR C   O    doub N N 327 
TYR C   OXT  sing N N 328 
TYR CB  CG   sing N N 329 
TYR CB  HB2  sing N N 330 
TYR CB  HB3  sing N N 331 
TYR CG  CD1  doub Y N 332 
TYR CG  CD2  sing Y N 333 
TYR CD1 CE1  sing Y N 334 
TYR CD1 HD1  sing N N 335 
TYR CD2 CE2  doub Y N 336 
TYR CD2 HD2  sing N N 337 
TYR CE1 CZ   doub Y N 338 
TYR CE1 HE1  sing N N 339 
TYR CE2 CZ   sing Y N 340 
TYR CE2 HE2  sing N N 341 
TYR CZ  OH   sing N N 342 
TYR OH  HH   sing N N 343 
TYR OXT HXT  sing N N 344 
VAL N   CA   sing N N 345 
VAL N   H    sing N N 346 
VAL N   H2   sing N N 347 
VAL CA  C    sing N N 348 
VAL CA  CB   sing N N 349 
VAL CA  HA   sing N N 350 
VAL C   O    doub N N 351 
VAL C   OXT  sing N N 352 
VAL CB  CG1  sing N N 353 
VAL CB  CG2  sing N N 354 
VAL CB  HB   sing N N 355 
VAL CG1 HG11 sing N N 356 
VAL CG1 HG12 sing N N 357 
VAL CG1 HG13 sing N N 358 
VAL CG2 HG21 sing N N 359 
VAL CG2 HG22 sing N N 360 
VAL CG2 HG23 sing N N 361 
VAL OXT HXT  sing N N 362 
# 
_atom_sites.entry_id                    1NOG 
_atom_sites.fract_transf_matrix[1][1]   -0.01085036 
_atom_sites.fract_transf_matrix[1][2]   0.00287406 
_atom_sites.fract_transf_matrix[1][3]   -0.00018044 
_atom_sites.fract_transf_matrix[2][1]   0.00059657 
_atom_sites.fract_transf_matrix[2][2]   0.00293151 
_atom_sites.fract_transf_matrix[2][3]   0.01082005 
_atom_sites.fract_transf_matrix[3][1]   0.00281725 
_atom_sites.fract_transf_matrix[3][2]   0.01044840 
_atom_sites.fract_transf_matrix[3][3]   -0.00298615 
_atom_sites.fract_transf_vector[1]      0.607076 
_atom_sites.fract_transf_vector[2]      0.833823 
_atom_sites.fract_transf_vector[3]      0.304923 
# 
loop_
_atom_type.symbol 
C 
N 
O 
S 
# 
loop_
_atom_site.group_PDB 
_atom_site.id 
_atom_site.type_symbol 
_atom_site.label_atom_id 
_atom_site.label_alt_id 
_atom_site.label_comp_id 
_atom_site.label_asym_id 
_atom_site.label_entity_id 
_atom_site.label_seq_id 
_atom_site.pdbx_PDB_ins_code 
_atom_site.Cartn_x 
_atom_site.Cartn_y 
_atom_site.Cartn_z 
_atom_site.occupancy 
_atom_site.B_iso_or_equiv 
_atom_site.pdbx_formal_charge 
_atom_site.auth_seq_id 
_atom_site.auth_comp_id 
_atom_site.auth_asym_id 
_atom_site.auth_atom_id 
_atom_site.pdbx_PDB_model_num 
ATOM   1    N N   . SER A 1 23  ? -15.400 -13.710 3.791   1.00 48.00 ? 23   SER A N   1 
ATOM   2    C CA  . SER A 1 23  ? -16.577 -14.462 4.307   1.00 48.27 ? 23   SER A CA  1 
ATOM   3    C C   . SER A 1 23  ? -16.139 -15.691 5.106   1.00 47.31 ? 23   SER A C   1 
ATOM   4    O O   . SER A 1 23  ? -16.157 -16.813 4.599   1.00 48.59 ? 23   SER A O   1 
ATOM   5    C CB  . SER A 1 23  ? -17.473 -14.892 3.141   1.00 48.62 ? 23   SER A CB  1 
ATOM   6    O OG  . SER A 1 23  ? -18.643 -15.544 3.604   1.00 50.13 ? 23   SER A OG  1 
ATOM   7    N N   . PRO A 1 24  ? -15.726 -15.490 6.369   1.00 46.53 ? 24   PRO A N   1 
ATOM   8    C CA  . PRO A 1 24  ? -15.661 -14.187 7.038   1.00 45.07 ? 24   PRO A CA  1 
ATOM   9    C C   . PRO A 1 24  ? -14.422 -13.404 6.614   1.00 43.47 ? 24   PRO A C   1 
ATOM   10   O O   . PRO A 1 24  ? -14.436 -12.174 6.569   1.00 44.21 ? 24   PRO A O   1 
ATOM   11   C CB  . PRO A 1 24  ? -15.627 -14.566 8.512   1.00 45.30 ? 24   PRO A CB  1 
ATOM   12   C CG  . PRO A 1 24  ? -14.818 -15.821 8.493   1.00 45.81 ? 24   PRO A CG  1 
ATOM   13   C CD  . PRO A 1 24  ? -15.403 -16.575 7.313   1.00 45.99 ? 24   PRO A CD  1 
ATOM   14   N N   . VAL A 1 25  ? -13.353 -14.132 6.302   1.00 41.29 ? 25   VAL A N   1 
ATOM   15   C CA  . VAL A 1 25  ? -12.102 -13.518 5.879   1.00 38.37 ? 25   VAL A CA  1 
ATOM   16   C C   . VAL A 1 25  ? -11.842 -13.736 4.391   1.00 36.46 ? 25   VAL A C   1 
ATOM   17   O O   . VAL A 1 25  ? -10.827 -13.285 3.861   1.00 35.42 ? 25   VAL A O   1 
ATOM   18   C CB  . VAL A 1 25  ? -10.902 -14.087 6.669   1.00 38.83 ? 25   VAL A CB  1 
ATOM   19   C CG1 . VAL A 1 25  ? -11.070 -13.796 8.152   1.00 39.24 ? 25   VAL A CG1 1 
ATOM   20   C CG2 . VAL A 1 25  ? -10.780 -15.585 6.426   1.00 38.44 ? 25   VAL A CG2 1 
ATOM   21   N N   . VAL A 1 26  ? -12.754 -14.432 3.721   1.00 33.79 ? 26   VAL A N   1 
ATOM   22   C CA  . VAL A 1 26  ? -12.601 -14.690 2.295   1.00 32.33 ? 26   VAL A CA  1 
ATOM   23   C C   . VAL A 1 26  ? -12.585 -13.368 1.534   1.00 30.24 ? 26   VAL A C   1 
ATOM   24   O O   . VAL A 1 26  ? -11.874 -13.219 0.541   1.00 29.38 ? 26   VAL A O   1 
ATOM   25   C CB  . VAL A 1 26  ? -13.747 -15.580 1.757   1.00 33.17 ? 26   VAL A CB  1 
ATOM   26   C CG1 . VAL A 1 26  ? -13.602 -15.776 0.255   1.00 33.09 ? 26   VAL A CG1 1 
ATOM   27   C CG2 . VAL A 1 26  ? -13.726 -16.930 2.459   1.00 33.99 ? 26   VAL A CG2 1 
ATOM   28   N N   . GLU A 1 27  ? -13.367 -12.407 2.014   1.00 28.55 ? 27   GLU A N   1 
ATOM   29   C CA  . GLU A 1 27  ? -13.440 -11.092 1.391   1.00 28.04 ? 27   GLU A CA  1 
ATOM   30   C C   . GLU A 1 27  ? -12.106 -10.373 1.568   1.00 26.43 ? 27   GLU A C   1 
ATOM   31   O O   . GLU A 1 27  ? -11.623 -9.706  0.655   1.00 24.85 ? 27   GLU A O   1 
ATOM   32   C CB  . GLU A 1 27  ? -14.564 -10.273 2.029   1.00 30.25 ? 27   GLU A CB  1 
ATOM   33   C CG  . GLU A 1 27  ? -14.851 -8.951  1.347   1.00 33.18 ? 27   GLU A CG  1 
ATOM   34   C CD  . GLU A 1 27  ? -15.165 -9.107  -0.128  1.00 35.19 ? 27   GLU A CD  1 
ATOM   35   O OE1 . GLU A 1 27  ? -15.860 -10.079 -0.493  1.00 35.04 ? 27   GLU A OE1 1 
ATOM   36   O OE2 . GLU A 1 27  ? -14.728 -8.248  -0.921  1.00 37.57 ? 27   GLU A OE2 1 
ATOM   37   N N   . VAL A 1 28  ? -11.517 -10.508 2.752   1.00 23.99 ? 28   VAL A N   1 
ATOM   38   C CA  . VAL A 1 28  ? -10.231 -9.881  3.032   1.00 22.47 ? 28   VAL A CA  1 
ATOM   39   C C   . VAL A 1 28  ? -9.167  -10.517 2.145   1.00 22.10 ? 28   VAL A C   1 
ATOM   40   O O   . VAL A 1 28  ? -8.352  -9.819  1.539   1.00 20.26 ? 28   VAL A O   1 
ATOM   41   C CB  . VAL A 1 28  ? -9.831  -10.056 4.517   1.00 22.80 ? 28   VAL A CB  1 
ATOM   42   C CG1 . VAL A 1 28  ? -8.427  -9.506  4.756   1.00 22.11 ? 28   VAL A CG1 1 
ATOM   43   C CG2 . VAL A 1 28  ? -10.830 -9.337  5.404   1.00 22.65 ? 28   VAL A CG2 1 
ATOM   44   N N   . GLN A 1 29  ? -9.177  -11.844 2.069   1.00 22.09 ? 29   GLN A N   1 
ATOM   45   C CA  . GLN A 1 29  ? -8.211  -12.563 1.247   1.00 22.60 ? 29   GLN A CA  1 
ATOM   46   C C   . GLN A 1 29  ? -8.322  -12.134 -0.210  1.00 21.34 ? 29   GLN A C   1 
ATOM   47   O O   . GLN A 1 29  ? -7.315  -11.903 -0.882  1.00 19.96 ? 29   GLN A O   1 
ATOM   48   C CB  . GLN A 1 29  ? -8.437  -14.073 1.359   1.00 25.58 ? 29   GLN A CB  1 
ATOM   49   C CG  . GLN A 1 29  ? -8.187  -14.623 2.751   1.00 32.05 ? 29   GLN A CG  1 
ATOM   50   C CD  . GLN A 1 29  ? -6.735  -14.502 3.175   1.00 35.46 ? 29   GLN A CD  1 
ATOM   51   O OE1 . GLN A 1 29  ? -6.416  -14.591 4.360   1.00 39.24 ? 29   GLN A OE1 1 
ATOM   52   N NE2 . GLN A 1 29  ? -5.845  -14.309 2.205   1.00 36.39 ? 29   GLN A NE2 1 
ATOM   53   N N   . GLY A 1 30  ? -9.554  -12.026 -0.696  1.00 20.38 ? 30   GLY A N   1 
ATOM   54   C CA  . GLY A 1 30  ? -9.762  -11.620 -2.073  1.00 19.17 ? 30   GLY A CA  1 
ATOM   55   C C   . GLY A 1 30  ? -9.267  -10.212 -2.336  1.00 18.99 ? 30   GLY A C   1 
ATOM   56   O O   . GLY A 1 30  ? -8.731  -9.927  -3.409  1.00 19.02 ? 30   GLY A O   1 
ATOM   57   N N   . THR A 1 31  ? -9.449  -9.324  -1.363  1.00 16.94 ? 31   THR A N   1 
ATOM   58   C CA  . THR A 1 31  ? -9.018  -7.944  -1.517  1.00 16.49 ? 31   THR A CA  1 
ATOM   59   C C   . THR A 1 31  ? -7.497  -7.855  -1.485  1.00 15.43 ? 31   THR A C   1 
ATOM   60   O O   . THR A 1 31  ? -6.909  -7.020  -2.169  1.00 15.63 ? 31   THR A O   1 
ATOM   61   C CB  . THR A 1 31  ? -9.617  -7.049  -0.418  1.00 16.94 ? 31   THR A CB  1 
ATOM   62   O OG1 . THR A 1 31  ? -11.048 -7.178  -0.432  1.00 19.43 ? 31   THR A OG1 1 
ATOM   63   C CG2 . THR A 1 31  ? -9.248  -5.595  -0.654  1.00 19.07 ? 31   THR A CG2 1 
ATOM   64   N N   . ILE A 1 32  ? -6.863  -8.710  -0.688  1.00 15.56 ? 32   ILE A N   1 
ATOM   65   C CA  . ILE A 1 32  ? -5.403  -8.723  -0.623  1.00 15.04 ? 32   ILE A CA  1 
ATOM   66   C C   . ILE A 1 32  ? -4.902  -9.122  -2.008  1.00 15.98 ? 32   ILE A C   1 
ATOM   67   O O   . ILE A 1 32  ? -3.956  -8.537  -2.533  1.00 15.13 ? 32   ILE A O   1 
ATOM   68   C CB  . ILE A 1 32  ? -4.890  -9.747  0.411   1.00 16.16 ? 32   ILE A CB  1 
ATOM   69   C CG1 . ILE A 1 32  ? -5.264  -9.292  1.821   1.00 17.33 ? 32   ILE A CG1 1 
ATOM   70   C CG2 . ILE A 1 32  ? -3.377  -9.909  0.279   1.00 17.07 ? 32   ILE A CG2 1 
ATOM   71   C CD1 . ILE A 1 32  ? -4.952  -10.319 2.892   1.00 18.04 ? 32   ILE A CD1 1 
ATOM   72   N N   A ASP A 1 33  ? -5.551  -10.120 -2.602  0.25 15.34 ? 33   ASP A N   1 
ATOM   73   N N   B ASP A 1 33  ? -5.551  -10.121 -2.596  0.50 14.07 ? 33   ASP A N   1 
ATOM   74   C CA  A ASP A 1 33  ? -5.170  -10.591 -3.930  0.25 16.16 ? 33   ASP A CA  1 
ATOM   75   C CA  B ASP A 1 33  ? -5.187  -10.596 -3.924  0.50 15.21 ? 33   ASP A CA  1 
ATOM   76   C C   A ASP A 1 33  ? -5.313  -9.480  -4.965  0.25 15.18 ? 33   ASP A C   1 
ATOM   77   C C   B ASP A 1 33  ? -5.317  -9.486  -4.962  0.50 13.78 ? 33   ASP A C   1 
ATOM   78   O O   A ASP A 1 33  ? -4.424  -9.272  -5.791  0.25 14.83 ? 33   ASP A O   1 
ATOM   79   O O   B ASP A 1 33  ? -4.427  -9.285  -5.789  0.50 12.84 ? 33   ASP A O   1 
ATOM   80   C CB  A ASP A 1 33  ? -6.032  -11.786 -4.346  0.25 18.39 ? 33   ASP A CB  1 
ATOM   81   C CB  B ASP A 1 33  ? -6.081  -11.770 -4.319  0.50 18.25 ? 33   ASP A CB  1 
ATOM   82   C CG  A ASP A 1 33  ? -5.911  -12.954 -3.388  0.25 20.70 ? 33   ASP A CG  1 
ATOM   83   C CG  B ASP A 1 33  ? -5.968  -12.116 -5.785  0.50 22.32 ? 33   ASP A CG  1 
ATOM   84   O OD1 A ASP A 1 33  ? -4.771  -13.329 -3.046  0.25 22.17 ? 33   ASP A OD1 1 
ATOM   85   O OD1 B ASP A 1 33  ? -4.868  -12.511 -6.223  0.50 24.78 ? 33   ASP A OD1 1 
ATOM   86   O OD2 A ASP A 1 33  ? -6.957  -13.503 -2.983  0.25 22.69 ? 33   ASP A OD2 1 
ATOM   87   O OD2 B ASP A 1 33  ? -6.982  -11.980 -6.501  0.50 27.21 ? 33   ASP A OD2 1 
ATOM   88   N N   . GLU A 1 34  ? -6.436  -8.769  -4.919  1.00 14.82 ? 34   GLU A N   1 
ATOM   89   C CA  . GLU A 1 34  ? -6.673  -7.682  -5.858  1.00 14.22 ? 34   GLU A CA  1 
ATOM   90   C C   . GLU A 1 34  ? -5.610  -6.613  -5.671  1.00 13.27 ? 34   GLU A C   1 
ATOM   91   O O   . GLU A 1 34  ? -5.041  -6.117  -6.641  1.00 13.62 ? 34   GLU A O   1 
ATOM   92   C CB  . GLU A 1 34  ? -8.061  -7.065  -5.653  1.00 17.16 ? 34   GLU A CB  1 
ATOM   93   C CG  . GLU A 1 34  ? -8.470  -6.133  -6.785  1.00 21.68 ? 34   GLU A CG  1 
ATOM   94   C CD  . GLU A 1 34  ? -9.859  -5.562  -6.610  1.00 26.74 ? 34   GLU A CD  1 
ATOM   95   O OE1 . GLU A 1 34  ? -10.698 -6.230  -5.971  1.00 29.39 ? 34   GLU A OE1 1 
ATOM   96   O OE2 . GLU A 1 34  ? -10.116 -4.454  -7.126  1.00 28.91 ? 34   GLU A OE2 1 
ATOM   97   N N   . LEU A 1 35  ? -5.343  -6.257  -4.418  1.00 12.88 ? 35   LEU A N   1 
ATOM   98   C CA  . LEU A 1 35  ? -4.336  -5.246  -4.134  1.00 12.11 ? 35   LEU A CA  1 
ATOM   99   C C   . LEU A 1 35  ? -2.978  -5.672  -4.683  1.00 12.44 ? 35   LEU A C   1 
ATOM   100  O O   . LEU A 1 35  ? -2.277  -4.880  -5.314  1.00 12.28 ? 35   LEU A O   1 
ATOM   101  C CB  . LEU A 1 35  ? -4.233  -5.012  -2.624  1.00 12.72 ? 35   LEU A CB  1 
ATOM   102  C CG  . LEU A 1 35  ? -3.127  -4.062  -2.158  1.00 13.69 ? 35   LEU A CG  1 
ATOM   103  C CD1 . LEU A 1 35  ? -3.268  -2.701  -2.826  1.00 14.10 ? 35   LEU A CD1 1 
ATOM   104  C CD2 . LEU A 1 35  ? -3.203  -3.926  -0.648  1.00 14.74 ? 35   LEU A CD2 1 
ATOM   105  N N   . ASN A 1 36  ? -2.607  -6.926  -4.452  1.00 12.24 ? 36   ASN A N   1 
ATOM   106  C CA  . ASN A 1 36  ? -1.323  -7.411  -4.935  1.00 11.70 ? 36   ASN A CA  1 
ATOM   107  C C   . ASN A 1 36  ? -1.218  -7.246  -6.457  1.00 12.16 ? 36   ASN A C   1 
ATOM   108  O O   . ASN A 1 36  ? -0.158  -6.894  -6.978  1.00 12.00 ? 36   ASN A O   1 
ATOM   109  C CB  . ASN A 1 36  ? -1.126  -8.884  -4.552  1.00 13.72 ? 36   ASN A CB  1 
ATOM   110  C CG  . ASN A 1 36  ? 0.317   -9.204  -4.196  1.00 15.33 ? 36   ASN A CG  1 
ATOM   111  O OD1 . ASN A 1 36  ? 1.241   -8.531  -4.651  1.00 17.38 ? 36   ASN A OD1 1 
ATOM   112  N ND2 . ASN A 1 36  ? 0.517   -10.242 -3.389  1.00 16.89 ? 36   ASN A ND2 1 
ATOM   113  N N   A SER A 1 37  ? -2.317  -7.493  -7.162  0.25 10.67 ? 37   SER A N   1 
ATOM   114  N N   B SER A 1 37  ? -2.319  -7.490  -7.167  0.50 10.12 ? 37   SER A N   1 
ATOM   115  C CA  A SER A 1 37  ? -2.320  -7.363  -8.613  0.25 10.03 ? 37   SER A CA  1 
ATOM   116  C CA  B SER A 1 37  ? -2.314  -7.362  -8.622  0.50 9.98  ? 37   SER A CA  1 
ATOM   117  C C   A SER A 1 37  ? -2.150  -5.908  -9.043  0.25 10.61 ? 37   SER A C   1 
ATOM   118  C C   B SER A 1 37  ? -2.147  -5.905  -9.046  0.50 10.15 ? 37   SER A C   1 
ATOM   119  O O   A SER A 1 37  ? -1.462  -5.622  -10.024 0.25 9.91  ? 37   SER A O   1 
ATOM   120  O O   B SER A 1 37  ? -1.463  -5.612  -10.027 0.50 8.36  ? 37   SER A O   1 
ATOM   121  C CB  A SER A 1 37  ? -3.614  -7.939  -9.190  0.25 9.77  ? 37   SER A CB  1 
ATOM   122  C CB  B SER A 1 37  ? -3.602  -7.941  -9.228  0.50 10.43 ? 37   SER A CB  1 
ATOM   123  O OG  A SER A 1 37  ? -3.704  -9.328  -8.922  0.25 7.45  ? 37   SER A OG  1 
ATOM   124  O OG  B SER A 1 37  ? -4.731  -7.121  -8.969  0.50 12.80 ? 37   SER A OG  1 
ATOM   125  N N   . PHE A 1 38  ? -2.774  -4.990  -8.311  1.00 11.27 ? 38   PHE A N   1 
ATOM   126  C CA  . PHE A 1 38  ? -2.657  -3.566  -8.631  1.00 11.73 ? 38   PHE A CA  1 
ATOM   127  C C   . PHE A 1 38  ? -1.235  -3.084  -8.338  1.00 10.82 ? 38   PHE A C   1 
ATOM   128  O O   . PHE A 1 38  ? -0.701  -2.235  -9.056  1.00 12.72 ? 38   PHE A O   1 
ATOM   129  C CB  . PHE A 1 38  ? -3.659  -2.726  -7.826  1.00 12.28 ? 38   PHE A CB  1 
ATOM   130  C CG  . PHE A 1 38  ? -5.019  -2.624  -8.462  1.00 14.30 ? 38   PHE A CG  1 
ATOM   131  C CD1 . PHE A 1 38  ? -5.857  -3.734  -8.543  1.00 15.92 ? 38   PHE A CD1 1 
ATOM   132  C CD2 . PHE A 1 38  ? -5.460  -1.413  -8.985  1.00 15.95 ? 38   PHE A CD2 1 
ATOM   133  C CE1 . PHE A 1 38  ? -7.123  -3.637  -9.135  1.00 17.94 ? 38   PHE A CE1 1 
ATOM   134  C CE2 . PHE A 1 38  ? -6.722  -1.304  -9.579  1.00 17.82 ? 38   PHE A CE2 1 
ATOM   135  C CZ  . PHE A 1 38  ? -7.554  -2.418  -9.653  1.00 16.82 ? 38   PHE A CZ  1 
ATOM   136  N N   . ILE A 1 39  ? -0.629  -3.611  -7.277  1.00 11.93 ? 39   ILE A N   1 
ATOM   137  C CA  . ILE A 1 39  ? 0.738   -3.231  -6.935  1.00 12.63 ? 39   ILE A CA  1 
ATOM   138  C C   . ILE A 1 39  ? 1.682   -3.734  -8.027  1.00 13.28 ? 39   ILE A C   1 
ATOM   139  O O   . ILE A 1 39  ? 2.625   -3.040  -8.412  1.00 11.97 ? 39   ILE A O   1 
ATOM   140  C CB  . ILE A 1 39  ? 1.171   -3.832  -5.572  1.00 14.08 ? 39   ILE A CB  1 
ATOM   141  C CG1 . ILE A 1 39  ? 0.344   -3.217  -4.443  1.00 19.51 ? 39   ILE A CG1 1 
ATOM   142  C CG2 . ILE A 1 39  ? 2.663   -3.585  -5.336  1.00 14.67 ? 39   ILE A CG2 1 
ATOM   143  C CD1 . ILE A 1 39  ? 0.424   -1.726  -4.360  1.00 24.33 ? 39   ILE A CD1 1 
ATOM   144  N N   . GLY A 1 40  ? 1.426   -4.942  -8.527  1.00 12.23 ? 40   GLY A N   1 
ATOM   145  C CA  . GLY A 1 40  ? 2.268   -5.492  -9.577  1.00 11.58 ? 40   GLY A CA  1 
ATOM   146  C C   . GLY A 1 40  ? 2.220   -4.631  -10.822 1.00 11.64 ? 40   GLY A C   1 
ATOM   147  O O   . GLY A 1 40  ? 3.211   -4.495  -11.538 1.00 12.09 ? 40   GLY A O   1 
ATOM   148  N N   . TYR A 1 41  ? 1.055   -4.054  -11.086 1.00 11.75 ? 41   TYR A N   1 
ATOM   149  C CA  . TYR A 1 41  ? 0.875   -3.180  -12.236 1.00 12.65 ? 41   TYR A CA  1 
ATOM   150  C C   . TYR A 1 41  ? 1.685   -1.897  -12.016 1.00 12.24 ? 41   TYR A C   1 
ATOM   151  O O   . TYR A 1 41  ? 2.428   -1.457  -12.893 1.00 12.63 ? 41   TYR A O   1 
ATOM   152  C CB  . TYR A 1 41  ? -0.615  -2.852  -12.397 1.00 14.71 ? 41   TYR A CB  1 
ATOM   153  C CG  . TYR A 1 41  ? -0.953  -2.005  -13.600 1.00 18.94 ? 41   TYR A CG  1 
ATOM   154  C CD1 . TYR A 1 41  ? -0.659  -2.443  -14.890 1.00 22.12 ? 41   TYR A CD1 1 
ATOM   155  C CD2 . TYR A 1 41  ? -1.583  -0.770  -13.450 1.00 22.21 ? 41   TYR A CD2 1 
ATOM   156  C CE1 . TYR A 1 41  ? -0.986  -1.669  -16.009 1.00 26.41 ? 41   TYR A CE1 1 
ATOM   157  C CE2 . TYR A 1 41  ? -1.914  0.010   -14.559 1.00 25.07 ? 41   TYR A CE2 1 
ATOM   158  C CZ  . TYR A 1 41  ? -1.612  -0.445  -15.833 1.00 26.74 ? 41   TYR A CZ  1 
ATOM   159  O OH  . TYR A 1 41  ? -1.926  0.328   -16.931 1.00 29.57 ? 41   TYR A OH  1 
ATOM   160  N N   . ALA A 1 42  ? 1.544   -1.305  -10.833 1.00 10.78 ? 42   ALA A N   1 
ATOM   161  C CA  . ALA A 1 42  ? 2.272   -0.084  -10.512 1.00 10.73 ? 42   ALA A CA  1 
ATOM   162  C C   . ALA A 1 42  ? 3.780   -0.334  -10.571 1.00 11.34 ? 42   ALA A C   1 
ATOM   163  O O   . ALA A 1 42  ? 4.548   0.544   -10.971 1.00 12.30 ? 42   ALA A O   1 
ATOM   164  C CB  . ALA A 1 42  ? 1.869   0.406   -9.130  1.00 11.77 ? 42   ALA A CB  1 
ATOM   165  N N   A LEU A 1 43  ? 4.198   -1.532  -10.182 0.25 10.13 ? 43   LEU A N   1 
ATOM   166  N N   B LEU A 1 43  ? 4.198   -1.532  -10.178 0.50 8.06  ? 43   LEU A N   1 
ATOM   167  C CA  A LEU A 1 43  ? 5.615   -1.873  -10.186 0.25 10.43 ? 43   LEU A CA  1 
ATOM   168  C CA  B LEU A 1 43  ? 5.613   -1.883  -10.185 0.50 8.22  ? 43   LEU A CA  1 
ATOM   169  C C   A LEU A 1 43  ? 6.192   -1.875  -11.600 0.25 11.39 ? 43   LEU A C   1 
ATOM   170  C C   B LEU A 1 43  ? 6.183   -1.888  -11.601 0.50 8.90  ? 43   LEU A C   1 
ATOM   171  O O   A LEU A 1 43  ? 7.256   -1.303  -11.838 0.25 11.28 ? 43   LEU A O   1 
ATOM   172  O O   B LEU A 1 43  ? 7.255   -1.335  -11.848 0.50 8.51  ? 43   LEU A O   1 
ATOM   173  C CB  A LEU A 1 43  ? 5.833   -3.243  -9.531  0.25 9.94  ? 43   LEU A CB  1 
ATOM   174  C CB  B LEU A 1 43  ? 5.813   -3.256  -9.529  0.50 9.28  ? 43   LEU A CB  1 
ATOM   175  C CG  A LEU A 1 43  ? 7.256   -3.592  -9.076  0.25 10.71 ? 43   LEU A CG  1 
ATOM   176  C CG  B LEU A 1 43  ? 7.232   -3.825  -9.392  0.50 11.92 ? 43   LEU A CG  1 
ATOM   177  C CD1 A LEU A 1 43  ? 7.231   -4.913  -8.328  0.25 7.13  ? 43   LEU A CD1 1 
ATOM   178  C CD1 B LEU A 1 43  ? 7.749   -4.302  -10.737 0.50 15.82 ? 43   LEU A CD1 1 
ATOM   179  C CD2 A LEU A 1 43  ? 8.200   -3.673  -10.263 0.25 10.17 ? 43   LEU A CD2 1 
ATOM   180  C CD2 B LEU A 1 43  ? 8.148   -2.770  -8.798  0.50 13.13 ? 43   LEU A CD2 1 
ATOM   181  N N   A VAL A 1 44  ? 5.495   -2.508  -12.538 0.25 11.03 ? 44   VAL A N   1 
ATOM   182  N N   B VAL A 1 44  ? 5.466   -2.508  -12.531 0.50 7.85  ? 44   VAL A N   1 
ATOM   183  C CA  A VAL A 1 44  ? 5.987   -2.562  -13.910 0.25 12.01 ? 44   VAL A CA  1 
ATOM   184  C CA  B VAL A 1 44  ? 5.921   -2.568  -13.914 0.50 9.99  ? 44   VAL A CA  1 
ATOM   185  C C   A VAL A 1 44  ? 6.134   -1.161  -14.498 0.25 11.88 ? 44   VAL A C   1 
ATOM   186  C C   B VAL A 1 44  ? 6.124   -1.171  -14.488 0.50 10.03 ? 44   VAL A C   1 
ATOM   187  O O   A VAL A 1 44  ? 7.019   -0.919  -15.317 0.25 13.19 ? 44   VAL A O   1 
ATOM   188  O O   B VAL A 1 44  ? 7.038   -0.939  -15.276 0.50 12.58 ? 44   VAL A O   1 
ATOM   189  C CB  A VAL A 1 44  ? 5.061   -3.411  -14.821 0.25 12.82 ? 44   VAL A CB  1 
ATOM   190  C CB  B VAL A 1 44  ? 4.905   -3.323  -14.806 0.50 11.22 ? 44   VAL A CB  1 
ATOM   191  C CG1 A VAL A 1 44  ? 3.716   -2.734  -14.994 0.25 13.55 ? 44   VAL A CG1 1 
ATOM   192  C CG1 B VAL A 1 44  ? 5.316   -3.226  -16.271 0.50 13.47 ? 44   VAL A CG1 1 
ATOM   193  C CG2 A VAL A 1 44  ? 5.725   -3.632  -16.170 0.25 13.84 ? 44   VAL A CG2 1 
ATOM   194  C CG2 B VAL A 1 44  ? 4.821   -4.777  -14.378 0.50 13.91 ? 44   VAL A CG2 1 
ATOM   195  N N   . LEU A 1 45  ? 5.271   -0.239  -14.078 1.00 12.49 ? 45   LEU A N   1 
ATOM   196  C CA  . LEU A 1 45  ? 5.341   1.132   -14.571 1.00 12.99 ? 45   LEU A CA  1 
ATOM   197  C C   . LEU A 1 45  ? 6.390   1.993   -13.871 1.00 15.17 ? 45   LEU A C   1 
ATOM   198  O O   . LEU A 1 45  ? 6.851   2.986   -14.433 1.00 15.99 ? 45   LEU A O   1 
ATOM   199  C CB  . LEU A 1 45  ? 3.974   1.816   -14.447 1.00 14.13 ? 45   LEU A CB  1 
ATOM   200  C CG  . LEU A 1 45  ? 2.802   1.209   -15.223 1.00 14.93 ? 45   LEU A CG  1 
ATOM   201  C CD1 . LEU A 1 45  ? 1.535   1.997   -14.920 1.00 18.10 ? 45   LEU A CD1 1 
ATOM   202  C CD2 . LEU A 1 45  ? 3.103   1.228   -16.717 1.00 17.04 ? 45   LEU A CD2 1 
ATOM   203  N N   . SER A 1 46  ? 6.786   1.614   -12.660 1.00 13.71 ? 46   SER A N   1 
ATOM   204  C CA  . SER A 1 46  ? 7.758   2.416   -11.913 1.00 13.31 ? 46   SER A CA  1 
ATOM   205  C C   . SER A 1 46  ? 9.131   2.460   -12.569 1.00 15.36 ? 46   SER A C   1 
ATOM   206  O O   . SER A 1 46  ? 9.579   1.478   -13.157 1.00 16.82 ? 46   SER A O   1 
ATOM   207  C CB  . SER A 1 46  ? 7.885   1.905   -10.478 1.00 14.16 ? 46   SER A CB  1 
ATOM   208  O OG  . SER A 1 46  ? 8.656   2.810   -9.704  1.00 13.80 ? 46   SER A OG  1 
ATOM   209  N N   . ARG A 1 47  ? 9.802   3.603   -12.440 1.00 13.34 ? 47   ARG A N   1 
ATOM   210  C CA  . ARG A 1 47  ? 11.115  3.805   -13.051 1.00 15.37 ? 47   ARG A CA  1 
ATOM   211  C C   . ARG A 1 47  ? 12.269  3.972   -12.064 1.00 15.00 ? 47   ARG A C   1 
ATOM   212  O O   . ARG A 1 47  ? 13.389  4.284   -12.476 1.00 15.83 ? 47   ARG A O   1 
ATOM   213  C CB  . ARG A 1 47  ? 11.081  5.049   -13.943 1.00 17.05 ? 47   ARG A CB  1 
ATOM   214  C CG  . ARG A 1 47  ? 9.926   5.112   -14.928 1.00 21.50 ? 47   ARG A CG  1 
ATOM   215  C CD  . ARG A 1 47  ? 10.083  6.321   -15.840 1.00 26.73 ? 47   ARG A CD  1 
ATOM   216  N NE  . ARG A 1 47  ? 8.865   6.608   -16.587 1.00 31.42 ? 47   ARG A NE  1 
ATOM   217  C CZ  . ARG A 1 47  ? 8.728   7.624   -17.434 1.00 33.87 ? 47   ARG A CZ  1 
ATOM   218  N NH1 . ARG A 1 47  ? 9.741   8.453   -17.650 1.00 35.56 ? 47   ARG A NH1 1 
ATOM   219  N NH2 . ARG A 1 47  ? 7.570   7.822   -18.054 1.00 34.86 ? 47   ARG A NH2 1 
ATOM   220  N N   . TRP A 1 48  ? 12.015  3.763   -10.776 1.00 13.67 ? 48   TRP A N   1 
ATOM   221  C CA  . TRP A 1 48  ? 13.052  3.948   -9.765  1.00 13.72 ? 48   TRP A CA  1 
ATOM   222  C C   . TRP A 1 48  ? 13.222  2.734   -8.871  1.00 14.06 ? 48   TRP A C   1 
ATOM   223  O O   . TRP A 1 48  ? 12.241  2.163   -8.403  1.00 14.90 ? 48   TRP A O   1 
ATOM   224  C CB  . TRP A 1 48  ? 12.714  5.174   -8.915  1.00 13.42 ? 48   TRP A CB  1 
ATOM   225  C CG  . TRP A 1 48  ? 12.513  6.386   -9.764  1.00 12.62 ? 48   TRP A CG  1 
ATOM   226  C CD1 . TRP A 1 48  ? 13.478  7.248   -10.210 1.00 11.99 ? 48   TRP A CD1 1 
ATOM   227  C CD2 . TRP A 1 48  ? 11.289  6.803   -10.376 1.00 12.66 ? 48   TRP A CD2 1 
ATOM   228  N NE1 . TRP A 1 48  ? 12.928  8.171   -11.068 1.00 12.75 ? 48   TRP A NE1 1 
ATOM   229  C CE2 . TRP A 1 48  ? 11.586  7.921   -11.188 1.00 13.07 ? 48   TRP A CE2 1 
ATOM   230  C CE3 . TRP A 1 48  ? 9.966   6.337   -10.321 1.00 13.02 ? 48   TRP A CE3 1 
ATOM   231  C CZ2 . TRP A 1 48  ? 10.609  8.581   -11.939 1.00 13.46 ? 48   TRP A CZ2 1 
ATOM   232  C CZ3 . TRP A 1 48  ? 8.994   6.994   -11.072 1.00 14.00 ? 48   TRP A CZ3 1 
ATOM   233  C CH2 . TRP A 1 48  ? 9.324   8.104   -11.870 1.00 13.20 ? 48   TRP A CH2 1 
ATOM   234  N N   . ASP A 1 49  ? 14.472  2.363   -8.622  1.00 15.12 ? 49   ASP A N   1 
ATOM   235  C CA  . ASP A 1 49  ? 14.768  1.200   -7.795  1.00 16.06 ? 49   ASP A CA  1 
ATOM   236  C C   . ASP A 1 49  ? 14.230  1.278   -6.377  1.00 16.12 ? 49   ASP A C   1 
ATOM   237  O O   . ASP A 1 49  ? 13.785  0.263   -5.840  1.00 16.40 ? 49   ASP A O   1 
ATOM   238  C CB  . ASP A 1 49  ? 16.279  0.944   -7.744  1.00 17.80 ? 49   ASP A CB  1 
ATOM   239  C CG  . ASP A 1 49  ? 16.850  0.551   -9.090  1.00 21.54 ? 49   ASP A CG  1 
ATOM   240  O OD1 . ASP A 1 49  ? 16.066  0.313   -10.031 1.00 23.06 ? 49   ASP A OD1 1 
ATOM   241  O OD2 . ASP A 1 49  ? 18.092  0.474   -9.202  1.00 26.41 ? 49   ASP A OD2 1 
ATOM   242  N N   . ASP A 1 50  ? 14.261  2.452   -5.749  1.00 14.51 ? 50   ASP A N   1 
ATOM   243  C CA  . ASP A 1 50  ? 13.754  2.512   -4.384  1.00 14.00 ? 50   ASP A CA  1 
ATOM   244  C C   . ASP A 1 50  ? 12.266  2.204   -4.314  1.00 14.11 ? 50   ASP A C   1 
ATOM   245  O O   . ASP A 1 50  ? 11.837  1.418   -3.469  1.00 14.96 ? 50   ASP A O   1 
ATOM   246  C CB  . ASP A 1 50  ? 14.098  3.844   -3.678  1.00 15.28 ? 50   ASP A CB  1 
ATOM   247  C CG  . ASP A 1 50  ? 13.664  5.085   -4.443  1.00 15.49 ? 50   ASP A CG  1 
ATOM   248  O OD1 . ASP A 1 50  ? 13.042  4.995   -5.522  1.00 14.52 ? 50   ASP A OD1 1 
ATOM   249  O OD2 . ASP A 1 50  ? 13.966  6.183   -3.925  1.00 16.07 ? 50   ASP A OD2 1 
ATOM   250  N N   . ILE A 1 51  ? 11.482  2.779   -5.222  1.00 12.83 ? 51   ILE A N   1 
ATOM   251  C CA  . ILE A 1 51  ? 10.046  2.518   -5.234  1.00 12.73 ? 51   ILE A CA  1 
ATOM   252  C C   . ILE A 1 51  ? 9.794   1.068   -5.656  1.00 13.42 ? 51   ILE A C   1 
ATOM   253  O O   . ILE A 1 51  ? 8.976   0.369   -5.055  1.00 12.19 ? 51   ILE A O   1 
ATOM   254  C CB  . ILE A 1 51  ? 9.312   3.476   -6.208  1.00 12.74 ? 51   ILE A CB  1 
ATOM   255  C CG1 . ILE A 1 51  ? 9.419   4.918   -5.695  1.00 13.36 ? 51   ILE A CG1 1 
ATOM   256  C CG2 . ILE A 1 51  ? 7.845   3.059   -6.352  1.00 12.52 ? 51   ILE A CG2 1 
ATOM   257  C CD1 . ILE A 1 51  ? 8.728   5.942   -6.580  1.00 14.94 ? 51   ILE A CD1 1 
ATOM   258  N N   . ARG A 1 52  ? 10.502  0.609   -6.686  1.00 13.07 ? 52   ARG A N   1 
ATOM   259  C CA  . ARG A 1 52  ? 10.328  -0.762  -7.152  1.00 13.51 ? 52   ARG A CA  1 
ATOM   260  C C   . ARG A 1 52  ? 10.637  -1.764  -6.040  1.00 13.91 ? 52   ARG A C   1 
ATOM   261  O O   . ARG A 1 52  ? 9.919   -2.752  -5.872  1.00 14.05 ? 52   ARG A O   1 
ATOM   262  C CB  . ARG A 1 52  ? 11.217  -1.017  -8.377  1.00 16.35 ? 52   ARG A CB  1 
ATOM   263  C CG  . ARG A 1 52  ? 10.762  -0.247  -9.617  1.00 18.29 ? 52   ARG A CG  1 
ATOM   264  C CD  . ARG A 1 52  ? 11.784  -0.327  -10.742 1.00 20.34 ? 52   ARG A CD  1 
ATOM   265  N NE  . ARG A 1 52  ? 11.949  -1.685  -11.256 1.00 23.12 ? 52   ARG A NE  1 
ATOM   266  C CZ  . ARG A 1 52  ? 11.122  -2.278  -12.113 1.00 23.29 ? 52   ARG A CZ  1 
ATOM   267  N NH1 . ARG A 1 52  ? 10.050  -1.645  -12.575 1.00 21.71 ? 52   ARG A NH1 1 
ATOM   268  N NH2 . ARG A 1 52  ? 11.373  -3.518  -12.513 1.00 26.09 ? 52   ARG A NH2 1 
ATOM   269  N N   . ASN A 1 53  ? 11.692  -1.508  -5.272  1.00 14.14 ? 53   ASN A N   1 
ATOM   270  C CA  . ASN A 1 53  ? 12.044  -2.412  -4.182  1.00 14.95 ? 53   ASN A CA  1 
ATOM   271  C C   . ASN A 1 53  ? 10.975  -2.387  -3.099  1.00 14.79 ? 53   ASN A C   1 
ATOM   272  O O   . ASN A 1 53  ? 10.643  -3.431  -2.531  1.00 14.83 ? 53   ASN A O   1 
ATOM   273  C CB  . ASN A 1 53  ? 13.413  -2.057  -3.588  1.00 16.29 ? 53   ASN A CB  1 
ATOM   274  C CG  . ASN A 1 53  ? 14.560  -2.451  -4.503  1.00 21.59 ? 53   ASN A CG  1 
ATOM   275  O OD1 . ASN A 1 53  ? 14.454  -3.410  -5.267  1.00 26.32 ? 53   ASN A OD1 1 
ATOM   276  N ND2 . ASN A 1 53  ? 15.668  -1.724  -4.414  1.00 24.30 ? 53   ASN A ND2 1 
ATOM   277  N N   . ASP A 1 54  ? 10.432  -1.207  -2.810  1.00 13.22 ? 54   ASP A N   1 
ATOM   278  C CA  . ASP A 1 54  ? 9.372   -1.101  -1.807  1.00 13.31 ? 54   ASP A CA  1 
ATOM   279  C C   . ASP A 1 54  ? 8.188   -1.945  -2.264  1.00 13.61 ? 54   ASP A C   1 
ATOM   280  O O   . ASP A 1 54  ? 7.647   -2.750  -1.507  1.00 13.03 ? 54   ASP A O   1 
ATOM   281  C CB  . ASP A 1 54  ? 8.851   0.333   -1.664  1.00 12.95 ? 54   ASP A CB  1 
ATOM   282  C CG  . ASP A 1 54  ? 9.823   1.269   -0.987  1.00 15.83 ? 54   ASP A CG  1 
ATOM   283  O OD1 . ASP A 1 54  ? 10.788  0.803   -0.346  1.00 15.27 ? 54   ASP A OD1 1 
ATOM   284  O OD2 . ASP A 1 54  ? 9.590   2.493   -1.088  1.00 15.03 ? 54   ASP A OD2 1 
ATOM   285  N N   . LEU A 1 55  ? 7.777   -1.737  -3.513  1.00 12.66 ? 55   LEU A N   1 
ATOM   286  C CA  . LEU A 1 55  ? 6.628   -2.453  -4.051  1.00 11.63 ? 55   LEU A CA  1 
ATOM   287  C C   . LEU A 1 55  ? 6.802   -3.964  -4.071  1.00 12.75 ? 55   LEU A C   1 
ATOM   288  O O   . LEU A 1 55  ? 5.872   -4.696  -3.728  1.00 12.80 ? 55   LEU A O   1 
ATOM   289  C CB  . LEU A 1 55  ? 6.289   -1.936  -5.457  1.00 11.15 ? 55   LEU A CB  1 
ATOM   290  C CG  . LEU A 1 55  ? 5.857   -0.466  -5.515  1.00 11.81 ? 55   LEU A CG  1 
ATOM   291  C CD1 . LEU A 1 55  ? 5.668   -0.055  -6.973  1.00 11.86 ? 55   LEU A CD1 1 
ATOM   292  C CD2 . LEU A 1 55  ? 4.556   -0.252  -4.728  1.00 12.35 ? 55   LEU A CD2 1 
ATOM   293  N N   . PHE A 1 56  ? 7.981   -4.442  -4.451  1.00 12.57 ? 56   PHE A N   1 
ATOM   294  C CA  . PHE A 1 56  ? 8.179   -5.883  -4.481  1.00 14.10 ? 56   PHE A CA  1 
ATOM   295  C C   . PHE A 1 56  ? 8.161   -6.439  -3.064  1.00 13.89 ? 56   PHE A C   1 
ATOM   296  O O   . PHE A 1 56  ? 7.625   -7.524  -2.828  1.00 14.83 ? 56   PHE A O   1 
ATOM   297  C CB  . PHE A 1 56  ? 9.488   -6.256  -5.171  1.00 15.46 ? 56   PHE A CB  1 
ATOM   298  C CG  . PHE A 1 56  ? 9.614   -7.726  -5.443  1.00 17.77 ? 56   PHE A CG  1 
ATOM   299  C CD1 . PHE A 1 56  ? 8.679   -8.375  -6.243  1.00 17.83 ? 56   PHE A CD1 1 
ATOM   300  C CD2 . PHE A 1 56  ? 10.647  -8.465  -4.881  1.00 18.98 ? 56   PHE A CD2 1 
ATOM   301  C CE1 . PHE A 1 56  ? 8.770   -9.745  -6.480  1.00 19.74 ? 56   PHE A CE1 1 
ATOM   302  C CE2 . PHE A 1 56  ? 10.747  -9.836  -5.111  1.00 18.70 ? 56   PHE A CE2 1 
ATOM   303  C CZ  . PHE A 1 56  ? 9.807   -10.475 -5.911  1.00 18.48 ? 56   PHE A CZ  1 
ATOM   304  N N   . ARG A 1 57  ? 8.737   -5.700  -2.118  1.00 14.88 ? 57   ARG A N   1 
ATOM   305  C CA  . ARG A 1 57  ? 8.731   -6.146  -0.727  1.00 14.42 ? 57   ARG A CA  1 
ATOM   306  C C   . ARG A 1 57  ? 7.288   -6.257  -0.257  1.00 14.29 ? 57   ARG A C   1 
ATOM   307  O O   . ARG A 1 57  ? 6.916   -7.225  0.406   1.00 14.30 ? 57   ARG A O   1 
ATOM   308  C CB  . ARG A 1 57  ? 9.466   -5.158  0.176   1.00 18.53 ? 57   ARG A CB  1 
ATOM   309  C CG  . ARG A 1 57  ? 10.962  -5.091  -0.033  1.00 22.84 ? 57   ARG A CG  1 
ATOM   310  C CD  . ARG A 1 57  ? 11.594  -4.311  1.113   1.00 32.20 ? 57   ARG A CD  1 
ATOM   311  N NE  . ARG A 1 57  ? 13.011  -4.033  0.904   1.00 36.26 ? 57   ARG A NE  1 
ATOM   312  C CZ  . ARG A 1 57  ? 13.480  -3.192  -0.009  1.00 38.96 ? 57   ARG A CZ  1 
ATOM   313  N NH1 . ARG A 1 57  ? 12.641  -2.543  -0.802  1.00 40.98 ? 57   ARG A NH1 1 
ATOM   314  N NH2 . ARG A 1 57  ? 14.787  -2.992  -0.124  1.00 41.11 ? 57   ARG A NH2 1 
ATOM   315  N N   . ILE A 1 58  ? 6.481   -5.255  -0.602  1.00 11.46 ? 58   ILE A N   1 
ATOM   316  C CA  . ILE A 1 58  ? 5.075   -5.238  -0.226  1.00 11.31 ? 58   ILE A CA  1 
ATOM   317  C C   . ILE A 1 58  ? 4.330   -6.436  -0.810  1.00 11.78 ? 58   ILE A C   1 
ATOM   318  O O   . ILE A 1 58  ? 3.513   -7.056  -0.129  1.00 12.83 ? 58   ILE A O   1 
ATOM   319  C CB  . ILE A 1 58  ? 4.403   -3.928  -0.694  1.00 12.31 ? 58   ILE A CB  1 
ATOM   320  C CG1 . ILE A 1 58  ? 4.944   -2.761  0.143   1.00 13.96 ? 58   ILE A CG1 1 
ATOM   321  C CG2 . ILE A 1 58  ? 2.884   -4.037  -0.578  1.00 13.45 ? 58   ILE A CG2 1 
ATOM   322  C CD1 . ILE A 1 58  ? 4.672   -1.381  -0.449  1.00 15.05 ? 58   ILE A CD1 1 
ATOM   323  N N   . GLN A 1 59  ? 4.601   -6.765  -2.068  1.00 12.04 ? 59   GLN A N   1 
ATOM   324  C CA  . GLN A 1 59  ? 3.921   -7.898  -2.681  1.00 12.09 ? 59   GLN A CA  1 
ATOM   325  C C   . GLN A 1 59  ? 4.194   -9.169  -1.892  1.00 12.87 ? 59   GLN A C   1 
ATOM   326  O O   . GLN A 1 59  ? 3.305   -10.001 -1.709  1.00 14.64 ? 59   GLN A O   1 
ATOM   327  C CB  . GLN A 1 59  ? 4.365   -8.070  -4.131  1.00 12.31 ? 59   GLN A CB  1 
ATOM   328  C CG  . GLN A 1 59  ? 3.887   -6.948  -5.035  1.00 13.22 ? 59   GLN A CG  1 
ATOM   329  C CD  . GLN A 1 59  ? 3.970   -7.336  -6.493  1.00 14.02 ? 59   GLN A CD  1 
ATOM   330  O OE1 . GLN A 1 59  ? 5.043   -7.332  -7.092  1.00 14.96 ? 59   GLN A OE1 1 
ATOM   331  N NE2 . GLN A 1 59  ? 2.831   -7.699  -7.069  1.00 13.92 ? 59   GLN A NE2 1 
ATOM   332  N N   . ASN A 1 60  ? 5.423   -9.312  -1.416  1.00 13.34 ? 60   ASN A N   1 
ATOM   333  C CA  . ASN A 1 60  ? 5.768   -10.483 -0.629  1.00 14.48 ? 60   ASN A CA  1 
ATOM   334  C C   . ASN A 1 60  ? 5.107   -10.378 0.744   1.00 14.60 ? 60   ASN A C   1 
ATOM   335  O O   . ASN A 1 60  ? 4.596   -11.371 1.266   1.00 14.50 ? 60   ASN A O   1 
ATOM   336  C CB  . ASN A 1 60  ? 7.286   -10.606 -0.516  1.00 16.17 ? 60   ASN A CB  1 
ATOM   337  C CG  . ASN A 1 60  ? 7.911   -11.133 -1.796  1.00 18.22 ? 60   ASN A CG  1 
ATOM   338  O OD1 . ASN A 1 60  ? 7.982   -12.340 -2.011  1.00 21.85 ? 60   ASN A OD1 1 
ATOM   339  N ND2 . ASN A 1 60  ? 8.339   -10.224 -2.669  1.00 21.95 ? 60   ASN A ND2 1 
ATOM   340  N N   . ASP A 1 61  ? 5.081   -9.177  1.314   1.00 14.27 ? 61   ASP A N   1 
ATOM   341  C CA  . ASP A 1 61  ? 4.448   -8.987  2.619   1.00 14.77 ? 61   ASP A CA  1 
ATOM   342  C C   . ASP A 1 61  ? 2.962   -9.337  2.559   1.00 14.82 ? 61   ASP A C   1 
ATOM   343  O O   . ASP A 1 61  ? 2.391   -9.815  3.540   1.00 15.13 ? 61   ASP A O   1 
ATOM   344  C CB  . ASP A 1 61  ? 4.560   -7.533  3.101   1.00 16.09 ? 61   ASP A CB  1 
ATOM   345  C CG  . ASP A 1 61  ? 5.977   -7.132  3.465   1.00 18.61 ? 61   ASP A CG  1 
ATOM   346  O OD1 . ASP A 1 61  ? 6.836   -8.019  3.651   1.00 20.45 ? 61   ASP A OD1 1 
ATOM   347  O OD2 . ASP A 1 61  ? 6.223   -5.911  3.579   1.00 20.66 ? 61   ASP A OD2 1 
ATOM   348  N N   . LEU A 1 62  ? 2.330   -9.085  1.415   1.00 14.18 ? 62   LEU A N   1 
ATOM   349  C CA  . LEU A 1 62  ? 0.906   -9.367  1.284   1.00 14.21 ? 62   LEU A CA  1 
ATOM   350  C C   . LEU A 1 62  ? 0.591   -10.856 1.376   1.00 15.14 ? 62   LEU A C   1 
ATOM   351  O O   . LEU A 1 62  ? -0.506  -11.232 1.794   1.00 15.32 ? 62   LEU A O   1 
ATOM   352  C CB  . LEU A 1 62  ? 0.358   -8.767  -0.014  1.00 14.53 ? 62   LEU A CB  1 
ATOM   353  C CG  . LEU A 1 62  ? 0.273   -7.237  0.025   1.00 13.94 ? 62   LEU A CG  1 
ATOM   354  C CD1 . LEU A 1 62  ? -0.191  -6.717  -1.326  1.00 15.84 ? 62   LEU A CD1 1 
ATOM   355  C CD2 . LEU A 1 62  ? -0.695  -6.789  1.123   1.00 15.88 ? 62   LEU A CD2 1 
ATOM   356  N N   . PHE A 1 63  ? 1.537   -11.707 0.991   1.00 15.62 ? 63   PHE A N   1 
ATOM   357  C CA  . PHE A 1 63  ? 1.300   -13.142 1.115   1.00 16.00 ? 63   PHE A CA  1 
ATOM   358  C C   . PHE A 1 63  ? 1.329   -13.486 2.603   1.00 16.70 ? 63   PHE A C   1 
ATOM   359  O O   . PHE A 1 63  ? 0.575   -14.343 3.072   1.00 17.47 ? 63   PHE A O   1 
ATOM   360  C CB  . PHE A 1 63  ? 2.357   -13.949 0.359   1.00 16.80 ? 63   PHE A CB  1 
ATOM   361  C CG  . PHE A 1 63  ? 2.131   -14.003 -1.124  1.00 17.17 ? 63   PHE A CG  1 
ATOM   362  C CD1 . PHE A 1 63  ? 2.786   -13.120 -1.973  1.00 18.88 ? 63   PHE A CD1 1 
ATOM   363  C CD2 . PHE A 1 63  ? 1.234   -14.915 -1.667  1.00 18.73 ? 63   PHE A CD2 1 
ATOM   364  C CE1 . PHE A 1 63  ? 2.549   -13.143 -3.347  1.00 18.05 ? 63   PHE A CE1 1 
ATOM   365  C CE2 . PHE A 1 63  ? 0.990   -14.947 -3.038  1.00 20.24 ? 63   PHE A CE2 1 
ATOM   366  C CZ  . PHE A 1 63  ? 1.649   -14.058 -3.880  1.00 20.28 ? 63   PHE A CZ  1 
ATOM   367  N N   . VAL A 1 64  ? 2.197   -12.806 3.349   1.00 16.83 ? 64   VAL A N   1 
ATOM   368  C CA  . VAL A 1 64  ? 2.288   -13.029 4.790   1.00 17.46 ? 64   VAL A CA  1 
ATOM   369  C C   . VAL A 1 64  ? 1.017   -12.523 5.463   1.00 17.75 ? 64   VAL A C   1 
ATOM   370  O O   . VAL A 1 64  ? 0.481   -13.166 6.368   1.00 17.20 ? 64   VAL A O   1 
ATOM   371  C CB  . VAL A 1 64  ? 3.498   -12.289 5.399   1.00 17.53 ? 64   VAL A CB  1 
ATOM   372  C CG1 . VAL A 1 64  ? 3.457   -12.382 6.925   1.00 17.64 ? 64   VAL A CG1 1 
ATOM   373  C CG2 . VAL A 1 64  ? 4.785   -12.887 4.865   1.00 18.52 ? 64   VAL A CG2 1 
ATOM   374  N N   . LEU A 1 65  ? 0.533   -11.370 5.015   1.00 16.10 ? 65   LEU A N   1 
ATOM   375  C CA  . LEU A 1 65  ? -0.676  -10.790 5.578   1.00 16.63 ? 65   LEU A CA  1 
ATOM   376  C C   . LEU A 1 65  ? -1.839  -11.753 5.348   1.00 17.08 ? 65   LEU A C   1 
ATOM   377  O O   . LEU A 1 65  ? -2.655  -11.984 6.243   1.00 18.41 ? 65   LEU A O   1 
ATOM   378  C CB  . LEU A 1 65  ? -0.955  -9.432  4.920   1.00 18.92 ? 65   LEU A CB  1 
ATOM   379  C CG  . LEU A 1 65  ? -1.954  -8.492  5.601   1.00 23.08 ? 65   LEU A CG  1 
ATOM   380  C CD1 . LEU A 1 65  ? -1.810  -7.092  5.017   1.00 25.34 ? 65   LEU A CD1 1 
ATOM   381  C CD2 . LEU A 1 65  ? -3.371  -9.006  5.415   1.00 25.36 ? 65   LEU A CD2 1 
ATOM   382  N N   . GLY A 1 66  ? -1.900  -12.323 4.149   1.00 17.25 ? 66   GLY A N   1 
ATOM   383  C CA  . GLY A 1 66  ? -2.961  -13.260 3.832   1.00 17.52 ? 66   GLY A CA  1 
ATOM   384  C C   . GLY A 1 66  ? -2.913  -14.494 4.715   1.00 19.77 ? 66   GLY A C   1 
ATOM   385  O O   . GLY A 1 66  ? -3.951  -14.972 5.174   1.00 20.48 ? 66   GLY A O   1 
ATOM   386  N N   . GLU A 1 67  ? -1.715  -15.012 4.957   1.00 20.15 ? 67   GLU A N   1 
ATOM   387  C CA  . GLU A 1 67  ? -1.568  -16.198 5.798   1.00 22.08 ? 67   GLU A CA  1 
ATOM   388  C C   . GLU A 1 67  ? -1.940  -15.880 7.241   1.00 22.66 ? 67   GLU A C   1 
ATOM   389  O O   . GLU A 1 67  ? -2.582  -16.687 7.918   1.00 22.55 ? 67   GLU A O   1 
ATOM   390  C CB  . GLU A 1 67  ? -0.134  -16.730 5.731   1.00 23.80 ? 67   GLU A CB  1 
ATOM   391  C CG  . GLU A 1 67  ? 0.080   -17.997 6.555   1.00 29.23 ? 67   GLU A CG  1 
ATOM   392  C CD  . GLU A 1 67  ? 1.435   -18.637 6.316   1.00 31.79 ? 67   GLU A CD  1 
ATOM   393  O OE1 . GLU A 1 67  ? 1.767   -19.608 7.030   1.00 33.68 ? 67   GLU A OE1 1 
ATOM   394  O OE2 . GLU A 1 67  ? 2.165   -18.176 5.414   1.00 35.49 ? 67   GLU A OE2 1 
ATOM   395  N N   . ASP A 1 68  ? -1.539  -14.703 7.709   1.00 22.05 ? 68   ASP A N   1 
ATOM   396  C CA  . ASP A 1 68  ? -1.846  -14.273 9.070   1.00 22.55 ? 68   ASP A CA  1 
ATOM   397  C C   . ASP A 1 68  ? -3.365  -14.303 9.246   1.00 23.68 ? 68   ASP A C   1 
ATOM   398  O O   . ASP A 1 68  ? -3.889  -14.899 10.190  1.00 23.73 ? 68   ASP A O   1 
ATOM   399  C CB  . ASP A 1 68  ? -1.328  -12.846 9.296   1.00 22.56 ? 68   ASP A CB  1 
ATOM   400  C CG  . ASP A 1 68  ? -1.269  -12.464 10.768  1.00 24.96 ? 68   ASP A CG  1 
ATOM   401  O OD1 . ASP A 1 68  ? -2.108  -12.947 11.556  1.00 25.17 ? 68   ASP A OD1 1 
ATOM   402  O OD2 . ASP A 1 68  ? -0.383  -11.662 11.133  1.00 22.60 ? 68   ASP A OD2 1 
ATOM   403  N N   . VAL A 1 69  ? -4.069  -13.660 8.320   1.00 23.23 ? 69   VAL A N   1 
ATOM   404  C CA  . VAL A 1 69  ? -5.526  -13.597 8.359   1.00 24.48 ? 69   VAL A CA  1 
ATOM   405  C C   . VAL A 1 69  ? -6.198  -14.966 8.228   1.00 26.79 ? 69   VAL A C   1 
ATOM   406  O O   . VAL A 1 69  ? -7.109  -15.286 8.992   1.00 27.22 ? 69   VAL A O   1 
ATOM   407  C CB  . VAL A 1 69  ? -6.067  -12.674 7.242   1.00 24.22 ? 69   VAL A CB  1 
ATOM   408  C CG1 . VAL A 1 69  ? -7.590  -12.706 7.227   1.00 25.28 ? 69   VAL A CG1 1 
ATOM   409  C CG2 . VAL A 1 69  ? -5.569  -11.249 7.461   1.00 23.13 ? 69   VAL A CG2 1 
ATOM   410  N N   . SER A 1 70  ? -5.747  -15.766 7.266   1.00 28.41 ? 70   SER A N   1 
ATOM   411  C CA  . SER A 1 70  ? -6.323  -17.089 7.029   1.00 31.92 ? 70   SER A CA  1 
ATOM   412  C C   . SER A 1 70  ? -6.084  -18.116 8.133   1.00 33.12 ? 70   SER A C   1 
ATOM   413  O O   . SER A 1 70  ? -6.992  -18.867 8.491   1.00 33.57 ? 70   SER A O   1 
ATOM   414  C CB  . SER A 1 70  ? -5.810  -17.659 5.703   1.00 32.53 ? 70   SER A CB  1 
ATOM   415  O OG  . SER A 1 70  ? -6.340  -16.942 4.604   1.00 36.68 ? 70   SER A OG  1 
ATOM   416  N N   . THR A 1 71  ? -4.866  -18.158 8.664   1.00 34.49 ? 71   THR A N   1 
ATOM   417  C CA  . THR A 1 71  ? -4.535  -19.118 9.713   1.00 35.73 ? 71   THR A CA  1 
ATOM   418  C C   . THR A 1 71  ? -4.865  -18.588 11.101  1.00 36.59 ? 71   THR A C   1 
ATOM   419  O O   . THR A 1 71  ? -4.483  -19.187 12.106  1.00 37.00 ? 71   THR A O   1 
ATOM   420  C CB  . THR A 1 71  ? -3.039  -19.488 9.681   1.00 36.06 ? 71   THR A CB  1 
ATOM   421  O OG1 . THR A 1 71  ? -2.251  -18.324 9.958   1.00 36.73 ? 71   THR A OG1 1 
ATOM   422  C CG2 . THR A 1 71  ? -2.655  -20.042 8.317   1.00 36.55 ? 71   THR A CG2 1 
ATOM   423  N N   . GLY A 1 72  ? -5.577  -17.467 11.155  1.00 37.33 ? 72   GLY A N   1 
ATOM   424  C CA  . GLY A 1 72  ? -5.931  -16.885 12.436  1.00 38.20 ? 72   GLY A CA  1 
ATOM   425  C C   . GLY A 1 72  ? -4.699  -16.551 13.257  1.00 39.07 ? 72   GLY A C   1 
ATOM   426  O O   . GLY A 1 72  ? -4.758  -16.487 14.485  1.00 40.71 ? 72   GLY A O   1 
ATOM   427  N N   . GLY A 1 73  ? -3.577  -16.342 12.575  1.00 39.16 ? 73   GLY A N   1 
ATOM   428  C CA  . GLY A 1 73  ? -2.343  -16.011 13.262  1.00 39.28 ? 73   GLY A CA  1 
ATOM   429  C C   . GLY A 1 73  ? -1.547  -17.221 13.717  1.00 39.75 ? 73   GLY A C   1 
ATOM   430  O O   . GLY A 1 73  ? -0.568  -17.083 14.450  1.00 40.00 ? 73   GLY A O   1 
ATOM   431  N N   . LYS A 1 74  ? -1.962  -18.408 13.286  1.00 40.02 ? 74   LYS A N   1 
ATOM   432  C CA  . LYS A 1 74  ? -1.274  -19.638 13.663  1.00 40.09 ? 74   LYS A CA  1 
ATOM   433  C C   . LYS A 1 74  ? -0.043  -19.876 12.795  1.00 39.35 ? 74   LYS A C   1 
ATOM   434  O O   . LYS A 1 74  ? 0.934   -20.478 13.241  1.00 39.79 ? 74   LYS A O   1 
ATOM   435  C CB  . LYS A 1 74  ? -2.228  -20.831 13.553  1.00 41.34 ? 74   LYS A CB  1 
ATOM   436  C CG  . LYS A 1 74  ? -3.447  -20.727 14.457  1.00 43.05 ? 74   LYS A CG  1 
ATOM   437  C CD  . LYS A 1 74  ? -4.358  -21.935 14.303  1.00 45.18 ? 74   LYS A CD  1 
ATOM   438  C CE  . LYS A 1 74  ? -5.579  -21.822 15.203  1.00 46.41 ? 74   LYS A CE  1 
ATOM   439  N NZ  . LYS A 1 74  ? -6.453  -23.026 15.112  1.00 47.96 ? 74   LYS A NZ  1 
ATOM   440  N N   . GLY A 1 75  ? -0.096  -19.405 11.553  1.00 37.99 ? 75   GLY A N   1 
ATOM   441  C CA  . GLY A 1 75  ? 1.031   -19.569 10.653  1.00 35.95 ? 75   GLY A CA  1 
ATOM   442  C C   . GLY A 1 75  ? 1.918   -18.340 10.692  1.00 34.74 ? 75   GLY A C   1 
ATOM   443  O O   . GLY A 1 75  ? 2.112   -17.745 11.755  1.00 34.84 ? 75   GLY A O   1 
ATOM   444  N N   . ARG A 1 76  ? 2.459   -17.953 9.542   1.00 33.22 ? 76   ARG A N   1 
ATOM   445  C CA  . ARG A 1 76  ? 3.313   -16.773 9.483   1.00 31.49 ? 76   ARG A CA  1 
ATOM   446  C C   . ARG A 1 76  ? 2.462   -15.571 9.864   1.00 28.91 ? 76   ARG A C   1 
ATOM   447  O O   . ARG A 1 76  ? 1.261   -15.544 9.597   1.00 28.78 ? 76   ARG A O   1 
ATOM   448  C CB  . ARG A 1 76  ? 3.880   -16.595 8.073   1.00 32.76 ? 76   ARG A CB  1 
ATOM   449  C CG  . ARG A 1 76  ? 4.678   -17.794 7.588   1.00 35.58 ? 76   ARG A CG  1 
ATOM   450  C CD  . ARG A 1 76  ? 5.328   -17.536 6.241   1.00 38.35 ? 76   ARG A CD  1 
ATOM   451  N NE  . ARG A 1 76  ? 5.954   -18.744 5.708   1.00 41.46 ? 76   ARG A NE  1 
ATOM   452  C CZ  . ARG A 1 76  ? 6.697   -18.780 4.606   1.00 42.19 ? 76   ARG A CZ  1 
ATOM   453  N NH1 . ARG A 1 76  ? 6.914   -17.672 3.911   1.00 43.33 ? 76   ARG A NH1 1 
ATOM   454  N NH2 . ARG A 1 76  ? 7.222   -19.928 4.197   1.00 42.80 ? 76   ARG A NH2 1 
ATOM   455  N N   . THR A 1 77  ? 3.078   -14.581 10.499  1.00 26.17 ? 77   THR A N   1 
ATOM   456  C CA  . THR A 1 77  ? 2.344   -13.396 10.916  1.00 24.64 ? 77   THR A CA  1 
ATOM   457  C C   . THR A 1 77  ? 3.041   -12.112 10.506  1.00 21.75 ? 77   THR A C   1 
ATOM   458  O O   . THR A 1 77  ? 4.246   -12.095 10.258  1.00 21.86 ? 77   THR A O   1 
ATOM   459  C CB  . THR A 1 77  ? 2.157   -13.362 12.447  1.00 26.76 ? 77   THR A CB  1 
ATOM   460  O OG1 . THR A 1 77  ? 3.431   -13.511 13.081  1.00 28.52 ? 77   THR A OG1 1 
ATOM   461  C CG2 . THR A 1 77  ? 1.230   -14.480 12.902  1.00 27.33 ? 77   THR A CG2 1 
ATOM   462  N N   . VAL A 1 78  ? 2.262   -11.041 10.429  1.00 20.40 ? 78   VAL A N   1 
ATOM   463  C CA  . VAL A 1 78  ? 2.791   -9.735  10.076  1.00 19.70 ? 78   VAL A CA  1 
ATOM   464  C C   . VAL A 1 78  ? 3.562   -9.230  11.286  1.00 19.72 ? 78   VAL A C   1 
ATOM   465  O O   . VAL A 1 78  ? 3.015   -9.139  12.386  1.00 20.93 ? 78   VAL A O   1 
ATOM   466  C CB  . VAL A 1 78  ? 1.657   -8.754  9.744   1.00 20.25 ? 78   VAL A CB  1 
ATOM   467  C CG1 . VAL A 1 78  ? 2.228   -7.370  9.460   1.00 20.69 ? 78   VAL A CG1 1 
ATOM   468  C CG2 . VAL A 1 78  ? 0.877   -9.269  8.540   1.00 20.79 ? 78   VAL A CG2 1 
ATOM   469  N N   . THR A 1 79  ? 4.833   -8.910  11.075  1.00 20.26 ? 79   THR A N   1 
ATOM   470  C CA  . THR A 1 79  ? 5.697   -8.442  12.151  1.00 20.10 ? 79   THR A CA  1 
ATOM   471  C C   . THR A 1 79  ? 5.760   -6.928  12.267  1.00 20.31 ? 79   THR A C   1 
ATOM   472  O O   . THR A 1 79  ? 5.475   -6.201  11.314  1.00 19.06 ? 79   THR A O   1 
ATOM   473  C CB  . THR A 1 79  ? 7.130   -8.940  11.953  1.00 19.99 ? 79   THR A CB  1 
ATOM   474  O OG1 . THR A 1 79  ? 7.665   -8.373  10.749  1.00 21.45 ? 79   THR A OG1 1 
ATOM   475  C CG2 . THR A 1 79  ? 7.163   -10.460 11.852  1.00 22.30 ? 79   THR A CG2 1 
ATOM   476  N N   . ARG A 1 80  ? 6.145   -6.455  13.448  1.00 18.99 ? 80   ARG A N   1 
ATOM   477  C CA  . ARG A 1 80  ? 6.286   -5.027  13.684  1.00 18.66 ? 80   ARG A CA  1 
ATOM   478  C C   . ARG A 1 80  ? 7.412   -4.518  12.784  1.00 18.31 ? 80   ARG A C   1 
ATOM   479  O O   . ARG A 1 80  ? 7.381   -3.378  12.320  1.00 18.19 ? 80   ARG A O   1 
ATOM   480  C CB  . ARG A 1 80  ? 6.599   -4.775  15.168  1.00 20.01 ? 80   ARG A CB  1 
ATOM   481  C CG  . ARG A 1 80  ? 7.213   -3.417  15.492  1.00 24.12 ? 80   ARG A CG  1 
ATOM   482  C CD  . ARG A 1 80  ? 6.444   -2.241  14.910  1.00 29.33 ? 80   ARG A CD  1 
ATOM   483  N NE  . ARG A 1 80  ? 5.076   -2.138  15.400  1.00 33.03 ? 80   ARG A NE  1 
ATOM   484  C CZ  . ARG A 1 80  ? 4.291   -1.089  15.172  1.00 34.39 ? 80   ARG A CZ  1 
ATOM   485  N NH1 . ARG A 1 80  ? 4.745   -0.060  14.467  1.00 36.38 ? 80   ARG A NH1 1 
ATOM   486  N NH2 . ARG A 1 80  ? 3.053   -1.065  15.644  1.00 34.99 ? 80   ARG A NH2 1 
ATOM   487  N N   . GLU A 1 81  ? 8.397   -5.371  12.521  1.00 18.89 ? 81   GLU A N   1 
ATOM   488  C CA  . GLU A 1 81  ? 9.507   -4.989  11.656  1.00 19.50 ? 81   GLU A CA  1 
ATOM   489  C C   . GLU A 1 81  ? 9.000   -4.643  10.249  1.00 19.74 ? 81   GLU A C   1 
ATOM   490  O O   . GLU A 1 81  ? 9.467   -3.680  9.636   1.00 19.30 ? 81   GLU A O   1 
ATOM   491  C CB  . GLU A 1 81  ? 10.547  -6.113  11.584  1.00 21.41 ? 81   GLU A CB  1 
ATOM   492  C CG  . GLU A 1 81  ? 11.421  -6.254  12.834  1.00 24.88 ? 81   GLU A CG  1 
ATOM   493  C CD  . GLU A 1 81  ? 10.757  -7.018  13.972  1.00 27.62 ? 81   GLU A CD  1 
ATOM   494  O OE1 . GLU A 1 81  ? 9.564   -7.381  13.863  1.00 26.83 ? 81   GLU A OE1 1 
ATOM   495  O OE2 . GLU A 1 81  ? 11.445  -7.258  14.989  1.00 28.53 ? 81   GLU A OE2 1 
ATOM   496  N N   . MET A 1 82  ? 8.047   -5.428  9.747   1.00 18.23 ? 82   MET A N   1 
ATOM   497  C CA  . MET A 1 82  ? 7.469   -5.187  8.421   1.00 17.70 ? 82   MET A CA  1 
ATOM   498  C C   . MET A 1 82  ? 6.763   -3.830  8.407   1.00 18.15 ? 82   MET A C   1 
ATOM   499  O O   . MET A 1 82  ? 6.871   -3.063  7.442   1.00 17.05 ? 82   MET A O   1 
ATOM   500  C CB  . MET A 1 82  ? 6.479   -6.311  8.062   1.00 17.87 ? 82   MET A CB  1 
ATOM   501  C CG  . MET A 1 82  ? 7.149   -7.647  7.706   1.00 19.62 ? 82   MET A CG  1 
ATOM   502  S SD  . MET A 1 82  ? 6.018   -9.100  7.670   1.00 16.60 ? 82   MET A SD  1 
ATOM   503  C CE  . MET A 1 82  ? 4.919   -8.638  6.370   1.00 24.59 ? 82   MET A CE  1 
ATOM   504  N N   . ILE A 1 83  ? 6.044   -3.533  9.483   1.00 17.18 ? 83   ILE A N   1 
ATOM   505  C CA  . ILE A 1 83  ? 5.339   -2.264  9.609   1.00 16.90 ? 83   ILE A CA  1 
ATOM   506  C C   . ILE A 1 83  ? 6.344   -1.119  9.697   1.00 17.52 ? 83   ILE A C   1 
ATOM   507  O O   . ILE A 1 83  ? 6.179   -0.083  9.047   1.00 18.73 ? 83   ILE A O   1 
ATOM   508  C CB  . ILE A 1 83  ? 4.453   -2.249  10.874  1.00 17.84 ? 83   ILE A CB  1 
ATOM   509  C CG1 . ILE A 1 83  ? 3.308   -3.251  10.713  1.00 18.23 ? 83   ILE A CG1 1 
ATOM   510  C CG2 . ILE A 1 83  ? 3.911   -0.845  11.122  1.00 19.84 ? 83   ILE A CG2 1 
ATOM   511  C CD1 . ILE A 1 83  ? 2.540   -3.517  11.997  1.00 19.03 ? 83   ILE A CD1 1 
ATOM   512  N N   . ASP A 1 84  ? 7.388   -1.311  10.500  1.00 17.69 ? 84   ASP A N   1 
ATOM   513  C CA  . ASP A 1 84  ? 8.410   -0.284  10.677  1.00 18.19 ? 84   ASP A CA  1 
ATOM   514  C C   . ASP A 1 84  ? 9.111   0.091   9.384   1.00 18.46 ? 84   ASP A C   1 
ATOM   515  O O   . ASP A 1 84  ? 9.486   1.248   9.194   1.00 18.47 ? 84   ASP A O   1 
ATOM   516  C CB  . ASP A 1 84  ? 9.454   -0.729  11.705  1.00 19.02 ? 84   ASP A CB  1 
ATOM   517  C CG  . ASP A 1 84  ? 8.903   -0.771  13.113  1.00 20.38 ? 84   ASP A CG  1 
ATOM   518  O OD1 . ASP A 1 84  ? 7.859   -0.136  13.367  1.00 21.29 ? 84   ASP A OD1 1 
ATOM   519  O OD2 . ASP A 1 84  ? 9.529   -1.430  13.970  1.00 22.17 ? 84   ASP A OD2 1 
ATOM   520  N N   . TYR A 1 85  ? 9.303   -0.883  8.499   1.00 17.13 ? 85   TYR A N   1 
ATOM   521  C CA  . TYR A 1 85  ? 9.961   -0.598  7.231   1.00 18.04 ? 85   TYR A CA  1 
ATOM   522  C C   . TYR A 1 85  ? 9.116   0.376   6.421   1.00 17.86 ? 85   TYR A C   1 
ATOM   523  O O   . TYR A 1 85  ? 9.635   1.346   5.875   1.00 16.76 ? 85   TYR A O   1 
ATOM   524  C CB  . TYR A 1 85  ? 10.201  -1.885  6.436   1.00 19.15 ? 85   TYR A CB  1 
ATOM   525  C CG  . TYR A 1 85  ? 10.716  -1.635  5.033   1.00 21.72 ? 85   TYR A CG  1 
ATOM   526  C CD1 . TYR A 1 85  ? 9.845   -1.616  3.946   1.00 23.72 ? 85   TYR A CD1 1 
ATOM   527  C CD2 . TYR A 1 85  ? 12.066  -1.373  4.801   1.00 24.57 ? 85   TYR A CD2 1 
ATOM   528  C CE1 . TYR A 1 85  ? 10.302  -1.342  2.659   1.00 25.71 ? 85   TYR A CE1 1 
ATOM   529  C CE2 . TYR A 1 85  ? 12.535  -1.096  3.514   1.00 24.93 ? 85   TYR A CE2 1 
ATOM   530  C CZ  . TYR A 1 85  ? 11.645  -1.083  2.451   1.00 26.30 ? 85   TYR A CZ  1 
ATOM   531  O OH  . TYR A 1 85  ? 12.094  -0.808  1.177   1.00 28.22 ? 85   TYR A OH  1 
ATOM   532  N N   . LEU A 1 86  ? 7.812   0.131   6.349   1.00 16.25 ? 86   LEU A N   1 
ATOM   533  C CA  . LEU A 1 86  ? 6.948   1.034   5.602   1.00 16.31 ? 86   LEU A CA  1 
ATOM   534  C C   . LEU A 1 86  ? 6.962   2.430   6.213   1.00 17.48 ? 86   LEU A C   1 
ATOM   535  O O   . LEU A 1 86  ? 7.032   3.426   5.495   1.00 17.23 ? 86   LEU A O   1 
ATOM   536  C CB  . LEU A 1 86  ? 5.513   0.505   5.559   1.00 16.26 ? 86   LEU A CB  1 
ATOM   537  C CG  . LEU A 1 86  ? 5.307   -0.837  4.855   1.00 17.37 ? 86   LEU A CG  1 
ATOM   538  C CD1 . LEU A 1 86  ? 3.810   -1.068  4.694   1.00 18.56 ? 86   LEU A CD1 1 
ATOM   539  C CD2 . LEU A 1 86  ? 5.996   -0.848  3.494   1.00 17.97 ? 86   LEU A CD2 1 
ATOM   540  N N   . GLU A 1 87  ? 6.905   2.502   7.540   1.00 16.95 ? 87   GLU A N   1 
ATOM   541  C CA  . GLU A 1 87  ? 6.911   3.793   8.216   1.00 18.18 ? 87   GLU A CA  1 
ATOM   542  C C   . GLU A 1 87  ? 8.207   4.553   7.947   1.00 16.63 ? 87   GLU A C   1 
ATOM   543  O O   . GLU A 1 87  ? 8.185   5.762   7.719   1.00 17.16 ? 87   GLU A O   1 
ATOM   544  C CB  . GLU A 1 87  ? 6.724   3.610   9.727   1.00 20.31 ? 87   GLU A CB  1 
ATOM   545  C CG  . GLU A 1 87  ? 5.442   2.885   10.117  1.00 25.79 ? 87   GLU A CG  1 
ATOM   546  C CD  . GLU A 1 87  ? 5.213   2.861   11.619  1.00 28.53 ? 87   GLU A CD  1 
ATOM   547  O OE1 . GLU A 1 87  ? 6.183   2.627   12.370  1.00 32.22 ? 87   GLU A OE1 1 
ATOM   548  O OE2 . GLU A 1 87  ? 4.058   3.062   12.047  1.00 30.37 ? 87   GLU A OE2 1 
ATOM   549  N N   . ALA A 1 88  ? 9.334   3.845   7.971   1.00 16.24 ? 88   ALA A N   1 
ATOM   550  C CA  . ALA A 1 88  ? 10.632  4.475   7.730   1.00 17.45 ? 88   ALA A CA  1 
ATOM   551  C C   . ALA A 1 88  ? 10.718  5.035   6.316   1.00 17.84 ? 88   ALA A C   1 
ATOM   552  O O   . ALA A 1 88  ? 11.258  6.120   6.098   1.00 17.72 ? 88   ALA A O   1 
ATOM   553  C CB  . ALA A 1 88  ? 11.756  3.472   7.959   1.00 18.36 ? 88   ALA A CB  1 
ATOM   554  N N   . ARG A 1 89  ? 10.184  4.289   5.356   1.00 17.26 ? 89   ARG A N   1 
ATOM   555  C CA  . ARG A 1 89  ? 10.203  4.725   3.964   1.00 16.48 ? 89   ARG A CA  1 
ATOM   556  C C   . ARG A 1 89  ? 9.298   5.937   3.774   1.00 16.25 ? 89   ARG A C   1 
ATOM   557  O O   . ARG A 1 89  ? 9.624   6.853   3.019   1.00 16.46 ? 89   ARG A O   1 
ATOM   558  C CB  . ARG A 1 89  ? 9.757   3.580   3.052   1.00 15.54 ? 89   ARG A CB  1 
ATOM   559  C CG  . ARG A 1 89  ? 10.741  2.417   3.009   1.00 16.34 ? 89   ARG A CG  1 
ATOM   560  C CD  . ARG A 1 89  ? 12.033  2.816   2.308   1.00 18.44 ? 89   ARG A CD  1 
ATOM   561  N NE  . ARG A 1 89  ? 11.764  3.151   0.912   1.00 18.86 ? 89   ARG A NE  1 
ATOM   562  C CZ  . ARG A 1 89  ? 12.043  4.319   0.343   1.00 20.13 ? 89   ARG A CZ  1 
ATOM   563  N NH1 . ARG A 1 89  ? 12.619  5.293   1.040   1.00 20.49 ? 89   ARG A NH1 1 
ATOM   564  N NH2 . ARG A 1 89  ? 11.721  4.518   -0.928  1.00 21.13 ? 89   ARG A NH2 1 
ATOM   565  N N   . VAL A 1 90  ? 8.159   5.939   4.460   1.00 17.15 ? 90   VAL A N   1 
ATOM   566  C CA  . VAL A 1 90  ? 7.235   7.062   4.371   1.00 17.43 ? 90   VAL A CA  1 
ATOM   567  C C   . VAL A 1 90  ? 7.919   8.333   4.876   1.00 18.72 ? 90   VAL A C   1 
ATOM   568  O O   . VAL A 1 90  ? 7.826   9.388   4.249   1.00 17.95 ? 90   VAL A O   1 
ATOM   569  C CB  . VAL A 1 90  ? 5.955   6.803   5.206   1.00 17.00 ? 90   VAL A CB  1 
ATOM   570  C CG1 . VAL A 1 90  ? 5.141   8.085   5.336   1.00 17.46 ? 90   VAL A CG1 1 
ATOM   571  C CG2 . VAL A 1 90  ? 5.112   5.723   4.534   1.00 18.22 ? 90   VAL A CG2 1 
ATOM   572  N N   . LYS A 1 91  ? 8.612   8.227   6.005   1.00 18.15 ? 91   LYS A N   1 
ATOM   573  C CA  . LYS A 1 91  ? 9.298   9.383   6.572   1.00 20.01 ? 91   LYS A CA  1 
ATOM   574  C C   . LYS A 1 91  ? 10.377  9.889   5.621   1.00 19.37 ? 91   LYS A C   1 
ATOM   575  O O   . LYS A 1 91  ? 10.549  11.098  5.438   1.00 19.51 ? 91   LYS A O   1 
ATOM   576  C CB  . LYS A 1 91  ? 9.922   9.015   7.920   1.00 23.29 ? 91   LYS A CB  1 
ATOM   577  C CG  . LYS A 1 91  ? 10.698  10.145  8.566   1.00 28.36 ? 91   LYS A CG  1 
ATOM   578  C CD  . LYS A 1 91  ? 11.283  9.723   9.901   1.00 31.53 ? 91   LYS A CD  1 
ATOM   579  C CE  . LYS A 1 91  ? 12.095  10.853  10.517  1.00 34.79 ? 91   LYS A CE  1 
ATOM   580  N NZ  . LYS A 1 91  ? 11.285  12.100  10.654  1.00 37.32 ? 91   LYS A NZ  1 
ATOM   581  N N   A GLU A 1 92  ? 11.103  8.954   5.016   0.25 18.97 ? 92   GLU A N   1 
ATOM   582  N N   B GLU A 1 92  ? 11.102  8.955   5.016   0.50 17.64 ? 92   GLU A N   1 
ATOM   583  C CA  A GLU A 1 92  ? 12.165  9.289   4.076   0.25 19.56 ? 92   GLU A CA  1 
ATOM   584  C CA  B GLU A 1 92  ? 12.170  9.285   4.082   0.50 18.55 ? 92   GLU A CA  1 
ATOM   585  C C   A GLU A 1 92  ? 11.608  10.061  2.886   0.25 18.59 ? 92   GLU A C   1 
ATOM   586  C C   B GLU A 1 92  ? 11.617  10.049  2.879   0.50 17.55 ? 92   GLU A C   1 
ATOM   587  O O   A GLU A 1 92  ? 12.147  11.097  2.497   0.25 18.83 ? 92   GLU A O   1 
ATOM   588  O O   B GLU A 1 92  ? 12.167  11.074  2.477   0.50 18.09 ? 92   GLU A O   1 
ATOM   589  C CB  A GLU A 1 92  ? 12.848  8.013   3.580   0.25 21.04 ? 92   GLU A CB  1 
ATOM   590  C CB  B GLU A 1 92  ? 12.858  7.991   3.633   0.50 19.62 ? 92   GLU A CB  1 
ATOM   591  C CG  A GLU A 1 92  ? 13.594  7.242   4.657   0.25 23.83 ? 92   GLU A CG  1 
ATOM   592  C CG  B GLU A 1 92  ? 14.135  8.164   2.827   0.50 23.23 ? 92   GLU A CG  1 
ATOM   593  C CD  A GLU A 1 92  ? 13.926  5.825   4.232   0.25 25.37 ? 92   GLU A CD  1 
ATOM   594  C CD  B GLU A 1 92  ? 13.887  8.699   1.435   0.50 25.45 ? 92   GLU A CD  1 
ATOM   595  O OE1 A GLU A 1 92  ? 14.556  5.649   3.169   0.25 25.32 ? 92   GLU A OE1 1 
ATOM   596  O OE1 B GLU A 1 92  ? 12.926  8.239   0.785   0.50 26.51 ? 92   GLU A OE1 1 
ATOM   597  O OE2 A GLU A 1 92  ? 13.555  4.883   4.964   0.25 27.11 ? 92   GLU A OE2 1 
ATOM   598  O OE2 B GLU A 1 92  ? 14.663  9.567   0.986   0.50 26.61 ? 92   GLU A OE2 1 
ATOM   599  N N   . MET A 1 93  ? 10.521  9.553   2.312   1.00 17.84 ? 93   MET A N   1 
ATOM   600  C CA  . MET A 1 93  ? 9.909   10.202  1.159   1.00 17.18 ? 93   MET A CA  1 
ATOM   601  C C   . MET A 1 93  ? 9.259   11.536  1.508   1.00 18.05 ? 93   MET A C   1 
ATOM   602  O O   . MET A 1 93  ? 9.225   12.446  0.679   1.00 18.16 ? 93   MET A O   1 
ATOM   603  C CB  . MET A 1 93  ? 8.912   9.255   0.478   1.00 15.75 ? 93   MET A CB  1 
ATOM   604  C CG  . MET A 1 93  ? 9.612   8.129   -0.294  1.00 15.69 ? 93   MET A CG  1 
ATOM   605  S SD  . MET A 1 93  ? 8.531   7.038   -1.289  1.00 8.77  ? 93   MET A SD  1 
ATOM   606  C CE  . MET A 1 93  ? 7.948   5.960   0.022   1.00 14.76 ? 93   MET A CE  1 
ATOM   607  N N   . LYS A 1 94  ? 8.747   11.666  2.730   1.00 18.38 ? 94   LYS A N   1 
ATOM   608  C CA  . LYS A 1 94  ? 8.148   12.932  3.140   1.00 20.02 ? 94   LYS A CA  1 
ATOM   609  C C   . LYS A 1 94  ? 9.230   14.007  3.138   1.00 20.09 ? 94   LYS A C   1 
ATOM   610  O O   . LYS A 1 94  ? 8.956   15.178  2.877   1.00 21.16 ? 94   LYS A O   1 
ATOM   611  C CB  . LYS A 1 94  ? 7.535   12.822  4.536   1.00 22.06 ? 94   LYS A CB  1 
ATOM   612  C CG  . LYS A 1 94  ? 6.184   12.135  4.561   1.00 26.22 ? 94   LYS A CG  1 
ATOM   613  C CD  . LYS A 1 94  ? 5.616   12.107  5.969   1.00 29.38 ? 94   LYS A CD  1 
ATOM   614  C CE  . LYS A 1 94  ? 4.246   11.452  5.994   1.00 31.94 ? 94   LYS A CE  1 
ATOM   615  N NZ  . LYS A 1 94  ? 3.727   11.332  7.383   1.00 33.86 ? 94   LYS A NZ  1 
ATOM   616  N N   . ALA A 1 95  ? 10.464  13.605  3.431   1.00 20.45 ? 95   ALA A N   1 
ATOM   617  C CA  . ALA A 1 95  ? 11.581  14.542  3.445   1.00 21.23 ? 95   ALA A CA  1 
ATOM   618  C C   . ALA A 1 95  ? 11.885  15.012  2.023   1.00 21.41 ? 95   ALA A C   1 
ATOM   619  O O   . ALA A 1 95  ? 12.241  16.173  1.812   1.00 22.51 ? 95   ALA A O   1 
ATOM   620  C CB  . ALA A 1 95  ? 12.814  13.886  4.057   1.00 21.47 ? 95   ALA A CB  1 
ATOM   621  N N   . GLU A 1 96  ? 11.745  14.112  1.052   1.00 20.21 ? 96   GLU A N   1 
ATOM   622  C CA  . GLU A 1 96  ? 12.002  14.458  -0.345  1.00 20.79 ? 96   GLU A CA  1 
ATOM   623  C C   . GLU A 1 96  ? 10.914  15.367  -0.909  1.00 21.27 ? 96   GLU A C   1 
ATOM   624  O O   . GLU A 1 96  ? 11.197  16.280  -1.681  1.00 22.43 ? 96   GLU A O   1 
ATOM   625  C CB  . GLU A 1 96  ? 12.111  13.197  -1.217  1.00 20.58 ? 96   GLU A CB  1 
ATOM   626  C CG  . GLU A 1 96  ? 12.254  13.493  -2.723  1.00 22.50 ? 96   GLU A CG  1 
ATOM   627  C CD  . GLU A 1 96  ? 12.540  12.253  -3.567  1.00 24.97 ? 96   GLU A CD  1 
ATOM   628  O OE1 . GLU A 1 96  ? 12.578  12.367  -4.819  1.00 21.99 ? 96   GLU A OE1 1 
ATOM   629  O OE2 . GLU A 1 96  ? 12.736  11.166  -2.981  1.00 22.42 ? 96   GLU A OE2 1 
ATOM   630  N N   . ILE A 1 97  ? 9.668   15.122  -0.516  1.00 20.36 ? 97   ILE A N   1 
ATOM   631  C CA  . ILE A 1 97  ? 8.552   15.919  -1.009  1.00 22.06 ? 97   ILE A CA  1 
ATOM   632  C C   . ILE A 1 97  ? 8.457   17.284  -0.341  1.00 23.98 ? 97   ILE A C   1 
ATOM   633  O O   . ILE A 1 97  ? 8.248   18.297  -1.010  1.00 25.23 ? 97   ILE A O   1 
ATOM   634  C CB  . ILE A 1 97  ? 7.202   15.186  -0.801  1.00 21.51 ? 97   ILE A CB  1 
ATOM   635  C CG1 . ILE A 1 97  ? 7.171   13.900  -1.629  1.00 21.48 ? 97   ILE A CG1 1 
ATOM   636  C CG2 . ILE A 1 97  ? 6.041   16.098  -1.195  1.00 22.53 ? 97   ILE A CG2 1 
ATOM   637  C CD1 . ILE A 1 97  ? 7.188   14.133  -3.134  1.00 23.56 ? 97   ILE A CD1 1 
ATOM   638  N N   . GLY A 1 98  ? 8.617   17.307  0.977   1.00 24.48 ? 98   GLY A N   1 
ATOM   639  C CA  . GLY A 1 98  ? 8.503   18.556  1.703   1.00 27.81 ? 98   GLY A CA  1 
ATOM   640  C C   . GLY A 1 98  ? 7.056   18.691  2.143   1.00 29.61 ? 98   GLY A C   1 
ATOM   641  O O   . GLY A 1 98  ? 6.418   17.691  2.471   1.00 30.71 ? 98   GLY A O   1 
ATOM   642  N N   . LYS A 1 99  ? 6.526   19.907  2.141   1.00 32.36 ? 99   LYS A N   1 
ATOM   643  C CA  . LYS A 1 99  ? 5.144   20.116  2.552   1.00 36.07 ? 99   LYS A CA  1 
ATOM   644  C C   . LYS A 1 99  ? 4.163   19.443  1.600   1.00 37.26 ? 99   LYS A C   1 
ATOM   645  O O   . LYS A 1 99  ? 4.343   19.467  0.382   1.00 38.19 ? 99   LYS A O   1 
ATOM   646  C CB  . LYS A 1 99  ? 4.834   21.613  2.640   1.00 38.35 ? 99   LYS A CB  1 
ATOM   647  C CG  . LYS A 1 99  ? 5.605   22.337  3.734   1.00 41.13 ? 99   LYS A CG  1 
ATOM   648  C CD  . LYS A 1 99  ? 5.136   23.776  3.887   1.00 42.94 ? 99   LYS A CD  1 
ATOM   649  C CE  . LYS A 1 99  ? 5.873   24.478  5.017   1.00 43.91 ? 99   LYS A CE  1 
ATOM   650  N NZ  . LYS A 1 99  ? 5.390   25.873  5.217   1.00 44.83 ? 99   LYS A NZ  1 
ATOM   651  N N   . ILE A 1 100 ? 3.127   18.836  2.169   1.00 38.04 ? 100  ILE A N   1 
ATOM   652  C CA  . ILE A 1 100 ? 2.106   18.160  1.380   1.00 39.15 ? 100  ILE A CA  1 
ATOM   653  C C   . ILE A 1 100 ? 0.761   18.852  1.551   1.00 39.88 ? 100  ILE A C   1 
ATOM   654  O O   . ILE A 1 100 ? 0.107   18.707  2.584   1.00 39.89 ? 100  ILE A O   1 
ATOM   655  C CB  . ILE A 1 100 ? 1.956   16.683  1.803   1.00 38.85 ? 100  ILE A CB  1 
ATOM   656  C CG1 . ILE A 1 100 ? 3.264   15.931  1.543   1.00 39.31 ? 100  ILE A CG1 1 
ATOM   657  C CG2 . ILE A 1 100 ? 0.809   16.034  1.034   1.00 39.97 ? 100  ILE A CG2 1 
ATOM   658  C CD1 . ILE A 1 100 ? 3.226   14.470  1.946   1.00 39.05 ? 100  ILE A CD1 1 
ATOM   659  N N   . GLU A 1 101 ? 0.353   19.615  0.541   1.00 40.88 ? 101  GLU A N   1 
ATOM   660  C CA  . GLU A 1 101 ? -0.926  20.312  0.589   1.00 41.70 ? 101  GLU A CA  1 
ATOM   661  C C   . GLU A 1 101 ? -2.041  19.282  0.479   1.00 41.47 ? 101  GLU A C   1 
ATOM   662  O O   . GLU A 1 101 ? -2.029  18.437  -0.417  1.00 42.04 ? 101  GLU A O   1 
ATOM   663  C CB  . GLU A 1 101 ? -1.032  21.320  -0.557  1.00 43.15 ? 101  GLU A CB  1 
ATOM   664  C CG  . GLU A 1 101 ? 0.002   22.429  -0.498  1.00 45.85 ? 101  GLU A CG  1 
ATOM   665  C CD  . GLU A 1 101 ? -0.209  23.478  -1.572  1.00 47.99 ? 101  GLU A CD  1 
ATOM   666  O OE1 . GLU A 1 101 ? -0.176  23.123  -2.769  1.00 49.27 ? 101  GLU A OE1 1 
ATOM   667  O OE2 . GLU A 1 101 ? -0.411  24.659  -1.215  1.00 49.53 ? 101  GLU A OE2 1 
ATOM   668  N N   . LEU A 1 102 ? -2.998  19.351  1.396   1.00 40.33 ? 102  LEU A N   1 
ATOM   669  C CA  . LEU A 1 102 ? -4.107  18.410  1.403   1.00 39.46 ? 102  LEU A CA  1 
ATOM   670  C C   . LEU A 1 102 ? -5.009  18.550  0.187   1.00 37.99 ? 102  LEU A C   1 
ATOM   671  O O   . LEU A 1 102 ? -5.155  19.640  -0.372  1.00 39.11 ? 102  LEU A O   1 
ATOM   672  C CB  . LEU A 1 102 ? -4.940  18.583  2.674   1.00 40.93 ? 102  LEU A CB  1 
ATOM   673  C CG  . LEU A 1 102 ? -4.234  18.278  3.998   1.00 42.11 ? 102  LEU A CG  1 
ATOM   674  C CD1 . LEU A 1 102 ? -5.211  18.469  5.147   1.00 42.91 ? 102  LEU A CD1 1 
ATOM   675  C CD2 . LEU A 1 102 ? -3.703  16.851  3.983   1.00 42.32 ? 102  LEU A CD2 1 
ATOM   676  N N   . PHE A 1 103 ? -5.604  17.429  -0.211  1.00 34.96 ? 103  PHE A N   1 
ATOM   677  C CA  . PHE A 1 103 ? -6.513  17.373  -1.347  1.00 31.04 ? 103  PHE A CA  1 
ATOM   678  C C   . PHE A 1 103 ? -5.796  17.294  -2.692  1.00 27.24 ? 103  PHE A C   1 
ATOM   679  O O   . PHE A 1 103 ? -6.054  18.087  -3.598  1.00 25.94 ? 103  PHE A O   1 
ATOM   680  C CB  . PHE A 1 103 ? -7.463  18.576  -1.314  1.00 34.12 ? 103  PHE A CB  1 
ATOM   681  C CG  . PHE A 1 103 ? -8.275  18.667  -0.049  1.00 36.15 ? 103  PHE A CG  1 
ATOM   682  C CD1 . PHE A 1 103 ? -8.694  19.901  0.438   1.00 37.87 ? 103  PHE A CD1 1 
ATOM   683  C CD2 . PHE A 1 103 ? -8.618  17.517  0.661   1.00 36.89 ? 103  PHE A CD2 1 
ATOM   684  C CE1 . PHE A 1 103 ? -9.441  19.991  1.615   1.00 38.28 ? 103  PHE A CE1 1 
ATOM   685  C CE2 . PHE A 1 103 ? -9.365  17.595  1.836   1.00 37.88 ? 103  PHE A CE2 1 
ATOM   686  C CZ  . PHE A 1 103 ? -9.775  18.836  2.313   1.00 38.18 ? 103  PHE A CZ  1 
ATOM   687  N N   . VAL A 1 104 ? -4.893  16.328  -2.814  1.00 23.34 ? 104  VAL A N   1 
ATOM   688  C CA  . VAL A 1 104 ? -4.169  16.121  -4.060  1.00 21.10 ? 104  VAL A CA  1 
ATOM   689  C C   . VAL A 1 104 ? -5.114  15.420  -5.039  1.00 18.69 ? 104  VAL A C   1 
ATOM   690  O O   . VAL A 1 104 ? -5.753  14.428  -4.684  1.00 19.40 ? 104  VAL A O   1 
ATOM   691  C CB  . VAL A 1 104 ? -2.925  15.222  -3.844  1.00 21.27 ? 104  VAL A CB  1 
ATOM   692  C CG1 . VAL A 1 104 ? -2.319  14.837  -5.188  1.00 21.90 ? 104  VAL A CG1 1 
ATOM   693  C CG2 . VAL A 1 104 ? -1.896  15.953  -2.996  1.00 22.33 ? 104  VAL A CG2 1 
ATOM   694  N N   . VAL A 1 105 ? -5.223  15.949  -6.253  1.00 16.54 ? 105  VAL A N   1 
ATOM   695  C CA  . VAL A 1 105 ? -6.069  15.334  -7.273  1.00 17.04 ? 105  VAL A CA  1 
ATOM   696  C C   . VAL A 1 105 ? -5.226  14.180  -7.816  1.00 16.99 ? 105  VAL A C   1 
ATOM   697  O O   . VAL A 1 105 ? -4.148  14.396  -8.367  1.00 18.53 ? 105  VAL A O   1 
ATOM   698  C CB  . VAL A 1 105 ? -6.396  16.331  -8.407  1.00 16.62 ? 105  VAL A CB  1 
ATOM   699  C CG1 . VAL A 1 105 ? -7.278  15.659  -9.452  1.00 18.88 ? 105  VAL A CG1 1 
ATOM   700  C CG2 . VAL A 1 105 ? -7.102  17.561  -7.833  1.00 18.37 ? 105  VAL A CG2 1 
ATOM   701  N N   . PRO A 1 106 ? -5.704  12.934  -7.667  1.00 16.34 ? 106  PRO A N   1 
ATOM   702  C CA  . PRO A 1 106 ? -4.932  11.783  -8.153  1.00 16.07 ? 106  PRO A CA  1 
ATOM   703  C C   . PRO A 1 106 ? -4.724  11.701  -9.662  1.00 16.22 ? 106  PRO A C   1 
ATOM   704  O O   . PRO A 1 106 ? -5.682  11.666  -10.428 1.00 16.80 ? 106  PRO A O   1 
ATOM   705  C CB  . PRO A 1 106 ? -5.715  10.595  -7.601  1.00 16.60 ? 106  PRO A CB  1 
ATOM   706  C CG  . PRO A 1 106 ? -7.131  11.090  -7.641  1.00 17.35 ? 106  PRO A CG  1 
ATOM   707  C CD  . PRO A 1 106 ? -6.998  12.502  -7.105  1.00 16.78 ? 106  PRO A CD  1 
ATOM   708  N N   . GLY A 1 107 ? -3.460  11.652  -10.079 1.00 16.29 ? 107  GLY A N   1 
ATOM   709  C CA  . GLY A 1 107 ? -3.150  11.566  -11.495 1.00 15.49 ? 107  GLY A CA  1 
ATOM   710  C C   . GLY A 1 107 ? -1.805  12.176  -11.841 1.00 16.04 ? 107  GLY A C   1 
ATOM   711  O O   . GLY A 1 107 ? -0.872  12.108  -11.041 1.00 19.01 ? 107  GLY A O   1 
ATOM   712  N N   . GLY A 1 108 ? -1.702  12.751  -13.035 1.00 16.45 ? 108  GLY A N   1 
ATOM   713  C CA  . GLY A 1 108 ? -0.464  13.390  -13.458 1.00 16.42 ? 108  GLY A CA  1 
ATOM   714  C C   . GLY A 1 108 ? 0.378   12.584  -14.426 1.00 18.61 ? 108  GLY A C   1 
ATOM   715  O O   . GLY A 1 108 ? 0.684   13.033  -15.532 1.00 22.54 ? 108  GLY A O   1 
ATOM   716  N N   . SER A 1 109 ? 0.794   11.404  -13.988 1.00 17.97 ? 109  SER A N   1 
ATOM   717  C CA  . SER A 1 109 ? 1.593   10.504  -14.809 1.00 14.96 ? 109  SER A CA  1 
ATOM   718  C C   . SER A 1 109 ? 0.970   9.133   -14.648 1.00 14.65 ? 109  SER A C   1 
ATOM   719  O O   . SER A 1 109 ? 0.240   8.891   -13.683 1.00 14.48 ? 109  SER A O   1 
ATOM   720  C CB  . SER A 1 109 ? 3.047   10.464  -14.322 1.00 14.67 ? 109  SER A CB  1 
ATOM   721  O OG  . SER A 1 109 ? 3.150   9.969   -12.988 1.00 14.54 ? 109  SER A OG  1 
ATOM   722  N N   A VAL A 1 110 ? 1.244   8.234   -15.587 0.25 12.72 ? 110  VAL A N   1 
ATOM   723  N N   B VAL A 1 110 ? 1.244   8.232   -15.584 0.50 11.15 ? 110  VAL A N   1 
ATOM   724  C CA  A VAL A 1 110 ? 0.699   6.887   -15.500 0.25 12.37 ? 110  VAL A CA  1 
ATOM   725  C CA  B VAL A 1 110 ? 0.686   6.895   -15.489 0.50 11.07 ? 110  VAL A CA  1 
ATOM   726  C C   A VAL A 1 110 ? 1.297   6.194   -14.282 0.25 11.71 ? 110  VAL A C   1 
ATOM   727  C C   B VAL A 1 110 ? 1.292   6.203   -14.272 0.50 10.14 ? 110  VAL A C   1 
ATOM   728  O O   A VAL A 1 110 ? 0.647   5.369   -13.642 0.25 11.67 ? 110  VAL A O   1 
ATOM   729  O O   B VAL A 1 110 ? 0.643   5.391   -13.619 0.50 9.70  ? 110  VAL A O   1 
ATOM   730  C CB  A VAL A 1 110 ? 1.010   6.065   -16.771 0.25 13.25 ? 110  VAL A CB  1 
ATOM   731  C CB  B VAL A 1 110 ? 0.959   6.066   -16.769 0.50 12.16 ? 110  VAL A CB  1 
ATOM   732  C CG1 A VAL A 1 110 ? 0.214   6.612   -17.945 0.25 13.65 ? 110  VAL A CG1 1 
ATOM   733  C CG1 B VAL A 1 110 ? 2.441   5.750   -16.897 0.50 13.87 ? 110  VAL A CG1 1 
ATOM   734  C CG2 A VAL A 1 110 ? 2.499   6.113   -17.076 0.25 14.02 ? 110  VAL A CG2 1 
ATOM   735  C CG2 B VAL A 1 110 ? 0.133   4.798   -16.743 0.50 14.77 ? 110  VAL A CG2 1 
ATOM   736  N N   . GLU A 1 111 ? 2.539   6.545   -13.960 1.00 11.70 ? 111  GLU A N   1 
ATOM   737  C CA  . GLU A 1 111 ? 3.214   5.967   -12.804 1.00 11.11 ? 111  GLU A CA  1 
ATOM   738  C C   . GLU A 1 111 ? 2.454   6.341   -11.537 1.00 11.56 ? 111  GLU A C   1 
ATOM   739  O O   . GLU A 1 111 ? 2.145   5.486   -10.703 1.00 12.15 ? 111  GLU A O   1 
ATOM   740  C CB  . GLU A 1 111 ? 4.654   6.488   -12.699 1.00 12.42 ? 111  GLU A CB  1 
ATOM   741  C CG  . GLU A 1 111 ? 5.597   5.950   -13.764 1.00 14.47 ? 111  GLU A CG  1 
ATOM   742  C CD  . GLU A 1 111 ? 5.597   6.755   -15.058 1.00 16.83 ? 111  GLU A CD  1 
ATOM   743  O OE1 . GLU A 1 111 ? 4.686   7.574   -15.284 1.00 15.68 ? 111  GLU A OE1 1 
ATOM   744  O OE2 . GLU A 1 111 ? 6.526   6.555   -15.871 1.00 22.02 ? 111  GLU A OE2 1 
ATOM   745  N N   A SER A 1 112 ? 2.155   7.628   -11.396 0.25 9.06  ? 112  SER A N   1 
ATOM   746  N N   B SER A 1 112 ? 2.155   7.625   -11.383 0.50 8.13  ? 112  SER A N   1 
ATOM   747  C CA  A SER A 1 112 ? 1.433   8.123   -10.231 0.25 8.21  ? 112  SER A CA  1 
ATOM   748  C CA  B SER A 1 112 ? 1.433   8.081   -10.202 0.50 8.33  ? 112  SER A CA  1 
ATOM   749  C C   A SER A 1 112 ? -0.004  7.618   -10.202 0.25 8.92  ? 112  SER A C   1 
ATOM   750  C C   B SER A 1 112 ? -0.011  7.599   -10.199 0.50 8.27  ? 112  SER A C   1 
ATOM   751  O O   A SER A 1 112 ? -0.513  7.226   -9.152  0.25 9.29  ? 112  SER A O   1 
ATOM   752  O O   B SER A 1 112 ? -0.534  7.202   -9.157  0.50 8.48  ? 112  SER A O   1 
ATOM   753  C CB  A SER A 1 112 ? 1.434   9.655   -10.226 0.25 7.11  ? 112  SER A CB  1 
ATOM   754  C CB  B SER A 1 112 ? 1.481   9.606   -10.116 0.50 8.22  ? 112  SER A CB  1 
ATOM   755  O OG  A SER A 1 112 ? 0.685   10.161  -9.135  0.25 4.63  ? 112  SER A OG  1 
ATOM   756  O OG  B SER A 1 112 ? 2.811   10.042  -9.902  0.50 13.38 ? 112  SER A OG  1 
ATOM   757  N N   . ALA A 1 113 ? -0.655  7.624   -11.361 1.00 10.37 ? 113  ALA A N   1 
ATOM   758  C CA  . ALA A 1 113 ? -2.041  7.178   -11.456 1.00 11.19 ? 113  ALA A CA  1 
ATOM   759  C C   . ALA A 1 113 ? -2.204  5.733   -10.988 1.00 11.49 ? 113  ALA A C   1 
ATOM   760  O O   . ALA A 1 113 ? -3.137  5.417   -10.249 1.00 11.90 ? 113  ALA A O   1 
ATOM   761  C CB  . ALA A 1 113 ? -2.544  7.325   -12.894 1.00 12.70 ? 113  ALA A CB  1 
ATOM   762  N N   . SER A 1 114 ? -1.294  4.859   -11.411 1.00 10.78 ? 114  SER A N   1 
ATOM   763  C CA  . SER A 1 114 ? -1.370  3.452   -11.019 1.00 11.35 ? 114  SER A CA  1 
ATOM   764  C C   . SER A 1 114 ? -1.169  3.278   -9.515  1.00 11.97 ? 114  SER A C   1 
ATOM   765  O O   . SER A 1 114 ? -1.762  2.394   -8.896  1.00 12.07 ? 114  SER A O   1 
ATOM   766  C CB  . SER A 1 114 ? -0.338  2.621   -11.794 1.00 13.11 ? 114  SER A CB  1 
ATOM   767  O OG  . SER A 1 114 ? 0.992   3.011   -11.490 1.00 14.62 ? 114  SER A OG  1 
ATOM   768  N N   . LEU A 1 115 ? -0.331  4.121   -8.923  1.00 10.67 ? 115  LEU A N   1 
ATOM   769  C CA  . LEU A 1 115 ? -0.092  4.030   -7.490  1.00 10.88 ? 115  LEU A CA  1 
ATOM   770  C C   . LEU A 1 115 ? -1.312  4.527   -6.720  1.00 11.81 ? 115  LEU A C   1 
ATOM   771  O O   . LEU A 1 115 ? -1.641  3.992   -5.661  1.00 11.78 ? 115  LEU A O   1 
ATOM   772  C CB  . LEU A 1 115 ? 1.164   4.820   -7.120  1.00 10.49 ? 115  LEU A CB  1 
ATOM   773  C CG  . LEU A 1 115 ? 2.443   4.121   -7.590  1.00 10.33 ? 115  LEU A CG  1 
ATOM   774  C CD1 . LEU A 1 115 ? 3.590   5.113   -7.672  1.00 10.41 ? 115  LEU A CD1 1 
ATOM   775  C CD2 . LEU A 1 115 ? 2.772   2.980   -6.630  1.00 10.87 ? 115  LEU A CD2 1 
ATOM   776  N N   . HIS A 1 116 ? -1.995  5.542   -7.250  1.00 10.87 ? 116  HIS A N   1 
ATOM   777  C CA  . HIS A 1 116 ? -3.194  6.040   -6.591  1.00 11.80 ? 116  HIS A CA  1 
ATOM   778  C C   . HIS A 1 116 ? -4.303  4.992   -6.669  1.00 12.09 ? 116  HIS A C   1 
ATOM   779  O O   . HIS A 1 116 ? -5.098  4.858   -5.737  1.00 12.56 ? 116  HIS A O   1 
ATOM   780  C CB  . HIS A 1 116 ? -3.661  7.353   -7.222  1.00 12.35 ? 116  HIS A CB  1 
ATOM   781  C CG  . HIS A 1 116 ? -2.985  8.561   -6.654  1.00 13.13 ? 116  HIS A CG  1 
ATOM   782  N ND1 . HIS A 1 116 ? -2.191  9.401   -7.406  1.00 16.05 ? 116  HIS A ND1 1 
ATOM   783  C CD2 . HIS A 1 116 ? -2.978  9.063   -5.395  1.00 12.71 ? 116  HIS A CD2 1 
ATOM   784  C CE1 . HIS A 1 116 ? -1.724  10.369  -6.635  1.00 11.39 ? 116  HIS A CE1 1 
ATOM   785  N NE2 . HIS A 1 116 ? -2.187  10.186  -5.411  1.00 17.43 ? 116  HIS A NE2 1 
ATOM   786  N N   . MET A 1 117 ? -4.369  4.250   -7.776  1.00 12.70 ? 117  MET A N   1 
ATOM   787  C CA  . MET A 1 117 ? -5.387  3.207   -7.891  1.00 11.51 ? 117  MET A CA  1 
ATOM   788  C C   . MET A 1 117 ? -5.063  2.118   -6.869  1.00 12.57 ? 117  MET A C   1 
ATOM   789  O O   . MET A 1 117 ? -5.951  1.625   -6.179  1.00 12.88 ? 117  MET A O   1 
ATOM   790  C CB  . MET A 1 117 ? -5.432  2.625   -9.311  1.00 13.70 ? 117  MET A CB  1 
ATOM   791  C CG  . MET A 1 117 ? -6.283  3.457   -10.282 1.00 12.19 ? 117  MET A CG  1 
ATOM   792  S SD  . MET A 1 117 ? -6.388  2.795   -11.992 1.00 14.00 ? 117  MET A SD  1 
ATOM   793  C CE  . MET A 1 117 ? -5.106  3.110   -12.322 1.00 2.01  ? 117  MET A CE  1 
ATOM   794  N N   . ALA A 1 118 ? -3.786  1.759   -6.760  1.00 12.28 ? 118  ALA A N   1 
ATOM   795  C CA  . ALA A 1 118 ? -3.367  0.748   -5.792  1.00 12.18 ? 118  ALA A CA  1 
ATOM   796  C C   . ALA A 1 118 ? -3.698  1.241   -4.381  1.00 11.98 ? 118  ALA A C   1 
ATOM   797  O O   . ALA A 1 118 ? -4.161  0.471   -3.540  1.00 13.12 ? 118  ALA A O   1 
ATOM   798  C CB  . ALA A 1 118 ? -1.866  0.486   -5.917  1.00 12.02 ? 118  ALA A CB  1 
ATOM   799  N N   . ARG A 1 119 ? -3.458  2.525   -4.124  1.00 12.88 ? 119  ARG A N   1 
ATOM   800  C CA  . ARG A 1 119 ? -3.755  3.081   -2.807  1.00 12.70 ? 119  ARG A CA  1 
ATOM   801  C C   . ARG A 1 119 ? -5.241  2.961   -2.476  1.00 14.15 ? 119  ARG A C   1 
ATOM   802  O O   . ARG A 1 119 ? -5.606  2.635   -1.347  1.00 14.74 ? 119  ARG A O   1 
ATOM   803  C CB  . ARG A 1 119 ? -3.330  4.550   -2.721  1.00 14.88 ? 119  ARG A CB  1 
ATOM   804  C CG  . ARG A 1 119 ? -3.745  5.207   -1.409  1.00 17.65 ? 119  ARG A CG  1 
ATOM   805  C CD  . ARG A 1 119 ? -3.075  6.549   -1.186  1.00 22.55 ? 119  ARG A CD  1 
ATOM   806  N NE  . ARG A 1 119 ? -3.434  7.098   0.121   1.00 28.04 ? 119  ARG A NE  1 
ATOM   807  C CZ  . ARG A 1 119 ? -4.544  7.785   0.368   1.00 29.27 ? 119  ARG A CZ  1 
ATOM   808  N NH1 . ARG A 1 119 ? -5.409  8.025   -0.607  1.00 33.30 ? 119  ARG A NH1 1 
ATOM   809  N NH2 . ARG A 1 119 ? -4.798  8.220   1.594   1.00 30.42 ? 119  ARG A NH2 1 
ATOM   810  N N   . ALA A 1 120 ? -6.101  3.221   -3.456  1.00 14.06 ? 120  ALA A N   1 
ATOM   811  C CA  . ALA A 1 120 ? -7.540  3.125   -3.216  1.00 14.63 ? 120  ALA A CA  1 
ATOM   812  C C   . ALA A 1 120 ? -7.924  1.698   -2.839  1.00 15.26 ? 120  ALA A C   1 
ATOM   813  O O   . ALA A 1 120 ? -8.775  1.484   -1.978  1.00 15.34 ? 120  ALA A O   1 
ATOM   814  C CB  . ALA A 1 120 ? -8.313  3.576   -4.449  1.00 15.59 ? 120  ALA A CB  1 
ATOM   815  N N   . VAL A 1 121 ? -7.301  0.716   -3.479  1.00 13.95 ? 121  VAL A N   1 
ATOM   816  C CA  . VAL A 1 121 ? -7.606  -0.669  -3.156  1.00 13.84 ? 121  VAL A CA  1 
ATOM   817  C C   . VAL A 1 121 ? -7.072  -1.012  -1.762  1.00 13.62 ? 121  VAL A C   1 
ATOM   818  O O   . VAL A 1 121 ? -7.674  -1.800  -1.037  1.00 14.00 ? 121  VAL A O   1 
ATOM   819  C CB  . VAL A 1 121 ? -7.014  -1.635  -4.209  1.00 14.99 ? 121  VAL A CB  1 
ATOM   820  C CG1 . VAL A 1 121 ? -7.355  -3.076  -3.851  1.00 16.12 ? 121  VAL A CG1 1 
ATOM   821  C CG2 . VAL A 1 121 ? -7.566  -1.290  -5.588  1.00 15.94 ? 121  VAL A CG2 1 
ATOM   822  N N   A SER A 1 122 ? -5.945  -0.413  -1.388  0.25 11.17 ? 122  SER A N   1 
ATOM   823  N N   B SER A 1 122 ? -5.942  -0.420  -1.384  0.50 10.96 ? 122  SER A N   1 
ATOM   824  C CA  A SER A 1 122 ? -5.365  -0.665  -0.075  0.25 10.00 ? 122  SER A CA  1 
ATOM   825  C CA  B SER A 1 122 ? -5.379  -0.688  -0.065  0.50 11.40 ? 122  SER A CA  1 
ATOM   826  C C   A SER A 1 122 ? -6.297  -0.120  1.005   0.25 11.62 ? 122  SER A C   1 
ATOM   827  C C   B SER A 1 122 ? -6.314  -0.129  1.008   0.50 11.93 ? 122  SER A C   1 
ATOM   828  O O   A SER A 1 122 ? -6.433  -0.712  2.075   0.25 11.36 ? 122  SER A O   1 
ATOM   829  O O   B SER A 1 122 ? -6.467  -0.717  2.077   0.50 10.96 ? 122  SER A O   1 
ATOM   830  C CB  A SER A 1 122 ? -3.989  -0.005  0.040   0.25 7.94  ? 122  SER A CB  1 
ATOM   831  C CB  B SER A 1 122 ? -3.989  -0.060  0.071   0.50 11.12 ? 122  SER A CB  1 
ATOM   832  O OG  A SER A 1 122 ? -3.366  -0.341  1.270   0.25 2.45  ? 122  SER A OG  1 
ATOM   833  O OG  B SER A 1 122 ? -4.075  1.340   0.253   0.50 15.04 ? 122  SER A OG  1 
ATOM   834  N N   . ARG A 1 123 ? -6.939  1.010   0.720   1.00 13.10 ? 123  ARG A N   1 
ATOM   835  C CA  . ARG A 1 123 ? -7.864  1.613   1.676   1.00 13.98 ? 123  ARG A CA  1 
ATOM   836  C C   . ARG A 1 123 ? -9.118  0.740   1.760   1.00 14.96 ? 123  ARG A C   1 
ATOM   837  O O   . ARG A 1 123 ? -9.743  0.630   2.818   1.00 15.23 ? 123  ARG A O   1 
ATOM   838  C CB  . ARG A 1 123 ? -8.207  3.052   1.266   1.00 16.04 ? 123  ARG A CB  1 
ATOM   839  C CG  . ARG A 1 123 ? -7.060  4.027   1.540   1.00 20.09 ? 123  ARG A CG  1 
ATOM   840  C CD  . ARG A 1 123 ? -7.368  5.448   1.083   1.00 27.41 ? 123  ARG A CD  1 
ATOM   841  N NE  . ARG A 1 123 ? -8.445  6.074   1.851   1.00 31.62 ? 123  ARG A NE  1 
ATOM   842  C CZ  . ARG A 1 123 ? -8.350  6.440   3.125   1.00 34.81 ? 123  ARG A CZ  1 
ATOM   843  N NH1 . ARG A 1 123 ? -7.224  6.245   3.799   1.00 36.62 ? 123  ARG A NH1 1 
ATOM   844  N NH2 . ARG A 1 123 ? -9.387  7.009   3.729   1.00 35.69 ? 123  ARG A NH2 1 
ATOM   845  N N   . ARG A 1 124 ? -9.482  0.110   0.647   1.00 14.55 ? 124  ARG A N   1 
ATOM   846  C CA  . ARG A 1 124 ? -10.632 -0.783  0.644   1.00 15.52 ? 124  ARG A CA  1 
ATOM   847  C C   . ARG A 1 124 ? -10.261 -1.987  1.515   1.00 16.57 ? 124  ARG A C   1 
ATOM   848  O O   . ARG A 1 124 ? -11.087 -2.500  2.269   1.00 16.71 ? 124  ARG A O   1 
ATOM   849  C CB  . ARG A 1 124 ? -10.957 -1.258  -0.775  1.00 16.95 ? 124  ARG A CB  1 
ATOM   850  C CG  . ARG A 1 124 ? -12.232 -2.089  -0.855  1.00 19.14 ? 124  ARG A CG  1 
ATOM   851  C CD  . ARG A 1 124 ? -12.240 -2.967  -2.085  1.00 23.30 ? 124  ARG A CD  1 
ATOM   852  N NE  . ARG A 1 124 ? -12.043 -2.207  -3.316  1.00 23.48 ? 124  ARG A NE  1 
ATOM   853  C CZ  . ARG A 1 124 ? -11.742 -2.769  -4.481  1.00 25.25 ? 124  ARG A CZ  1 
ATOM   854  N NH1 . ARG A 1 124 ? -11.610 -4.087  -4.562  1.00 27.77 ? 124  ARG A NH1 1 
ATOM   855  N NH2 . ARG A 1 124 ? -11.564 -2.023  -5.557  1.00 26.47 ? 124  ARG A NH2 1 
ATOM   856  N N   . LEU A 1 125 ? -9.012  -2.436  1.409   1.00 15.78 ? 125  LEU A N   1 
ATOM   857  C CA  . LEU A 1 125 ? -8.547  -3.564  2.214   1.00 15.50 ? 125  LEU A CA  1 
ATOM   858  C C   . LEU A 1 125 ? -8.700  -3.220  3.694   1.00 16.87 ? 125  LEU A C   1 
ATOM   859  O O   . LEU A 1 125 ? -9.140  -4.051  4.488   1.00 17.49 ? 125  LEU A O   1 
ATOM   860  C CB  . LEU A 1 125 ? -7.082  -3.886  1.898   1.00 15.86 ? 125  LEU A CB  1 
ATOM   861  C CG  . LEU A 1 125 ? -6.418  -4.945  2.788   1.00 16.79 ? 125  LEU A CG  1 
ATOM   862  C CD1 . LEU A 1 125 ? -7.197  -6.258  2.736   1.00 17.36 ? 125  LEU A CD1 1 
ATOM   863  C CD2 . LEU A 1 125 ? -4.984  -5.162  2.330   1.00 17.14 ? 125  LEU A CD2 1 
ATOM   864  N N   . GLU A 1 126 ? -8.344  -1.993  4.062   1.00 16.05 ? 126  GLU A N   1 
ATOM   865  C CA  . GLU A 1 126 ? -8.469  -1.561  5.451   1.00 18.10 ? 126  GLU A CA  1 
ATOM   866  C C   . GLU A 1 126 ? -9.916  -1.692  5.900   1.00 18.41 ? 126  GLU A C   1 
ATOM   867  O O   . GLU A 1 126 ? -10.193 -2.207  6.983   1.00 19.94 ? 126  GLU A O   1 
ATOM   868  C CB  . GLU A 1 126 ? -8.032  -0.105  5.613   1.00 18.99 ? 126  GLU A CB  1 
ATOM   869  C CG  . GLU A 1 126 ? -6.545  0.137   5.448   1.00 21.47 ? 126  GLU A CG  1 
ATOM   870  C CD  . GLU A 1 126 ? -6.173  1.584   5.713   1.00 25.00 ? 126  GLU A CD  1 
ATOM   871  O OE1 . GLU A 1 126 ? -6.376  2.051   6.854   1.00 26.71 ? 126  GLU A OE1 1 
ATOM   872  O OE2 . GLU A 1 126 ? -5.683  2.258   4.782   1.00 24.89 ? 126  GLU A OE2 1 
ATOM   873  N N   . ARG A 1 127 ? -10.839 -1.226  5.064   1.00 18.15 ? 127  ARG A N   1 
ATOM   874  C CA  . ARG A 1 127 ? -12.257 -1.294  5.398   1.00 18.50 ? 127  ARG A CA  1 
ATOM   875  C C   . ARG A 1 127 ? -12.721 -2.734  5.565   1.00 19.25 ? 127  ARG A C   1 
ATOM   876  O O   . ARG A 1 127 ? -13.495 -3.041  6.474   1.00 20.14 ? 127  ARG A O   1 
ATOM   877  C CB  . ARG A 1 127 ? -13.104 -0.601  4.322   1.00 18.74 ? 127  ARG A CB  1 
ATOM   878  C CG  . ARG A 1 127 ? -12.846 0.890   4.184   1.00 19.14 ? 127  ARG A CG  1 
ATOM   879  C CD  . ARG A 1 127 ? -13.981 1.581   3.432   1.00 19.77 ? 127  ARG A CD  1 
ATOM   880  N NE  . ARG A 1 127 ? -14.166 1.083   2.070   1.00 21.44 ? 127  ARG A NE  1 
ATOM   881  C CZ  . ARG A 1 127 ? -13.399 1.411   1.033   1.00 21.51 ? 127  ARG A CZ  1 
ATOM   882  N NH1 . ARG A 1 127 ? -12.377 2.244   1.187   1.00 21.05 ? 127  ARG A NH1 1 
ATOM   883  N NH2 . ARG A 1 127 ? -13.665 0.914   -0.167  1.00 22.12 ? 127  ARG A NH2 1 
ATOM   884  N N   . ARG A 1 128 ? -12.250 -3.618  4.693   1.00 18.32 ? 128  ARG A N   1 
ATOM   885  C CA  . ARG A 1 128 ? -12.636 -5.024  4.765   1.00 18.73 ? 128  ARG A CA  1 
ATOM   886  C C   . ARG A 1 128 ? -12.076 -5.690  6.019   1.00 19.76 ? 128  ARG A C   1 
ATOM   887  O O   . ARG A 1 128 ? -12.724 -6.550  6.619   1.00 20.06 ? 128  ARG A O   1 
ATOM   888  C CB  . ARG A 1 128 ? -12.160 -5.767  3.513   1.00 18.34 ? 128  ARG A CB  1 
ATOM   889  C CG  . ARG A 1 128 ? -12.794 -5.264  2.220   1.00 17.38 ? 128  ARG A CG  1 
ATOM   890  C CD  . ARG A 1 128 ? -14.294 -5.533  2.175   1.00 19.72 ? 128  ARG A CD  1 
ATOM   891  N NE  . ARG A 1 128 ? -14.856 -5.158  0.880   1.00 20.75 ? 128  ARG A NE  1 
ATOM   892  C CZ  . ARG A 1 128 ? -15.261 -3.934  0.555   1.00 22.40 ? 128  ARG A CZ  1 
ATOM   893  N NH1 . ARG A 1 128 ? -15.186 -2.945  1.434   1.00 23.96 ? 128  ARG A NH1 1 
ATOM   894  N NH2 . ARG A 1 128 ? -15.718 -3.693  -0.665  1.00 24.01 ? 128  ARG A NH2 1 
ATOM   895  N N   . ILE A 1 129 ? -10.874 -5.293  6.420   1.00 18.83 ? 129  ILE A N   1 
ATOM   896  C CA  . ILE A 1 129 ? -10.260 -5.860  7.617   1.00 19.88 ? 129  ILE A CA  1 
ATOM   897  C C   . ILE A 1 129 ? -11.060 -5.430  8.840   1.00 21.80 ? 129  ILE A C   1 
ATOM   898  O O   . ILE A 1 129 ? -11.342 -6.240  9.725   1.00 21.96 ? 129  ILE A O   1 
ATOM   899  C CB  . ILE A 1 129 ? -8.795  -5.398  7.774   1.00 19.01 ? 129  ILE A CB  1 
ATOM   900  C CG1 . ILE A 1 129 ? -7.942  -6.010  6.660   1.00 19.35 ? 129  ILE A CG1 1 
ATOM   901  C CG2 . ILE A 1 129 ? -8.258  -5.810  9.148   1.00 19.85 ? 129  ILE A CG2 1 
ATOM   902  C CD1 . ILE A 1 129 ? -6.523  -5.470  6.602   1.00 19.66 ? 129  ILE A CD1 1 
ATOM   903  N N   . VAL A 1 130 ? -11.430 -4.155  8.889   1.00 22.22 ? 130  VAL A N   1 
ATOM   904  C CA  . VAL A 1 130 ? -12.208 -3.646  10.011  1.00 23.93 ? 130  VAL A CA  1 
ATOM   905  C C   . VAL A 1 130 ? -13.533 -4.400  10.113  1.00 25.67 ? 130  VAL A C   1 
ATOM   906  O O   . VAL A 1 130 ? -13.934 -4.817  11.200  1.00 27.06 ? 130  VAL A O   1 
ATOM   907  C CB  . VAL A 1 130 ? -12.484 -2.129  9.859   1.00 24.48 ? 130  VAL A CB  1 
ATOM   908  C CG1 . VAL A 1 130 ? -13.469 -1.660  10.924  1.00 24.97 ? 130  VAL A CG1 1 
ATOM   909  C CG2 . VAL A 1 130 ? -11.178 -1.354  9.981   1.00 25.06 ? 130  VAL A CG2 1 
ATOM   910  N N   . ALA A 1 131 ? -14.204 -4.589  8.981   1.00 24.73 ? 131  ALA A N   1 
ATOM   911  C CA  . ALA A 1 131 ? -15.482 -5.295  8.967   1.00 24.77 ? 131  ALA A CA  1 
ATOM   912  C C   . ALA A 1 131 ? -15.344 -6.744  9.427   1.00 25.97 ? 131  ALA A C   1 
ATOM   913  O O   . ALA A 1 131 ? -16.156 -7.235  10.212  1.00 26.45 ? 131  ALA A O   1 
ATOM   914  C CB  . ALA A 1 131 ? -16.088 -5.252  7.571   1.00 26.21 ? 131  ALA A CB  1 
ATOM   915  N N   . ALA A 1 132 ? -14.311 -7.427  8.941   1.00 24.83 ? 132  ALA A N   1 
ATOM   916  C CA  . ALA A 1 132 ? -14.084 -8.822  9.299   1.00 25.45 ? 132  ALA A CA  1 
ATOM   917  C C   . ALA A 1 132 ? -13.657 -9.004  10.751  1.00 27.27 ? 132  ALA A C   1 
ATOM   918  O O   . ALA A 1 132 ? -13.983 -10.012 11.376  1.00 26.95 ? 132  ALA A O   1 
ATOM   919  C CB  . ALA A 1 132 ? -13.036 -9.432  8.373   1.00 24.54 ? 132  ALA A CB  1 
ATOM   920  N N   . SER A 1 133 ? -12.932 -8.025  11.285  1.00 28.31 ? 133  SER A N   1 
ATOM   921  C CA  . SER A 1 133 ? -12.443 -8.095  12.658  1.00 30.78 ? 133  SER A CA  1 
ATOM   922  C C   . SER A 1 133 ? -13.567 -8.128  13.688  1.00 32.30 ? 133  SER A C   1 
ATOM   923  O O   . SER A 1 133 ? -13.366 -8.572  14.817  1.00 32.78 ? 133  SER A O   1 
ATOM   924  C CB  . SER A 1 133 ? -11.521 -6.910  12.954  1.00 31.18 ? 133  SER A CB  1 
ATOM   925  O OG  . SER A 1 133 ? -12.247 -5.694  12.975  1.00 34.15 ? 133  SER A OG  1 
ATOM   926  N N   . LYS A 1 134 ? -14.746 -7.655  13.300  1.00 33.72 ? 134  LYS A N   1 
ATOM   927  C CA  . LYS A 1 134 ? -15.891 -7.637  14.204  1.00 35.95 ? 134  LYS A CA  1 
ATOM   928  C C   . LYS A 1 134 ? -16.566 -9.000  14.267  1.00 36.71 ? 134  LYS A C   1 
ATOM   929  O O   . LYS A 1 134 ? -17.405 -9.247  15.135  1.00 37.04 ? 134  LYS A O   1 
ATOM   930  C CB  . LYS A 1 134 ? -16.908 -6.587  13.752  1.00 36.68 ? 134  LYS A CB  1 
ATOM   931  C CG  . LYS A 1 134 ? -16.391 -5.162  13.777  1.00 37.64 ? 134  LYS A CG  1 
ATOM   932  C CD  . LYS A 1 134 ? -17.472 -4.183  13.350  1.00 39.19 ? 134  LYS A CD  1 
ATOM   933  C CE  . LYS A 1 134 ? -16.972 -2.748  13.399  1.00 40.62 ? 134  LYS A CE  1 
ATOM   934  N NZ  . LYS A 1 134 ? -18.044 -1.782  13.026  1.00 42.79 ? 134  LYS A NZ  1 
ATOM   935  N N   . LEU A 1 135 ? -16.194 -9.885  13.346  1.00 37.33 ? 135  LEU A N   1 
ATOM   936  C CA  . LEU A 1 135 ? -16.782 -11.219 13.287  1.00 38.27 ? 135  LEU A CA  1 
ATOM   937  C C   . LEU A 1 135 ? -15.766 -12.325 13.557  1.00 38.45 ? 135  LEU A C   1 
ATOM   938  O O   . LEU A 1 135 ? -16.134 -13.425 13.969  1.00 38.81 ? 135  LEU A O   1 
ATOM   939  C CB  . LEU A 1 135 ? -17.427 -11.437 11.916  1.00 39.08 ? 135  LEU A CB  1 
ATOM   940  C CG  . LEU A 1 135 ? -18.513 -10.436 11.509  1.00 39.91 ? 135  LEU A CG  1 
ATOM   941  C CD1 . LEU A 1 135 ? -18.960 -10.716 10.084  1.00 40.62 ? 135  LEU A CD1 1 
ATOM   942  C CD2 . LEU A 1 135 ? -19.689 -10.530 12.471  1.00 40.60 ? 135  LEU A CD2 1 
ATOM   943  N N   . THR A 1 136 ? -14.492 -12.031 13.321  1.00 37.75 ? 136  THR A N   1 
ATOM   944  C CA  . THR A 1 136 ? -13.433 -13.009 13.533  1.00 37.40 ? 136  THR A CA  1 
ATOM   945  C C   . THR A 1 136 ? -12.178 -12.348 14.095  1.00 36.24 ? 136  THR A C   1 
ATOM   946  O O   . THR A 1 136 ? -11.953 -11.153 13.903  1.00 35.54 ? 136  THR A O   1 
ATOM   947  C CB  . THR A 1 136 ? -13.077 -13.731 12.214  1.00 38.87 ? 136  THR A CB  1 
ATOM   948  O OG1 . THR A 1 136 ? -12.078 -14.728 12.464  1.00 41.50 ? 136  THR A OG1 1 
ATOM   949  C CG2 . THR A 1 136 ? -12.549 -12.740 11.189  1.00 39.43 ? 136  THR A CG2 1 
ATOM   950  N N   . GLU A 1 137 ? -11.362 -13.131 14.793  1.00 34.88 ? 137  GLU A N   1 
ATOM   951  C CA  . GLU A 1 137 ? -10.135 -12.614 15.387  1.00 34.25 ? 137  GLU A CA  1 
ATOM   952  C C   . GLU A 1 137 ? -9.053  -12.391 14.338  1.00 31.89 ? 137  GLU A C   1 
ATOM   953  O O   . GLU A 1 137 ? -8.715  -13.297 13.576  1.00 31.20 ? 137  GLU A O   1 
ATOM   954  C CB  . GLU A 1 137 ? -9.615  -13.582 16.452  1.00 36.49 ? 137  GLU A CB  1 
ATOM   955  C CG  . GLU A 1 137 ? -8.378  -13.083 17.185  1.00 40.90 ? 137  GLU A CG  1 
ATOM   956  C CD  . GLU A 1 137 ? -7.844  -14.094 18.181  1.00 43.25 ? 137  GLU A CD  1 
ATOM   957  O OE1 . GLU A 1 137 ? -8.605  -14.495 19.088  1.00 44.85 ? 137  GLU A OE1 1 
ATOM   958  O OE2 . GLU A 1 137 ? -6.663  -14.485 18.057  1.00 44.95 ? 137  GLU A OE2 1 
ATOM   959  N N   . ILE A 1 138 ? -8.515  -11.176 14.310  1.00 29.49 ? 138  ILE A N   1 
ATOM   960  C CA  . ILE A 1 138 ? -7.460  -10.814 13.373  1.00 28.06 ? 138  ILE A CA  1 
ATOM   961  C C   . ILE A 1 138 ? -6.391  -10.027 14.117  1.00 26.39 ? 138  ILE A C   1 
ATOM   962  O O   . ILE A 1 138 ? -6.698  -9.077  14.839  1.00 26.90 ? 138  ILE A O   1 
ATOM   963  C CB  . ILE A 1 138 ? -8.009  -9.953  12.211  1.00 27.98 ? 138  ILE A CB  1 
ATOM   964  C CG1 . ILE A 1 138 ? -9.047  -10.751 11.417  1.00 28.49 ? 138  ILE A CG1 1 
ATOM   965  C CG2 . ILE A 1 138 ? -6.866  -9.517  11.300  1.00 27.20 ? 138  ILE A CG2 1 
ATOM   966  C CD1 . ILE A 1 138 ? -9.707  -9.969  10.303  1.00 29.15 ? 138  ILE A CD1 1 
ATOM   967  N N   . ASN A 1 139 ? -5.137  -10.433 13.954  1.00 25.51 ? 139  ASN A N   1 
ATOM   968  C CA  . ASN A 1 139 ? -4.025  -9.761  14.614  1.00 26.06 ? 139  ASN A CA  1 
ATOM   969  C C   . ASN A 1 139 ? -4.042  -8.267  14.306  1.00 25.78 ? 139  ASN A C   1 
ATOM   970  O O   . ASN A 1 139 ? -4.327  -7.858  13.180  1.00 25.06 ? 139  ASN A O   1 
ATOM   971  C CB  . ASN A 1 139 ? -2.701  -10.390 14.172  1.00 27.65 ? 139  ASN A CB  1 
ATOM   972  C CG  . ASN A 1 139 ? -2.385  -11.670 14.930  1.00 29.03 ? 139  ASN A CG  1 
ATOM   973  O OD1 . ASN A 1 139 ? -1.614  -12.511 14.466  1.00 31.24 ? 139  ASN A OD1 1 
ATOM   974  N ND2 . ASN A 1 139 ? -2.969  -11.812 16.114  1.00 30.61 ? 139  ASN A ND2 1 
ATOM   975  N N   . LYS A 1 140 ? -3.746  -7.457  15.316  1.00 25.61 ? 140  LYS A N   1 
ATOM   976  C CA  . LYS A 1 140 ? -3.749  -6.009  15.153  1.00 25.78 ? 140  LYS A CA  1 
ATOM   977  C C   . LYS A 1 140 ? -2.751  -5.521  14.106  1.00 23.16 ? 140  LYS A C   1 
ATOM   978  O O   . LYS A 1 140 ? -2.987  -4.508  13.452  1.00 22.65 ? 140  LYS A O   1 
ATOM   979  C CB  . LYS A 1 140 ? -3.461  -5.322  16.493  1.00 28.46 ? 140  LYS A CB  1 
ATOM   980  C CG  . LYS A 1 140 ? -2.118  -5.679  17.101  1.00 31.28 ? 140  LYS A CG  1 
ATOM   981  C CD  . LYS A 1 140 ? -1.847  -4.863  18.356  1.00 35.19 ? 140  LYS A CD  1 
ATOM   982  C CE  . LYS A 1 140 ? -0.540  -5.280  19.013  1.00 36.73 ? 140  LYS A CE  1 
ATOM   983  N NZ  . LYS A 1 140 ? 0.620   -5.156  18.085  1.00 39.50 ? 140  LYS A NZ  1 
ATOM   984  N N   . ASN A 1 141 ? -1.641  -6.236  13.950  1.00 21.87 ? 141  ASN A N   1 
ATOM   985  C CA  . ASN A 1 141 ? -0.621  -5.840  12.980  1.00 20.34 ? 141  ASN A CA  1 
ATOM   986  C C   . ASN A 1 141 ? -1.129  -5.868  11.546  1.00 20.43 ? 141  ASN A C   1 
ATOM   987  O O   . ASN A 1 141 ? -0.581  -5.190  10.674  1.00 19.37 ? 141  ASN A O   1 
ATOM   988  C CB  . ASN A 1 141 ? 0.616   -6.736  13.097  1.00 20.16 ? 141  ASN A CB  1 
ATOM   989  C CG  . ASN A 1 141 ? 1.487   -6.379  14.287  1.00 20.27 ? 141  ASN A CG  1 
ATOM   990  O OD1 . ASN A 1 141 ? 2.494   -7.037  14.553  1.00 25.14 ? 141  ASN A OD1 1 
ATOM   991  N ND2 . ASN A 1 141 ? 1.107   -5.328  15.005  1.00 19.85 ? 141  ASN A ND2 1 
ATOM   992  N N   . VAL A 1 142 ? -2.172  -6.650  11.295  1.00 18.82 ? 142  VAL A N   1 
ATOM   993  C CA  . VAL A 1 142 ? -2.726  -6.741  9.948   1.00 18.23 ? 142  VAL A CA  1 
ATOM   994  C C   . VAL A 1 142 ? -3.316  -5.407  9.498   1.00 18.90 ? 142  VAL A C   1 
ATOM   995  O O   . VAL A 1 142 ? -2.998  -4.916  8.410   1.00 18.37 ? 142  VAL A O   1 
ATOM   996  C CB  . VAL A 1 142 ? -3.803  -7.846  9.865   1.00 18.79 ? 142  VAL A CB  1 
ATOM   997  C CG1 . VAL A 1 142 ? -4.469  -7.834  8.494   1.00 18.47 ? 142  VAL A CG1 1 
ATOM   998  C CG2 . VAL A 1 142 ? -3.162  -9.202  10.121  1.00 18.10 ? 142  VAL A CG2 1 
ATOM   999  N N   A LEU A 1 143 ? -4.168  -4.821  10.332  0.25 18.15 ? 143  LEU A N   1 
ATOM   1000 N N   B LEU A 1 143 ? -4.169  -4.817  10.328  0.50 17.25 ? 143  LEU A N   1 
ATOM   1001 C CA  A LEU A 1 143 ? -4.786  -3.544  10.003  0.25 18.15 ? 143  LEU A CA  1 
ATOM   1002 C CA  B LEU A 1 143 ? -4.777  -3.540  9.981   0.50 17.16 ? 143  LEU A CA  1 
ATOM   1003 C C   A LEU A 1 143 ? -3.739  -2.437  9.991   0.25 17.87 ? 143  LEU A C   1 
ATOM   1004 C C   B LEU A 1 143 ? -3.725  -2.440  9.979   0.50 16.89 ? 143  LEU A C   1 
ATOM   1005 O O   A LEU A 1 143 ? -3.768  -1.553  9.135   0.25 17.74 ? 143  LEU A O   1 
ATOM   1006 O O   B LEU A 1 143 ? -3.738  -1.561  9.117   0.50 16.41 ? 143  LEU A O   1 
ATOM   1007 C CB  A LEU A 1 143 ? -5.884  -3.204  11.014  0.25 19.38 ? 143  LEU A CB  1 
ATOM   1008 C CB  B LEU A 1 143 ? -5.891  -3.182  10.970  0.50 18.60 ? 143  LEU A CB  1 
ATOM   1009 C CG  A LEU A 1 143 ? -6.621  -1.881  10.782  0.25 20.27 ? 143  LEU A CG  1 
ATOM   1010 C CG  B LEU A 1 143 ? -6.573  -1.832  10.725  0.50 19.80 ? 143  LEU A CG  1 
ATOM   1011 C CD1 A LEU A 1 143 ? -7.276  -1.886  9.407   0.25 20.47 ? 143  LEU A CD1 1 
ATOM   1012 C CD1 B LEU A 1 143 ? -7.176  -1.796  9.328   0.50 19.98 ? 143  LEU A CD1 1 
ATOM   1013 C CD2 A LEU A 1 143 ? -7.665  -1.682  11.869  0.25 20.94 ? 143  LEU A CD2 1 
ATOM   1014 C CD2 B LEU A 1 143 ? -7.649  -1.606  11.775  0.50 20.76 ? 143  LEU A CD2 1 
ATOM   1015 N N   . ILE A 1 144 ? -2.815  -2.489  10.947  1.00 17.83 ? 144  ILE A N   1 
ATOM   1016 C CA  . ILE A 1 144 ? -1.763  -1.487  11.032  1.00 17.54 ? 144  ILE A CA  1 
ATOM   1017 C C   . ILE A 1 144 ? -0.920  -1.516  9.763   1.00 16.69 ? 144  ILE A C   1 
ATOM   1018 O O   . ILE A 1 144 ? -0.619  -0.469  9.195   1.00 16.98 ? 144  ILE A O   1 
ATOM   1019 C CB  . ILE A 1 144 ? -0.852  -1.713  12.257  1.00 18.46 ? 144  ILE A CB  1 
ATOM   1020 C CG1 . ILE A 1 144 ? -1.671  -1.548  13.543  1.00 19.22 ? 144  ILE A CG1 1 
ATOM   1021 C CG2 . ILE A 1 144 ? 0.302   -0.707  12.242  1.00 19.14 ? 144  ILE A CG2 1 
ATOM   1022 C CD1 . ILE A 1 144 ? -0.896  -1.852  14.806  1.00 20.67 ? 144  ILE A CD1 1 
ATOM   1023 N N   . TYR A 1 145 ? -0.546  -2.710  9.310   1.00 16.33 ? 145  TYR A N   1 
ATOM   1024 C CA  . TYR A 1 145 ? 0.254   -2.806  8.096   1.00 15.78 ? 145  TYR A CA  1 
ATOM   1025 C C   . TYR A 1 145 ? -0.525  -2.237  6.914   1.00 16.11 ? 145  TYR A C   1 
ATOM   1026 O O   . TYR A 1 145 ? 0.014   -1.462  6.123   1.00 16.05 ? 145  TYR A O   1 
ATOM   1027 C CB  . TYR A 1 145 ? 0.651   -4.259  7.808   1.00 14.80 ? 145  TYR A CB  1 
ATOM   1028 C CG  . TYR A 1 145 ? 1.528   -4.400  6.580   1.00 15.00 ? 145  TYR A CG  1 
ATOM   1029 C CD1 . TYR A 1 145 ? 0.967   -4.476  5.305   1.00 17.05 ? 145  TYR A CD1 1 
ATOM   1030 C CD2 . TYR A 1 145 ? 2.918   -4.401  6.689   1.00 16.52 ? 145  TYR A CD2 1 
ATOM   1031 C CE1 . TYR A 1 145 ? 1.770   -4.543  4.171   1.00 16.80 ? 145  TYR A CE1 1 
ATOM   1032 C CE2 . TYR A 1 145 ? 3.731   -4.465  5.558   1.00 16.83 ? 145  TYR A CE2 1 
ATOM   1033 C CZ  . TYR A 1 145 ? 3.146   -4.534  4.303   1.00 17.23 ? 145  TYR A CZ  1 
ATOM   1034 O OH  . TYR A 1 145 ? 3.938   -4.574  3.180   1.00 16.97 ? 145  TYR A OH  1 
ATOM   1035 N N   . ALA A 1 146 ? -1.794  -2.614  6.796   1.00 16.23 ? 146  ALA A N   1 
ATOM   1036 C CA  . ALA A 1 146 ? -2.619  -2.128  5.694   1.00 15.95 ? 146  ALA A CA  1 
ATOM   1037 C C   . ALA A 1 146 ? -2.685  -0.607  5.698   1.00 17.20 ? 146  ALA A C   1 
ATOM   1038 O O   . ALA A 1 146 ? -2.619  0.037   4.650   1.00 16.64 ? 146  ALA A O   1 
ATOM   1039 C CB  . ALA A 1 146 ? -4.022  -2.716  5.785   1.00 17.85 ? 146  ALA A CB  1 
ATOM   1040 N N   . ASN A 1 147 ? -2.802  -0.027  6.886   1.00 17.21 ? 147  ASN A N   1 
ATOM   1041 C CA  . ASN A 1 147 ? -2.876  1.418   7.004   1.00 17.65 ? 147  ASN A CA  1 
ATOM   1042 C C   . ASN A 1 147 ? -1.587  2.086   6.540   1.00 17.80 ? 147  ASN A C   1 
ATOM   1043 O O   . ASN A 1 147 ? -1.618  3.089   5.825   1.00 18.26 ? 147  ASN A O   1 
ATOM   1044 C CB  . ASN A 1 147 ? -3.179  1.809   8.450   1.00 19.50 ? 147  ASN A CB  1 
ATOM   1045 C CG  . ASN A 1 147 ? -3.204  3.304   8.648   1.00 21.65 ? 147  ASN A CG  1 
ATOM   1046 O OD1 . ASN A 1 147 ? -2.184  3.915   8.970   1.00 24.56 ? 147  ASN A OD1 1 
ATOM   1047 N ND2 . ASN A 1 147 ? -4.366  3.910   8.433   1.00 24.79 ? 147  ASN A ND2 1 
ATOM   1048 N N   . ARG A 1 148 ? -0.452  1.526   6.936   1.00 16.91 ? 148  ARG A N   1 
ATOM   1049 C CA  . ARG A 1 148 ? 0.824   2.098   6.540   1.00 17.60 ? 148  ARG A CA  1 
ATOM   1050 C C   . ARG A 1 148 ? 1.050   1.907   5.046   1.00 16.23 ? 148  ARG A C   1 
ATOM   1051 O O   . ARG A 1 148 ? 1.705   2.727   4.403   1.00 16.02 ? 148  ARG A O   1 
ATOM   1052 C CB  . ARG A 1 148 ? 1.966   1.461   7.335   1.00 19.25 ? 148  ARG A CB  1 
ATOM   1053 C CG  . ARG A 1 148 ? 1.863   1.675   8.842   1.00 22.92 ? 148  ARG A CG  1 
ATOM   1054 C CD  . ARG A 1 148 ? 1.765   3.154   9.200   1.00 27.13 ? 148  ARG A CD  1 
ATOM   1055 N NE  . ARG A 1 148 ? 1.733   3.365   10.647  1.00 30.15 ? 148  ARG A NE  1 
ATOM   1056 C CZ  . ARG A 1 148 ? 0.701   3.066   11.432  1.00 31.50 ? 148  ARG A CZ  1 
ATOM   1057 N NH1 . ARG A 1 148 ? -0.401  2.540   10.918  1.00 32.64 ? 148  ARG A NH1 1 
ATOM   1058 N NH2 . ARG A 1 148 ? 0.776   3.292   12.739  1.00 33.11 ? 148  ARG A NH2 1 
ATOM   1059 N N   . LEU A 1 149 ? 0.503   0.827   4.493   1.00 15.33 ? 149  LEU A N   1 
ATOM   1060 C CA  . LEU A 1 149 ? 0.651   0.564   3.065   1.00 14.19 ? 149  LEU A CA  1 
ATOM   1061 C C   . LEU A 1 149 ? -0.076  1.643   2.268   1.00 14.85 ? 149  LEU A C   1 
ATOM   1062 O O   . LEU A 1 149 ? 0.430   2.122   1.253   1.00 14.15 ? 149  LEU A O   1 
ATOM   1063 C CB  . LEU A 1 149 ? 0.093   -0.821  2.718   1.00 14.99 ? 149  LEU A CB  1 
ATOM   1064 C CG  . LEU A 1 149 ? 0.067   -1.224  1.236   1.00 15.50 ? 149  LEU A CG  1 
ATOM   1065 C CD1 . LEU A 1 149 ? 1.423   -0.980  0.588   1.00 16.89 ? 149  LEU A CD1 1 
ATOM   1066 C CD2 . LEU A 1 149 ? -0.321  -2.697  1.133   1.00 18.87 ? 149  LEU A CD2 1 
ATOM   1067 N N   . SER A 1 150 ? -1.265  2.027   2.719   1.00 14.65 ? 150  SER A N   1 
ATOM   1068 C CA  . SER A 1 150 ? -2.016  3.063   2.024   1.00 13.61 ? 150  SER A CA  1 
ATOM   1069 C C   . SER A 1 150 ? -1.205  4.356   2.014   1.00 13.96 ? 150  SER A C   1 
ATOM   1070 O O   . SER A 1 150 ? -1.221  5.106   1.038   1.00 15.47 ? 150  SER A O   1 
ATOM   1071 C CB  . SER A 1 150 ? -3.366  3.304   2.708   1.00 15.82 ? 150  SER A CB  1 
ATOM   1072 O OG  . SER A 1 150 ? -4.166  2.135   2.663   1.00 18.05 ? 150  SER A OG  1 
ATOM   1073 N N   A SER A 1 151 ? -0.487  4.608   3.104   0.25 12.20 ? 151  SER A N   1 
ATOM   1074 N N   B SER A 1 151 ? -0.488  4.601   3.106   0.50 11.41 ? 151  SER A N   1 
ATOM   1075 C CA  A SER A 1 151 ? 0.323   5.814   3.219   0.25 11.83 ? 151  SER A CA  1 
ATOM   1076 C CA  B SER A 1 151 ? 0.327   5.799   3.239   0.50 11.99 ? 151  SER A CA  1 
ATOM   1077 C C   A SER A 1 151 ? 1.549   5.805   2.312   0.25 11.88 ? 151  SER A C   1 
ATOM   1078 C C   B SER A 1 151 ? 1.548   5.803   2.322   0.50 11.34 ? 151  SER A C   1 
ATOM   1079 O O   A SER A 1 151 ? 1.849   6.805   1.661   0.25 11.55 ? 151  SER A O   1 
ATOM   1080 O O   B SER A 1 151 ? 1.843   6.806   1.673   0.50 10.39 ? 151  SER A O   1 
ATOM   1081 C CB  A SER A 1 151 ? 0.769   6.014   4.669   0.25 11.57 ? 151  SER A CB  1 
ATOM   1082 C CB  B SER A 1 151 ? 0.786   5.953   4.692   0.50 12.63 ? 151  SER A CB  1 
ATOM   1083 O OG  A SER A 1 151 ? -0.338  6.296   5.506   0.25 9.55  ? 151  SER A OG  1 
ATOM   1084 O OG  B SER A 1 151 ? 1.680   7.042   4.831   0.50 16.44 ? 151  SER A OG  1 
ATOM   1085 N N   . ILE A 1 152 ? 2.259   4.684   2.268   1.00 12.56 ? 152  ILE A N   1 
ATOM   1086 C CA  . ILE A 1 152 ? 3.450   4.609   1.437   1.00 12.02 ? 152  ILE A CA  1 
ATOM   1087 C C   . ILE A 1 152 ? 3.102   4.700   -0.046  1.00 12.44 ? 152  ILE A C   1 
ATOM   1088 O O   . ILE A 1 152 ? 3.849   5.295   -0.820  1.00 12.65 ? 152  ILE A O   1 
ATOM   1089 C CB  . ILE A 1 152 ? 4.287   3.330   1.730   1.00 12.91 ? 152  ILE A CB  1 
ATOM   1090 C CG1 . ILE A 1 152 ? 5.699   3.499   1.154   1.00 13.76 ? 152  ILE A CG1 1 
ATOM   1091 C CG2 . ILE A 1 152 ? 3.610   2.090   1.149   1.00 13.60 ? 152  ILE A CG2 1 
ATOM   1092 C CD1 . ILE A 1 152 ? 6.640   2.369   1.498   1.00 13.48 ? 152  ILE A CD1 1 
ATOM   1093 N N   . LEU A 1 153 ? 1.967   4.131   -0.444  1.00 11.78 ? 153  LEU A N   1 
ATOM   1094 C CA  . LEU A 1 153 ? 1.580   4.196   -1.852  1.00 10.82 ? 153  LEU A CA  1 
ATOM   1095 C C   . LEU A 1 153 ? 1.284   5.642   -2.251  1.00 12.08 ? 153  LEU A C   1 
ATOM   1096 O O   . LEU A 1 153 ? 1.570   6.054   -3.376  1.00 11.66 ? 153  LEU A O   1 
ATOM   1097 C CB  . LEU A 1 153 ? 0.367   3.298   -2.114  1.00 11.59 ? 153  LEU A CB  1 
ATOM   1098 C CG  . LEU A 1 153 ? 0.648   1.794   -2.012  1.00 10.93 ? 153  LEU A CG  1 
ATOM   1099 C CD1 . LEU A 1 153 ? -0.668  1.026   -2.044  1.00 11.07 ? 153  LEU A CD1 1 
ATOM   1100 C CD2 . LEU A 1 153 ? 1.570   1.341   -3.149  1.00 12.92 ? 153  LEU A CD2 1 
ATOM   1101 N N   . PHE A 1 154 ? 0.720   6.415   -1.326  1.00 11.60 ? 154  PHE A N   1 
ATOM   1102 C CA  . PHE A 1 154 ? 0.437   7.821   -1.598  1.00 12.27 ? 154  PHE A CA  1 
ATOM   1103 C C   . PHE A 1 154 ? 1.778   8.530   -1.810  1.00 12.39 ? 154  PHE A C   1 
ATOM   1104 O O   . PHE A 1 154 ? 1.949   9.312   -2.757  1.00 12.35 ? 154  PHE A O   1 
ATOM   1105 C CB  . PHE A 1 154 ? -0.304  8.452   -0.415  1.00 12.86 ? 154  PHE A CB  1 
ATOM   1106 C CG  . PHE A 1 154 ? -0.692  9.889   -0.634  1.00 16.01 ? 154  PHE A CG  1 
ATOM   1107 C CD1 . PHE A 1 154 ? -1.710  10.222  -1.518  1.00 18.82 ? 154  PHE A CD1 1 
ATOM   1108 C CD2 . PHE A 1 154 ? -0.029  10.910  0.035   1.00 17.46 ? 154  PHE A CD2 1 
ATOM   1109 C CE1 . PHE A 1 154 ? -2.064  11.557  -1.732  1.00 20.78 ? 154  PHE A CE1 1 
ATOM   1110 C CE2 . PHE A 1 154 ? -0.374  12.245  -0.170  1.00 19.64 ? 154  PHE A CE2 1 
ATOM   1111 C CZ  . PHE A 1 154 ? -1.392  12.566  -1.054  1.00 19.69 ? 154  PHE A CZ  1 
ATOM   1112 N N   . MET A 1 155 ? 2.738   8.252   -0.935  1.00 12.05 ? 155  MET A N   1 
ATOM   1113 C CA  . MET A 1 155 ? 4.046   8.881   -1.070  1.00 12.43 ? 155  MET A CA  1 
ATOM   1114 C C   . MET A 1 155 ? 4.719   8.469   -2.378  1.00 12.28 ? 155  MET A C   1 
ATOM   1115 O O   . MET A 1 155 ? 5.352   9.290   -3.037  1.00 12.76 ? 155  MET A O   1 
ATOM   1116 C CB  . MET A 1 155 ? 4.933   8.544   0.133   1.00 14.34 ? 155  MET A CB  1 
ATOM   1117 C CG  . MET A 1 155 ? 4.402   9.085   1.478   1.00 18.64 ? 155  MET A CG  1 
ATOM   1118 S SD  . MET A 1 155 ? 3.978   10.864  1.528   1.00 11.39 ? 155  MET A SD  1 
ATOM   1119 C CE  . MET A 1 155 ? 2.321   10.801  2.130   1.00 25.29 ? 155  MET A CE  1 
ATOM   1120 N N   . HIS A 1 156 ? 4.574   7.203   -2.762  1.00 11.94 ? 156  HIS A N   1 
ATOM   1121 C CA  . HIS A 1 156 ? 5.160   6.726   -4.014  1.00 11.21 ? 156  HIS A CA  1 
ATOM   1122 C C   . HIS A 1 156 ? 4.603   7.533   -5.183  1.00 10.92 ? 156  HIS A C   1 
ATOM   1123 O O   . HIS A 1 156 ? 5.330   7.894   -6.113  1.00 11.10 ? 156  HIS A O   1 
ATOM   1124 C CB  . HIS A 1 156 ? 4.816   5.256   -4.243  1.00 10.89 ? 156  HIS A CB  1 
ATOM   1125 C CG  . HIS A 1 156 ? 5.620   4.302   -3.418  1.00 12.20 ? 156  HIS A CG  1 
ATOM   1126 N ND1 . HIS A 1 156 ? 5.185   3.027   -3.131  1.00 14.60 ? 156  HIS A ND1 1 
ATOM   1127 C CD2 . HIS A 1 156 ? 6.847   4.418   -2.857  1.00 12.09 ? 156  HIS A CD2 1 
ATOM   1128 C CE1 . HIS A 1 156 ? 6.108   2.396   -2.429  1.00 13.25 ? 156  HIS A CE1 1 
ATOM   1129 N NE2 . HIS A 1 156 ? 7.128   3.217   -2.248  1.00 12.57 ? 156  HIS A NE2 1 
ATOM   1130 N N   . ALA A 1 157 ? 3.304   7.795   -5.141  1.00 11.24 ? 157  ALA A N   1 
ATOM   1131 C CA  . ALA A 1 157 ? 2.656   8.551   -6.205  1.00 10.96 ? 157  ALA A CA  1 
ATOM   1132 C C   . ALA A 1 157 ? 3.218   9.969   -6.290  1.00 11.50 ? 157  ALA A C   1 
ATOM   1133 O O   . ALA A 1 157 ? 3.497   10.462  -7.382  1.00 12.79 ? 157  ALA A O   1 
ATOM   1134 C CB  . ALA A 1 157 ? 1.149   8.585   -5.973  1.00 10.15 ? 157  ALA A CB  1 
ATOM   1135 N N   . LEU A 1 158 ? 3.392   10.623  -5.144  1.00 11.22 ? 158  LEU A N   1 
ATOM   1136 C CA  . LEU A 1 158 ? 3.928   11.981  -5.137  1.00 12.22 ? 158  LEU A CA  1 
ATOM   1137 C C   . LEU A 1 158 ? 5.371   12.020  -5.623  1.00 12.48 ? 158  LEU A C   1 
ATOM   1138 O O   . LEU A 1 158 ? 5.750   12.894  -6.405  1.00 13.19 ? 158  LEU A O   1 
ATOM   1139 C CB  . LEU A 1 158 ? 3.867   12.583  -3.733  1.00 14.05 ? 158  LEU A CB  1 
ATOM   1140 C CG  . LEU A 1 158 ? 2.488   12.800  -3.108  1.00 18.02 ? 158  LEU A CG  1 
ATOM   1141 C CD1 . LEU A 1 158 ? 2.670   13.378  -1.713  1.00 19.08 ? 158  LEU A CD1 1 
ATOM   1142 C CD2 . LEU A 1 158 ? 1.660   13.738  -3.966  1.00 21.10 ? 158  LEU A CD2 1 
ATOM   1143 N N   . ILE A 1 159 ? 6.179   11.075  -5.151  1.00 11.00 ? 159  ILE A N   1 
ATOM   1144 C CA  . ILE A 1 159 ? 7.579   11.012  -5.544  1.00 11.72 ? 159  ILE A CA  1 
ATOM   1145 C C   . ILE A 1 159 ? 7.713   10.779  -7.044  1.00 11.12 ? 159  ILE A C   1 
ATOM   1146 O O   . ILE A 1 159 ? 8.541   11.405  -7.706  1.00 11.64 ? 159  ILE A O   1 
ATOM   1147 C CB  . ILE A 1 159 ? 8.314   9.883   -4.788  1.00 12.93 ? 159  ILE A CB  1 
ATOM   1148 C CG1 . ILE A 1 159 ? 8.401   10.220  -3.295  1.00 15.97 ? 159  ILE A CG1 1 
ATOM   1149 C CG2 . ILE A 1 159 ? 9.704   9.683   -5.379  1.00 15.95 ? 159  ILE A CG2 1 
ATOM   1150 C CD1 . ILE A 1 159 ? 9.335   11.373  -2.968  1.00 16.26 ? 159  ILE A CD1 1 
ATOM   1151 N N   . SER A 1 160 ? 6.892   9.882   -7.579  1.00 10.75 ? 160  SER A N   1 
ATOM   1152 C CA  . SER A 1 160 ? 6.928   9.576   -9.003  1.00 10.70 ? 160  SER A CA  1 
ATOM   1153 C C   . SER A 1 160 ? 6.700   10.829  -9.845  1.00 11.11 ? 160  SER A C   1 
ATOM   1154 O O   . SER A 1 160 ? 7.454   11.093  -10.778 1.00 12.59 ? 160  SER A O   1 
ATOM   1155 C CB  . SER A 1 160 ? 5.876   8.516   -9.338  1.00 10.82 ? 160  SER A CB  1 
ATOM   1156 O OG  . SER A 1 160 ? 6.162   7.300   -8.658  1.00 12.44 ? 160  SER A OG  1 
ATOM   1157 N N   . ASN A 1 161 ? 5.669   11.604  -9.521  1.00 10.86 ? 161  ASN A N   1 
ATOM   1158 C CA  . ASN A 1 161 ? 5.410   12.823  -10.280 1.00 11.09 ? 161  ASN A CA  1 
ATOM   1159 C C   . ASN A 1 161 ? 6.549   13.828  -10.119 1.00 11.54 ? 161  ASN A C   1 
ATOM   1160 O O   . ASN A 1 161 ? 6.953   14.471  -11.084 1.00 11.87 ? 161  ASN A O   1 
ATOM   1161 C CB  . ASN A 1 161 ? 4.099   13.479  -9.841  1.00 11.91 ? 161  ASN A CB  1 
ATOM   1162 C CG  . ASN A 1 161 ? 2.891   12.900  -10.545 1.00 12.24 ? 161  ASN A CG  1 
ATOM   1163 O OD1 . ASN A 1 161 ? 3.006   12.301  -11.616 1.00 13.29 ? 161  ASN A OD1 1 
ATOM   1164 N ND2 . ASN A 1 161 ? 1.715   13.100  -9.958  1.00 14.65 ? 161  ASN A ND2 1 
ATOM   1165 N N   . LYS A 1 162 ? 7.065   13.956  -8.901  1.00 10.82 ? 162  LYS A N   1 
ATOM   1166 C CA  . LYS A 1 162 ? 8.151   14.895  -8.647  1.00 12.16 ? 162  LYS A CA  1 
ATOM   1167 C C   . LYS A 1 162 ? 9.362   14.565  -9.515  1.00 11.85 ? 162  LYS A C   1 
ATOM   1168 O O   . LYS A 1 162 ? 9.953   15.453  -10.133 1.00 12.42 ? 162  LYS A O   1 
ATOM   1169 C CB  . LYS A 1 162 ? 8.540   14.857  -7.166  1.00 14.09 ? 162  LYS A CB  1 
ATOM   1170 C CG  . LYS A 1 162 ? 9.688   15.780  -6.778  1.00 16.58 ? 162  LYS A CG  1 
ATOM   1171 C CD  . LYS A 1 162 ? 10.039  15.573  -5.311  1.00 18.74 ? 162  LYS A CD  1 
ATOM   1172 C CE  . LYS A 1 162 ? 11.251  16.394  -4.888  1.00 21.09 ? 162  LYS A CE  1 
ATOM   1173 N NZ  . LYS A 1 162 ? 10.992  17.858  -4.949  1.00 21.71 ? 162  LYS A NZ  1 
ATOM   1174 N N   . ARG A 1 163 ? 9.716   13.287  -9.583  1.00 11.19 ? 163  ARG A N   1 
ATOM   1175 C CA  . ARG A 1 163 ? 10.877  12.881  -10.362 1.00 11.53 ? 163  ARG A CA  1 
ATOM   1176 C C   . ARG A 1 163 ? 10.653  12.983  -11.862 1.00 11.14 ? 163  ARG A C   1 
ATOM   1177 O O   . ARG A 1 163 ? 11.613  12.985  -12.638 1.00 11.99 ? 163  ARG A O   1 
ATOM   1178 C CB  . ARG A 1 163 ? 11.296  11.460  -9.979  1.00 11.46 ? 163  ARG A CB  1 
ATOM   1179 C CG  . ARG A 1 163 ? 11.775  11.371  -8.538  1.00 12.65 ? 163  ARG A CG  1 
ATOM   1180 C CD  . ARG A 1 163 ? 12.258  9.983   -8.175  1.00 12.63 ? 163  ARG A CD  1 
ATOM   1181 N NE  . ARG A 1 163 ? 12.639  9.923   -6.764  1.00 13.58 ? 163  ARG A NE  1 
ATOM   1182 C CZ  . ARG A 1 163 ? 12.903  8.796   -6.110  1.00 14.44 ? 163  ARG A CZ  1 
ATOM   1183 N NH1 . ARG A 1 163 ? 12.835  7.629   -6.740  1.00 13.39 ? 163  ARG A NH1 1 
ATOM   1184 N NH2 . ARG A 1 163 ? 13.207  8.832   -4.819  1.00 14.81 ? 163  ARG A NH2 1 
ATOM   1185 N N   . LEU A 1 164 ? 9.386   13.065  -12.263 1.00 11.50 ? 164  LEU A N   1 
ATOM   1186 C CA  . LEU A 1 164 ? 9.027   13.189  -13.673 1.00 11.52 ? 164  LEU A CA  1 
ATOM   1187 C C   . LEU A 1 164 ? 8.702   14.638  -14.057 1.00 12.74 ? 164  LEU A C   1 
ATOM   1188 O O   . LEU A 1 164 ? 8.206   14.900  -15.151 1.00 14.15 ? 164  LEU A O   1 
ATOM   1189 C CB  . LEU A 1 164 ? 7.829   12.296  -13.992 1.00 12.50 ? 164  LEU A CB  1 
ATOM   1190 C CG  . LEU A 1 164 ? 8.114   10.795  -13.937 1.00 13.75 ? 164  LEU A CG  1 
ATOM   1191 C CD1 . LEU A 1 164 ? 6.811   10.025  -14.088 1.00 14.67 ? 164  LEU A CD1 1 
ATOM   1192 C CD2 . LEU A 1 164 ? 9.106   10.414  -15.033 1.00 15.62 ? 164  LEU A CD2 1 
ATOM   1193 N N   . ASN A 1 165 ? 8.976   15.570  -13.150 1.00 11.99 ? 165  ASN A N   1 
ATOM   1194 C CA  . ASN A 1 165 ? 8.731   16.990  -13.392 1.00 12.88 ? 165  ASN A CA  1 
ATOM   1195 C C   . ASN A 1 165 ? 7.259   17.327  -13.626 1.00 14.10 ? 165  ASN A C   1 
ATOM   1196 O O   . ASN A 1 165 ? 6.924   18.202  -14.430 1.00 15.62 ? 165  ASN A O   1 
ATOM   1197 C CB  . ASN A 1 165 ? 9.573   17.469  -14.582 1.00 14.09 ? 165  ASN A CB  1 
ATOM   1198 C CG  . ASN A 1 165 ? 9.631   18.976  -14.678 1.00 14.05 ? 165  ASN A CG  1 
ATOM   1199 O OD1 . ASN A 1 165 ? 9.762   19.662  -13.664 1.00 14.84 ? 165  ASN A OD1 1 
ATOM   1200 N ND2 . ASN A 1 165 ? 9.546   19.503  -15.899 1.00 15.14 ? 165  ASN A ND2 1 
ATOM   1201 N N   . ILE A 1 166 ? 6.383   16.634  -12.906 1.00 13.73 ? 166  ILE A N   1 
ATOM   1202 C CA  . ILE A 1 166 ? 4.947   16.852  -13.021 1.00 14.90 ? 166  ILE A CA  1 
ATOM   1203 C C   . ILE A 1 166 ? 4.401   17.394  -11.706 1.00 16.32 ? 166  ILE A C   1 
ATOM   1204 O O   . ILE A 1 166 ? 4.389   16.700  -10.694 1.00 16.03 ? 166  ILE A O   1 
ATOM   1205 C CB  . ILE A 1 166 ? 4.235   15.529  -13.383 1.00 15.66 ? 166  ILE A CB  1 
ATOM   1206 C CG1 . ILE A 1 166 ? 4.680   15.089  -14.780 1.00 17.37 ? 166  ILE A CG1 1 
ATOM   1207 C CG2 . ILE A 1 166 ? 2.715   15.701  -13.312 1.00 16.32 ? 166  ILE A CG2 1 
ATOM   1208 C CD1 . ILE A 1 166 ? 4.318   13.674  -15.128 1.00 19.94 ? 166  ILE A CD1 1 
ATOM   1209 N N   . PRO A 1 167 ? 3.951   18.657  -11.701 1.00 17.23 ? 167  PRO A N   1 
ATOM   1210 C CA  . PRO A 1 167 ? 3.412   19.249  -10.476 1.00 18.31 ? 167  PRO A CA  1 
ATOM   1211 C C   . PRO A 1 167 ? 2.085   18.614  -10.079 1.00 18.54 ? 167  PRO A C   1 
ATOM   1212 O O   . PRO A 1 167 ? 1.325   18.158  -10.932 1.00 19.45 ? 167  PRO A O   1 
ATOM   1213 C CB  . PRO A 1 167 ? 3.234   20.722  -10.847 1.00 20.23 ? 167  PRO A CB  1 
ATOM   1214 C CG  . PRO A 1 167 ? 4.231   20.934  -11.945 1.00 21.27 ? 167  PRO A CG  1 
ATOM   1215 C CD  . PRO A 1 167 ? 4.092   19.675  -12.756 1.00 20.09 ? 167  PRO A CD  1 
ATOM   1216 N N   . GLU A 1 168 ? 1.807   18.585  -8.783  1.00 18.87 ? 168  GLU A N   1 
ATOM   1217 C CA  . GLU A 1 168 ? 0.546   18.033  -8.315  1.00 19.02 ? 168  GLU A CA  1 
ATOM   1218 C C   . GLU A 1 168 ? -0.533  19.087  -8.500  1.00 19.61 ? 168  GLU A C   1 
ATOM   1219 O O   . GLU A 1 168 ? -0.256  20.288  -8.473  1.00 20.54 ? 168  GLU A O   1 
ATOM   1220 C CB  . GLU A 1 168 ? 0.613   17.682  -6.827  1.00 20.78 ? 168  GLU A CB  1 
ATOM   1221 C CG  . GLU A 1 168 ? 1.539   16.540  -6.460  1.00 21.27 ? 168  GLU A CG  1 
ATOM   1222 C CD  . GLU A 1 168 ? 1.214   15.255  -7.195  1.00 22.23 ? 168  GLU A CD  1 
ATOM   1223 O OE1 . GLU A 1 168 ? 0.029   15.014  -7.509  1.00 23.62 ? 168  GLU A OE1 1 
ATOM   1224 O OE2 . GLU A 1 168 ? 2.152   14.476  -7.448  1.00 21.32 ? 168  GLU A OE2 1 
ATOM   1225 N N   . LYS A 1 169 ? -1.760  18.629  -8.708  1.00 19.57 ? 169  LYS A N   1 
ATOM   1226 C CA  . LYS A 1 169 ? -2.893  19.531  -8.834  1.00 20.99 ? 169  LYS A CA  1 
ATOM   1227 C C   . LYS A 1 169 ? -3.625  19.382  -7.507  1.00 20.56 ? 169  LYS A C   1 
ATOM   1228 O O   . LYS A 1 169 ? -3.747  18.276  -6.977  1.00 19.45 ? 169  LYS A O   1 
ATOM   1229 C CB  . LYS A 1 169 ? -3.775  19.128  -10.016 1.00 23.99 ? 169  LYS A CB  1 
ATOM   1230 C CG  . LYS A 1 169 ? -3.082  19.350  -11.353 1.00 27.65 ? 169  LYS A CG  1 
ATOM   1231 C CD  . LYS A 1 169 ? -3.978  19.032  -12.533 1.00 32.75 ? 169  LYS A CD  1 
ATOM   1232 C CE  . LYS A 1 169 ? -3.312  19.436  -13.840 1.00 34.06 ? 169  LYS A CE  1 
ATOM   1233 N NZ  . LYS A 1 169 ? -2.945  20.882  -13.839 1.00 36.52 ? 169  LYS A NZ  1 
ATOM   1234 N N   . ILE A 1 170 ? -4.083  20.500  -6.959  1.00 20.88 ? 170  ILE A N   1 
ATOM   1235 C CA  . ILE A 1 170 ? -4.757  20.496  -5.668  1.00 22.26 ? 170  ILE A CA  1 
ATOM   1236 C C   . ILE A 1 170 ? -6.197  20.973  -5.784  1.00 23.04 ? 170  ILE A C   1 
ATOM   1237 O O   . ILE A 1 170 ? -6.500  21.866  -6.574  1.00 24.80 ? 170  ILE A O   1 
ATOM   1238 C CB  . ILE A 1 170 ? -4.026  21.426  -4.670  1.00 23.27 ? 170  ILE A CB  1 
ATOM   1239 C CG1 . ILE A 1 170 ? -2.533  21.084  -4.621  1.00 23.52 ? 170  ILE A CG1 1 
ATOM   1240 C CG2 . ILE A 1 170 ? -4.656  21.312  -3.292  1.00 24.74 ? 170  ILE A CG2 1 
ATOM   1241 C CD1 . ILE A 1 170 ? -2.222  19.686  -4.137  1.00 24.34 ? 170  ILE A CD1 1 
ATOM   1242 N N   . TRP A 1 171 ? -7.084  20.378  -4.994  1.00 23.63 ? 171  TRP A N   1 
ATOM   1243 C CA  . TRP A 1 171 ? -8.484  20.782  -5.004  1.00 25.65 ? 171  TRP A CA  1 
ATOM   1244 C C   . TRP A 1 171 ? -8.670  21.948  -4.038  1.00 29.19 ? 171  TRP A C   1 
ATOM   1245 O O   . TRP A 1 171 ? -8.360  21.832  -2.851  1.00 32.27 ? 171  TRP A O   1 
ATOM   1246 C CB  . TRP A 1 171 ? -9.389  19.628  -4.582  1.00 22.78 ? 171  TRP A CB  1 
ATOM   1247 C CG  . TRP A 1 171 ? -10.828 20.036  -4.424  1.00 21.17 ? 171  TRP A CG  1 
ATOM   1248 C CD1 . TRP A 1 171 ? -11.662 20.502  -5.399  1.00 21.21 ? 171  TRP A CD1 1 
ATOM   1249 C CD2 . TRP A 1 171 ? -11.592 20.027  -3.213  1.00 21.45 ? 171  TRP A CD2 1 
ATOM   1250 N NE1 . TRP A 1 171 ? -12.901 20.784  -4.870  1.00 20.96 ? 171  TRP A NE1 1 
ATOM   1251 C CE2 . TRP A 1 171 ? -12.884 20.500  -3.529  1.00 21.19 ? 171  TRP A CE2 1 
ATOM   1252 C CE3 . TRP A 1 171 ? -11.310 19.660  -1.889  1.00 22.84 ? 171  TRP A CE3 1 
ATOM   1253 C CZ2 . TRP A 1 171 ? -13.895 20.619  -2.568  1.00 22.00 ? 171  TRP A CZ2 1 
ATOM   1254 C CZ3 . TRP A 1 171 ? -12.317 19.778  -0.933  1.00 23.51 ? 171  TRP A CZ3 1 
ATOM   1255 C CH2 . TRP A 1 171 ? -13.593 20.253  -1.281  1.00 22.59 ? 171  TRP A CH2 1 
HETATM 1256 O O   . HOH B 2 .   ? 6.637   4.738   -9.798  1.00 13.40 ? 1001 HOH A O   1 
HETATM 1257 O O   . HOH B 2 .   ? 4.362   3.364   -10.724 1.00 12.33 ? 1002 HOH A O   1 
HETATM 1258 O O   . HOH B 2 .   ? 2.494   9.342   -18.004 1.00 21.33 ? 1003 HOH A O   1 
HETATM 1259 O O   . HOH B 2 .   ? 4.449   15.291  -6.451  1.00 16.19 ? 1004 HOH A O   1 
HETATM 1260 O O   . HOH B 2 .   ? 9.885   18.143  -9.805  1.00 20.74 ? 1005 HOH A O   1 
HETATM 1261 O O   . HOH B 2 .   ? -0.353  -7.685  -11.495 1.00 19.80 ? 1006 HOH A O   1 
HETATM 1262 O O   . HOH B 2 .   ? 16.069  4.552   -6.873  1.00 23.67 ? 1007 HOH A O   1 
HETATM 1263 O O   . HOH B 2 .   ? -10.992 2.881   -1.299  1.00 19.71 ? 1008 HOH A O   1 
HETATM 1264 O O   . HOH B 2 .   ? 6.113   -8.312  15.725  1.00 33.50 ? 1009 HOH A O   1 
HETATM 1265 O O   . HOH B 2 .   ? 5.333   -6.398  -11.703 1.00 15.61 ? 1010 HOH A O   1 
HETATM 1266 O O   . HOH B 2 .   ? -2.071  15.879  -8.909  1.00 24.65 ? 1011 HOH A O   1 
HETATM 1267 O O   . HOH B 2 .   ? 7.821   -4.096  4.928   1.00 23.93 ? 1012 HOH A O   1 
HETATM 1268 O O   . HOH B 2 .   ? 10.619  19.212  -7.384  1.00 22.32 ? 1013 HOH A O   1 
HETATM 1269 O O   . HOH B 2 .   ? -6.942  -13.880 11.522  1.00 28.93 ? 1014 HOH A O   1 
HETATM 1270 O O   . HOH B 2 .   ? 13.647  0.974   -1.290  1.00 27.33 ? 1015 HOH A O   1 
HETATM 1271 O O   . HOH B 2 .   ? -6.258  7.249   -4.034  1.00 26.20 ? 1016 HOH A O   1 
HETATM 1272 O O   . HOH B 2 .   ? 5.628   -8.034  -9.630  1.00 19.65 ? 1017 HOH A O   1 
HETATM 1273 O O   . HOH B 2 .   ? -11.282 -8.253  -4.430  1.00 32.65 ? 1018 HOH A O   1 
HETATM 1274 O O   . HOH B 2 .   ? -14.672 22.095  -6.784  1.00 27.81 ? 1019 HOH A O   1 
HETATM 1275 O O   . HOH B 2 .   ? 5.509   17.050  -8.203  1.00 20.62 ? 1020 HOH A O   1 
HETATM 1276 O O   . HOH B 2 .   ? -14.550 -8.147  5.119   1.00 24.69 ? 1021 HOH A O   1 
HETATM 1277 O O   . HOH B 2 .   ? -10.487 -9.149  15.525  1.00 35.75 ? 1022 HOH A O   1 
HETATM 1278 O O   . HOH B 2 .   ? -0.736  -8.215  15.661  1.00 32.96 ? 1023 HOH A O   1 
HETATM 1279 O O   . HOH B 2 .   ? 12.942  7.164   -1.480  1.00 30.68 ? 1024 HOH A O   1 
HETATM 1280 O O   . HOH B 2 .   ? 0.541   -10.180 13.232  1.00 25.78 ? 1025 HOH A O   1 
HETATM 1281 O O   . HOH B 2 .   ? 15.989  0.094   -2.491  1.00 36.82 ? 1026 HOH A O   1 
HETATM 1282 O O   . HOH B 2 .   ? 14.386  4.304   -15.043 1.00 32.67 ? 1027 HOH A O   1 
HETATM 1283 O O   . HOH B 2 .   ? 6.596   3.835   -16.951 1.00 33.61 ? 1028 HOH A O   1 
HETATM 1284 O O   . HOH B 2 .   ? 13.203  6.949   7.948   1.00 27.55 ? 1029 HOH A O   1 
HETATM 1285 O O   . HOH B 2 .   ? -3.688  22.925  -8.314  1.00 30.81 ? 1030 HOH A O   1 
HETATM 1286 O O   . HOH B 2 .   ? -5.566  4.947   5.296   1.00 35.49 ? 1031 HOH A O   1 
HETATM 1287 O O   . HOH B 2 .   ? -2.574  13.675  -16.147 1.00 30.18 ? 1032 HOH A O   1 
HETATM 1288 O O   . HOH B 2 .   ? 9.065   17.884  -18.288 1.00 31.46 ? 1033 HOH A O   1 
HETATM 1289 O O   . HOH B 2 .   ? -8.931  -13.238 -5.195  1.00 36.85 ? 1034 HOH A O   1 
HETATM 1290 O O   . HOH B 2 .   ? -0.994  12.614  -8.228  1.00 28.50 ? 1035 HOH A O   1 
HETATM 1291 O O   . HOH B 2 .   ? 11.006  -8.755  17.161  1.00 30.82 ? 1036 HOH A O   1 
HETATM 1292 O O   . HOH B 2 .   ? 7.492   13.969  -17.472 1.00 30.07 ? 1037 HOH A O   1 
HETATM 1293 O O   . HOH B 2 .   ? -4.659  -12.664 12.180  1.00 30.31 ? 1038 HOH A O   1 
HETATM 1294 O O   . HOH B 2 .   ? 10.074  2.877   11.434  1.00 27.52 ? 1040 HOH A O   1 
HETATM 1295 O O   . HOH B 2 .   ? -14.214 -6.335  -2.448  1.00 30.98 ? 1041 HOH A O   1 
HETATM 1296 O O   . HOH B 2 .   ? -7.998  21.506  -8.862  1.00 32.77 ? 1042 HOH A O   1 
HETATM 1297 O O   . HOH B 2 .   ? -2.312  -0.108  -10.120 1.00 21.41 ? 1043 HOH A O   1 
HETATM 1298 O O   . HOH B 2 .   ? 9.237   -4.393  -14.195 1.00 31.45 ? 1044 HOH A O   1 
HETATM 1299 O O   . HOH B 2 .   ? -3.270  -8.923  17.811  1.00 37.66 ? 1045 HOH A O   1 
HETATM 1300 O O   . HOH B 2 .   ? 4.597   17.143  -4.531  1.00 32.09 ? 1046 HOH A O   1 
HETATM 1301 O O   . HOH B 2 .   ? 5.131   9.308   -17.626 1.00 33.07 ? 1047 HOH A O   1 
HETATM 1302 O O   . HOH B 2 .   ? -15.427 0.429   7.693   1.00 55.71 ? 1048 HOH A O   1 
HETATM 1303 O O   . HOH B 2 .   ? 8.474   -9.045  15.536  1.00 40.98 ? 1049 HOH A O   1 
HETATM 1304 O O   . HOH B 2 .   ? -5.080  -3.060  14.490  1.00 38.09 ? 1050 HOH A O   1 
HETATM 1305 O O   . HOH B 2 .   ? -3.865  15.151  -0.278  1.00 43.87 ? 1051 HOH A O   1 
HETATM 1306 O O   . HOH B 2 .   ? -0.392  5.811   8.279   1.00 39.78 ? 1052 HOH A O   1 
HETATM 1307 O O   . HOH B 2 .   ? 9.430   -7.422  3.879   1.00 34.63 ? 1053 HOH A O   1 
HETATM 1308 O O   . HOH B 2 .   ? 10.290  13.102  7.257   1.00 29.84 ? 1054 HOH A O   1 
HETATM 1309 O O   . HOH B 2 .   ? -2.898  5.478   5.668   1.00 32.08 ? 1055 HOH A O   1 
HETATM 1310 O O   . HOH B 2 .   ? -6.059  -6.132  12.222  1.00 34.10 ? 1056 HOH A O   1 
HETATM 1311 O O   . HOH B 2 .   ? 1.645   20.855  -4.240  1.00 42.98 ? 1057 HOH A O   1 
HETATM 1312 O O   . HOH B 2 .   ? -5.948  12.000  -2.987  1.00 50.36 ? 1058 HOH A O   1 
HETATM 1313 O O   . HOH B 2 .   ? -2.937  7.100   3.452   1.00 43.16 ? 1059 HOH A O   1 
HETATM 1314 O O   . HOH B 2 .   ? 0.577   18.996  -13.370 1.00 34.04 ? 1060 HOH A O   1 
HETATM 1315 O O   . HOH B 2 .   ? -0.334  21.737  -12.982 1.00 50.27 ? 1061 HOH A O   1 
HETATM 1316 O O   . HOH B 2 .   ? 2.521   -3.514  16.388  1.00 40.46 ? 1062 HOH A O   1 
HETATM 1317 O O   . HOH B 2 .   ? 9.874   -9.482  9.692   1.00 38.19 ? 1063 HOH A O   1 
HETATM 1318 O O   . HOH B 2 .   ? -1.213  -15.818 1.409   1.00 38.27 ? 1064 HOH A O   1 
HETATM 1319 O O   . HOH B 2 .   ? -0.499  -14.788 16.185  1.00 36.50 ? 1065 HOH A O   1 
HETATM 1320 O O   . HOH B 2 .   ? 6.234   0.578   17.369  1.00 40.12 ? 1066 HOH A O   1 
HETATM 1321 O O   . HOH B 2 .   ? 6.096   7.385   9.034   1.00 30.63 ? 1067 HOH A O   1 
HETATM 1322 O O   . HOH B 2 .   ? -8.843  -17.066 10.342  1.00 40.77 ? 1068 HOH A O   1 
HETATM 1323 O O   . HOH B 2 .   ? -10.761 -15.011 -1.281  1.00 36.32 ? 1069 HOH A O   1 
HETATM 1324 O O   . HOH B 2 .   ? -1.651  -12.123 -2.656  1.00 35.81 ? 1070 HOH A O   1 
HETATM 1325 O O   . HOH B 2 .   ? 11.726  -4.794  -7.766  1.00 41.41 ? 1071 HOH A O   1 
HETATM 1326 O O   . HOH B 2 .   ? 2.374   2.184   14.787  1.00 49.95 ? 1072 HOH A O   1 
HETATM 1327 O O   . HOH B 2 .   ? -18.847 -6.843  9.937   1.00 35.68 ? 1073 HOH A O   1 
HETATM 1328 O O   . HOH B 2 .   ? -6.703  -13.572 -8.139  1.00 50.40 ? 1074 HOH A O   1 
HETATM 1329 O O   . HOH B 2 .   ? 12.837  18.355  -0.154  1.00 41.40 ? 1075 HOH A O   1 
HETATM 1330 O O   . HOH B 2 .   ? -0.609  15.855  -11.320 1.00 31.29 ? 1076 HOH A O   1 
HETATM 1331 O O   . HOH B 2 .   ? 8.888   -2.763  -16.176 1.00 39.27 ? 1077 HOH A O   1 
HETATM 1332 O O   . HOH B 2 .   ? -0.233  22.436  -10.434 1.00 42.09 ? 1078 HOH A O   1 
HETATM 1333 O O   . HOH B 2 .   ? -3.666  -16.739 2.296   1.00 47.43 ? 1079 HOH A O   1 
HETATM 1334 O O   . HOH B 2 .   ? 3.034   6.106   11.186  1.00 54.80 ? 1080 HOH A O   1 
HETATM 1335 O O   . HOH B 2 .   ? 5.673   18.850  -16.730 1.00 35.72 ? 1081 HOH A O   1 
HETATM 1336 O O   . HOH B 2 .   ? 12.892  13.534  8.118   1.00 56.23 ? 1082 HOH A O   1 
HETATM 1337 O O   . HOH B 2 .   ? -6.867  -9.392  17.907  1.00 48.91 ? 1083 HOH A O   1 
HETATM 1338 O O   . HOH B 2 .   ? 0.222   15.702  -16.469 1.00 44.97 ? 1084 HOH A O   1 
HETATM 1339 O O   . HOH B 2 .   ? 12.596  -5.874  -2.721  1.00 35.28 ? 1085 HOH A O   1 
HETATM 1340 O O   . HOH B 2 .   ? 13.816  9.914   -1.255  1.00 24.01 ? 1086 HOH A O   1 
HETATM 1341 O O   . HOH B 2 .   ? -2.859  -11.142 -6.888  1.00 41.81 ? 1087 HOH A O   1 
HETATM 1342 O O   . HOH B 2 .   ? 9.141   22.299  -9.281  1.00 34.95 ? 1088 HOH A O   1 
HETATM 1343 O O   . HOH B 2 .   ? 3.052   17.498  -2.317  1.00 37.84 ? 1090 HOH A O   1 
HETATM 1344 O O   . HOH B 2 .   ? 12.150  -2.747  9.843   1.00 31.57 ? 1091 HOH A O   1 
HETATM 1345 O O   . HOH B 2 .   ? 15.191  -2.703  -7.838  1.00 43.53 ? 1092 HOH A O   1 
HETATM 1346 O O   . HOH B 2 .   ? 6.665   16.692  5.187   1.00 50.39 ? 1093 HOH A O   1 
HETATM 1347 O O   . HOH B 2 .   ? 9.052   18.814  -3.402  1.00 34.39 ? 1095 HOH A O   1 
HETATM 1348 O O   . HOH B 2 .   ? -16.023 -3.353  4.368   1.00 29.07 ? 1096 HOH A O   1 
HETATM 1349 O O   . HOH B 2 .   ? -11.470 4.143   2.988   1.00 31.12 ? 1097 HOH A O   1 
HETATM 1350 O O   . HOH B 2 .   ? -9.917  2.845   4.741   1.00 38.37 ? 1098 HOH A O   1 
HETATM 1351 O O   . HOH B 2 .   ? 13.319  -4.241  7.965   1.00 44.62 ? 1099 HOH A O   1 
HETATM 1352 O O   . HOH B 2 .   ? 8.687   -7.935  -10.019 1.00 43.09 ? 1100 HOH A O   1 
HETATM 1353 O O   . HOH B 2 .   ? 10.315  -5.162  4.780   1.00 37.81 ? 1101 HOH A O   1 
HETATM 1354 O O   . HOH B 2 .   ? 12.816  -0.050  9.308   1.00 36.27 ? 1102 HOH A O   1 
HETATM 1355 O O   . HOH B 2 .   ? 10.105  -13.755 0.804   1.00 45.33 ? 1103 HOH A O   1 
HETATM 1356 O O   . HOH B 2 .   ? 14.074  2.284   5.043   1.00 41.51 ? 1104 HOH A O   1 
HETATM 1357 O O   . HOH B 2 .   ? 2.948   19.036  -16.224 1.00 46.55 ? 1105 HOH A O   1 
HETATM 1358 O O   . HOH B 2 .   ? -17.139 -0.674  4.707   1.00 48.41 ? 1106 HOH A O   1 
HETATM 1359 O O   . HOH B 2 .   ? 6.845   18.214  -4.387  1.00 45.77 ? 1107 HOH A O   1 
HETATM 1360 O O   . HOH B 2 .   ? 7.240   19.110  -10.600 1.00 36.78 ? 1109 HOH A O   1 
HETATM 1361 O O   . HOH B 2 .   ? 3.538   19.555  -6.745  1.00 30.61 ? 1110 HOH A O   1 
HETATM 1362 O O   . HOH B 2 .   ? 6.910   20.027  -7.334  1.00 32.44 ? 1501 HOH A O   1 
HETATM 1363 O O   . HOH B 2 .   ? -2.077  -13.285 0.183   1.00 26.04 ? 1502 HOH A O   1 
HETATM 1364 O O   . HOH B 2 .   ? 7.474   20.889  -12.549 1.00 38.01 ? 1503 HOH A O   1 
HETATM 1365 O O   . HOH B 2 .   ? 9.968   15.644  6.651   1.00 41.72 ? 1504 HOH A O   1 
HETATM 1366 O O   . HOH B 2 .   ? 9.955   5.828   11.111  1.00 38.20 ? 1505 HOH A O   1 
HETATM 1367 O O   . HOH B 2 .   ? -17.108 -6.939  4.155   1.00 45.04 ? 1506 HOH A O   1 
HETATM 1368 O O   . HOH B 2 .   ? 5.999   10.041  8.591   1.00 40.15 ? 1507 HOH A O   1 
HETATM 1369 O O   . HOH B 2 .   ? -1.433  9.270   3.790   1.00 43.35 ? 1508 HOH A O   1 
HETATM 1370 O O   . HOH B 2 .   ? 0.741   18.871  -2.644  1.00 49.92 ? 1509 HOH A O   1 
HETATM 1371 O O   . HOH B 2 .   ? 11.704  18.245  3.575   1.00 33.25 ? 1510 HOH A O   1 
HETATM 1372 O O   . HOH B 2 .   ? 2.264   12.285  -17.728 1.00 37.63 ? 1511 HOH A O   1 
HETATM 1373 O O   . HOH B 2 .   ? 5.992   -15.283 10.920  1.00 46.23 ? 1512 HOH A O   1 
HETATM 1374 O O   . HOH B 2 .   ? -1.932  -12.898 -5.174  1.00 42.65 ? 1513 HOH A O   1 
HETATM 1375 O O   . HOH B 2 .   ? 12.517  6.061   10.467  1.00 43.58 ? 1514 HOH A O   1 
HETATM 1376 O O   . HOH B 2 .   ? 9.330   -15.213 -1.343  1.00 47.62 ? 1515 HOH A O   1 
HETATM 1377 O O   . HOH B 2 .   ? -4.693  7.319   8.077   1.00 51.38 ? 1516 HOH A O   1 
HETATM 1378 O O   . HOH B 2 .   ? 13.072  12.649  -16.371 1.00 41.22 ? 1517 HOH A O   1 
HETATM 1379 O O   . HOH B 2 .   ? -20.789 -7.090  12.053  1.00 46.80 ? 1518 HOH A O   1 
HETATM 1380 O O   . HOH B 2 .   ? -5.310  -0.108  13.850  1.00 45.68 ? 1519 HOH A O   1 
HETATM 1381 O O   . HOH B 2 .   ? 6.597   -19.554 0.919   1.00 46.70 ? 1520 HOH A O   1 
HETATM 1382 O O   . HOH B 2 .   ? 11.485  -7.558  1.780   1.00 47.61 ? 1521 HOH A O   1 
HETATM 1383 O O   . HOH B 2 .   ? -7.957  -5.105  13.878  1.00 42.54 ? 1522 HOH A O   1 
HETATM 1384 O O   . HOH B 2 .   ? 9.514   1.064   -16.050 1.00 44.35 ? 1523 HOH A O   1 
HETATM 1385 O O   . HOH B 2 .   ? 14.260  6.958   -13.989 1.00 45.61 ? 1524 HOH A O   1 
HETATM 1386 O O   . HOH B 2 .   ? 0.921   21.990  -6.802  1.00 39.21 ? 1525 HOH A O   1 
HETATM 1387 O O   . HOH B 2 .   ? 9.617   24.641  -8.029  1.00 46.28 ? 1526 HOH A O   1 
HETATM 1388 O O   . HOH B 2 .   ? 19.815  2.092   -10.598 1.00 42.03 ? 1527 HOH A O   1 
HETATM 1389 O O   . HOH B 2 .   ? 5.796   15.683  -19.029 1.00 45.77 ? 1528 HOH A O   1 
HETATM 1390 O O   . HOH B 2 .   ? 12.940  2.180   -16.145 1.00 46.27 ? 1529 HOH A O   1 
HETATM 1391 O O   . HOH B 2 .   ? 17.156  -0.894  -12.412 1.00 47.14 ? 1530 HOH A O   1 
HETATM 1392 O O   . HOH B 2 .   ? 18.310  -2.029  -5.691  1.00 45.35 ? 1531 HOH A O   1 
HETATM 1393 O O   . HOH B 2 .   ? 13.772  9.797   7.440   1.00 50.34 ? 1532 HOH A O   1 
HETATM 1394 O O   . HOH B 2 .   ? -7.640  24.380  -5.123  1.00 52.71 ? 1533 HOH A O   1 
HETATM 1395 O O   . HOH B 2 .   ? 2.127   6.402   7.713   1.00 41.78 ? 1534 HOH A O   1 
HETATM 1396 O O   . HOH B 2 .   ? 8.157   -17.389 1.575   1.00 51.43 ? 1536 HOH A O   1 
HETATM 1397 O O   . HOH B 2 .   ? 17.595  -0.603  -0.318  1.00 46.01 ? 1537 HOH A O   1 
HETATM 1398 O O   . HOH B 2 .   ? -8.320  -19.605 11.133  1.00 49.11 ? 1540 HOH A O   1 
HETATM 1399 O O   . HOH B 2 .   ? -19.218 -7.902  7.555   1.00 41.63 ? 1542 HOH A O   1 
HETATM 1400 O O   . HOH B 2 .   ? 9.233   12.426  -18.858 1.00 45.73 ? 1543 HOH A O   1 
HETATM 1401 O O   . HOH B 2 .   ? -1.915  24.990  -3.600  1.00 64.04 ? 1544 HOH A O   1 
HETATM 1402 O O   . HOH B 2 .   ? 13.257  -5.965  -5.279  1.00 46.37 ? 1545 HOH A O   1 
HETATM 1403 O O   . HOH B 2 .   ? 5.419   3.414   -19.313 1.00 50.26 ? 1548 HOH A O   1 
HETATM 1404 O O   . HOH B 2 .   ? 7.191   20.321  -18.352 1.00 45.47 ? 1549 HOH A O   1 
HETATM 1405 O O   . HOH B 2 .   ? -17.165 -0.872  10.621  1.00 52.48 ? 1550 HOH A O   1 
HETATM 1406 O O   . HOH B 2 .   ? 15.567  5.950   -1.262  1.00 43.75 ? 1551 HOH A O   1 
HETATM 1407 O O   . HOH B 2 .   ? 15.529  0.792   3.091   1.00 51.39 ? 1553 HOH A O   1 
HETATM 1408 O O   . HOH B 2 .   ? 2.211   -10.539 15.804  1.00 50.48 ? 1555 HOH A O   1 
HETATM 1409 O O   . HOH B 2 .   ? 15.316  3.087   -0.331  1.00 45.01 ? 1558 HOH A O   1 
HETATM 1410 O O   . HOH B 2 .   ? -13.090 1.701   7.930   1.00 50.83 ? 1559 HOH A O   1 
HETATM 1411 O O   . HOH B 2 .   ? 4.059   13.694  8.583   1.00 51.05 ? 1560 HOH A O   1 
HETATM 1412 O O   . HOH B 2 .   ? 1.141   -1.664  17.884  1.00 49.77 ? 1561 HOH A O   1 
HETATM 1413 O O   . HOH B 2 .   ? -12.133 -15.646 15.962  1.00 45.73 ? 1562 HOH A O   1 
HETATM 1414 O O   . HOH B 2 .   ? 6.753   -10.292 -10.285 1.00 54.79 ? 1563 HOH A O   1 
HETATM 1415 O O   . HOH B 2 .   ? 12.718  -9.142  11.079  1.00 50.63 ? 1565 HOH A O   1 
HETATM 1416 O O   . HOH B 2 .   ? -9.704  -15.776 13.174  1.00 48.62 ? 1566 HOH A O   1 
HETATM 1417 O O   . HOH B 2 .   ? 6.721   -12.550 8.861   1.00 40.10 ? 1568 HOH A O   1 
HETATM 1418 O O   . HOH B 2 .   ? -10.399 -3.736  13.232  1.00 48.45 ? 1569 HOH A O   1 
HETATM 1419 O O   . HOH B 2 .   ? -6.751  1.895   9.591   1.00 48.67 ? 1571 HOH A O   1 
HETATM 1420 O O   . HOH B 2 .   ? -7.443  -17.538 15.556  1.00 55.88 ? 1572 HOH A O   1 
HETATM 1421 O O   . HOH B 2 .   ? 19.798  0.595   -7.022  1.00 51.99 ? 1573 HOH A O   1 
HETATM 1422 O O   . HOH B 2 .   ? 14.504  -1.862  -10.154 1.00 40.44 ? 1574 HOH A O   1 
HETATM 1423 O O   . HOH B 2 .   ? 1.992   23.506  -13.887 1.00 50.32 ? 1575 HOH A O   1 
HETATM 1424 O O   . HOH B 2 .   ? 8.969   -22.118 3.874   1.00 71.35 ? 1576 HOH A O   1 
HETATM 1425 O O   . HOH B 2 .   ? -2.382  24.069  -10.579 1.00 53.75 ? 1580 HOH A O   1 
# 
